data_8W7D
#
_entry.id   8W7D
#
_cell.length_a   93.181
_cell.length_b   114.743
_cell.length_c   203.990
_cell.angle_alpha   90.00
_cell.angle_beta   90.00
_cell.angle_gamma   90.00
#
_symmetry.space_group_name_H-M   'P 21 21 2'
#
loop_
_entity.id
_entity.type
_entity.pdbx_description
1 polymer Amidophosphoribosyltransferase
2 non-polymer '[(1S,3S,6S,7S,8R,9S)-6-[(4-methoxyphenyl)methyl]-3-(methylamino)-7-oxidanyl-5-azatricyclo[6.3.1.0^1,5]dodecan-9-yl] dihydrogen phosphate'
#
_entity_poly.entity_id   1
_entity_poly.type   'polypeptide(L)'
_entity_poly.pdbx_seq_one_letter_code
;MCGIVGIAGVMPVNQSIYDALTVLQHRGQDAAGIITIDANNCFRLRKANGLVSDVFEARHMQRLQGNMGIGHVRYPTAGS
SSASEAQPFYVNSPYGITLAHNGNLTNAHELRKKLFEEKRRHINTTSDSEILLNIFASELDNFRHYPLEADNIFAAIAAT
NRLIRGAYACVAMIIGHGMVAFRDPNGIRPLVLGKRDIDENRTEYMVASESVALDTLGFDFLRDVAPGEAIYITEEGQLF
TRQCADNPVSNPCLFEYVYFARPDSFIDKISVYSARVNMGTKLGEKIAREWEDLDIDVVIPIPETSCDIALEIARILGKP
YRQGFVKNRYVGRTFIMPGQQLRRKSVRRKLNANRAEFRDKNVLLVDDSIVRGTTSEQIIEMAREAGAKKVYLASAAPEI
RFPNVYGIDMPSATELIAHGREVDEIRQIIGADGLIFQDLNDLIDAVRAENPDIQQFECSVFNGVYVTKDVDQGYLDFLD
TLRNDDAKAVQRQNEVENLEMHNEGAAALEHHHHHH
;
_entity_poly.pdbx_strand_id   A,B,C,D
#
# COMPACT_ATOMS: atom_id res chain seq x y z
N CYS A 2 20.22 13.63 -13.94
CA CYS A 2 20.19 12.82 -12.73
C CYS A 2 21.07 13.42 -11.63
N GLY A 3 21.09 12.77 -10.48
CA GLY A 3 21.91 13.23 -9.37
C GLY A 3 22.59 12.09 -8.65
N ILE A 4 23.83 12.32 -8.22
CA ILE A 4 24.57 11.30 -7.48
C ILE A 4 25.26 11.89 -6.26
N VAL A 5 25.59 11.04 -5.29
CA VAL A 5 26.29 11.45 -4.09
C VAL A 5 26.98 10.26 -3.45
N GLY A 6 28.16 10.50 -2.89
CA GLY A 6 28.91 9.44 -2.23
C GLY A 6 29.59 9.96 -0.97
N ILE A 7 29.30 9.31 0.14
CA ILE A 7 29.88 9.73 1.43
C ILE A 7 30.76 8.63 2.01
N ALA A 8 31.96 9.02 2.44
CA ALA A 8 32.86 8.11 3.12
C ALA A 8 33.18 8.67 4.51
N GLY A 9 32.52 8.11 5.53
CA GLY A 9 32.63 8.67 6.87
C GLY A 9 32.95 7.66 7.96
N VAL A 10 32.79 8.09 9.21
CA VAL A 10 33.09 7.27 10.37
C VAL A 10 31.83 7.02 11.19
N MET A 11 30.70 7.53 10.71
CA MET A 11 29.41 7.33 11.35
C MET A 11 28.35 7.00 10.28
N PRO A 12 27.22 6.42 10.71
CA PRO A 12 26.11 6.03 9.83
C PRO A 12 25.78 7.08 8.79
N VAL A 13 25.71 6.68 7.52
CA VAL A 13 25.57 7.64 6.42
C VAL A 13 24.22 7.57 5.72
N ASN A 14 23.33 6.72 6.22
CA ASN A 14 22.01 6.58 5.61
C ASN A 14 21.23 7.89 5.61
N GLN A 15 21.11 8.51 6.78
CA GLN A 15 20.40 9.77 6.91
C GLN A 15 21.11 10.87 6.10
N SER A 16 22.44 10.84 6.12
CA SER A 16 23.24 11.84 5.42
C SER A 16 22.99 11.80 3.91
N ILE A 17 22.87 10.60 3.37
CA ILE A 17 22.62 10.41 1.95
C ILE A 17 21.16 10.75 1.61
N TYR A 18 20.27 10.50 2.57
CA TYR A 18 18.86 10.83 2.39
C TYR A 18 18.70 12.35 2.29
N ASP A 19 19.39 13.06 3.16
CA ASP A 19 19.35 14.52 3.16
C ASP A 19 20.00 15.10 1.91
N ALA A 20 21.06 14.44 1.44
CA ALA A 20 21.77 14.89 0.26
C ALA A 20 20.92 14.72 -0.99
N LEU A 21 20.31 13.56 -1.14
CA LEU A 21 19.46 13.28 -2.30
C LEU A 21 18.28 14.23 -2.37
N THR A 22 17.78 14.65 -1.21
CA THR A 22 16.62 15.54 -1.17
C THR A 22 16.94 16.91 -1.75
N VAL A 23 18.12 17.42 -1.45
CA VAL A 23 18.53 18.73 -1.96
C VAL A 23 19.08 18.62 -3.38
N LEU A 24 19.07 17.40 -3.92
CA LEU A 24 19.44 17.14 -5.30
C LEU A 24 18.25 16.59 -6.06
N GLN A 25 17.11 16.47 -5.37
CA GLN A 25 15.89 15.91 -5.93
C GLN A 25 15.47 16.59 -7.24
N HIS A 26 15.92 17.82 -7.42
CA HIS A 26 15.57 18.59 -8.62
C HIS A 26 16.24 18.03 -9.87
N ARG A 27 17.22 17.15 -9.68
CA ARG A 27 17.98 16.59 -10.80
C ARG A 27 17.31 15.33 -11.33
N GLY A 28 16.23 14.91 -10.68
CA GLY A 28 15.51 13.71 -11.09
C GLY A 28 14.53 13.27 -10.02
N GLN A 29 13.28 13.03 -10.42
CA GLN A 29 12.23 12.68 -9.48
C GLN A 29 11.55 11.36 -9.83
N ASP A 30 12.00 10.71 -10.90
CA ASP A 30 11.36 9.49 -11.38
C ASP A 30 11.66 8.32 -10.44
N ALA A 31 12.91 8.21 -9.98
CA ALA A 31 13.30 7.14 -9.07
C ALA A 31 14.48 7.57 -8.20
N ALA A 32 14.75 6.76 -7.18
CA ALA A 32 15.87 7.01 -6.28
C ALA A 32 16.40 5.71 -5.69
N GLY A 33 17.64 5.73 -5.22
CA GLY A 33 18.24 4.54 -4.64
C GLY A 33 19.45 4.85 -3.80
N ILE A 34 19.57 4.16 -2.67
CA ILE A 34 20.74 4.29 -1.81
C ILE A 34 21.36 2.92 -1.58
N ILE A 35 22.68 2.87 -1.47
CA ILE A 35 23.37 1.62 -1.16
C ILE A 35 24.56 1.88 -0.26
N THR A 36 24.68 1.06 0.79
CA THR A 36 25.76 1.23 1.76
C THR A 36 26.51 -0.09 1.97
N ILE A 37 27.67 0.00 2.62
CA ILE A 37 28.44 -1.18 3.00
C ILE A 37 28.44 -1.29 4.52
N ASP A 38 27.92 -2.40 5.04
CA ASP A 38 27.78 -2.55 6.49
C ASP A 38 29.07 -3.03 7.16
N ALA A 39 28.96 -3.41 8.42
CA ALA A 39 30.10 -3.87 9.19
C ALA A 39 30.64 -5.20 8.66
N ASN A 40 29.76 -6.01 8.09
CA ASN A 40 30.13 -7.31 7.57
C ASN A 40 30.66 -7.23 6.14
N ASN A 41 30.92 -6.01 5.68
CA ASN A 41 31.38 -5.78 4.31
C ASN A 41 30.39 -6.29 3.27
N CYS A 42 29.10 -6.09 3.54
CA CYS A 42 28.05 -6.51 2.62
C CYS A 42 27.28 -5.29 2.11
N PHE A 43 26.66 -5.44 0.94
CA PHE A 43 25.89 -4.36 0.33
C PHE A 43 24.47 -4.32 0.87
N ARG A 44 24.05 -3.15 1.33
CA ARG A 44 22.65 -2.89 1.66
C ARG A 44 22.06 -1.98 0.61
N LEU A 45 20.97 -2.41 -0.02
CA LEU A 45 20.39 -1.65 -1.13
C LEU A 45 18.91 -1.36 -0.97
N ARG A 46 18.52 -0.15 -1.32
CA ARG A 46 17.11 0.23 -1.40
C ARG A 46 16.90 1.16 -2.60
N LYS A 47 16.13 0.71 -3.58
CA LYS A 47 15.85 1.52 -4.74
C LYS A 47 14.48 1.19 -5.34
N ALA A 48 13.79 2.23 -5.78
CA ALA A 48 12.47 2.08 -6.38
C ALA A 48 12.05 3.40 -7.01
N ASN A 49 10.93 3.39 -7.72
CA ASN A 49 10.44 4.59 -8.38
C ASN A 49 9.78 5.56 -7.40
N GLY A 50 9.79 6.84 -7.74
CA GLY A 50 9.18 7.86 -6.89
C GLY A 50 10.19 8.79 -6.26
N LEU A 51 9.70 9.80 -5.54
CA LEU A 51 10.54 10.76 -4.87
C LEU A 51 11.34 10.11 -3.74
N VAL A 52 12.41 10.77 -3.31
CA VAL A 52 13.24 10.27 -2.22
C VAL A 52 12.42 10.03 -0.96
N SER A 53 11.52 10.96 -0.64
CA SER A 53 10.70 10.88 0.55
C SER A 53 9.74 9.69 0.51
N ASP A 54 9.39 9.25 -0.70
CA ASP A 54 8.45 8.14 -0.87
C ASP A 54 9.18 6.80 -0.93
N VAL A 55 10.35 6.80 -1.56
CA VAL A 55 11.12 5.57 -1.76
C VAL A 55 11.72 5.04 -0.46
N PHE A 56 12.02 5.94 0.47
CA PHE A 56 12.73 5.56 1.69
C PHE A 56 11.89 5.75 2.95
N GLU A 57 11.21 4.69 3.38
CA GLU A 57 10.49 4.69 4.64
C GLU A 57 11.40 4.20 5.76
N ALA A 58 10.91 4.26 7.00
CA ALA A 58 11.72 3.94 8.17
C ALA A 58 12.30 2.53 8.13
N ARG A 59 11.52 1.59 7.60
CA ARG A 59 11.94 0.19 7.57
C ARG A 59 13.10 -0.03 6.59
N HIS A 60 13.17 0.82 5.56
CA HIS A 60 14.26 0.75 4.60
C HIS A 60 15.51 1.42 5.17
N MET A 61 15.31 2.43 6.01
CA MET A 61 16.42 3.20 6.56
C MET A 61 17.21 2.41 7.61
N GLN A 62 16.53 1.52 8.33
CA GLN A 62 17.18 0.72 9.36
C GLN A 62 18.07 -0.37 8.75
N ARG A 63 17.78 -0.73 7.50
CA ARG A 63 18.55 -1.77 6.82
C ARG A 63 19.76 -1.17 6.10
N LEU A 64 19.72 0.13 5.88
CA LEU A 64 20.81 0.82 5.20
C LEU A 64 21.93 1.20 6.18
N GLN A 65 22.50 0.19 6.82
CA GLN A 65 23.55 0.40 7.81
C GLN A 65 24.92 0.52 7.15
N GLY A 66 25.86 1.18 7.83
CA GLY A 66 27.19 1.38 7.30
C GLY A 66 27.69 2.80 7.49
N ASN A 67 28.98 3.01 7.25
CA ASN A 67 29.59 4.33 7.36
C ASN A 67 30.05 4.86 6.01
N MET A 68 29.70 4.13 4.95
CA MET A 68 30.05 4.51 3.59
C MET A 68 28.95 4.09 2.64
N GLY A 69 28.60 4.96 1.70
CA GLY A 69 27.57 4.64 0.74
C GLY A 69 27.43 5.66 -0.38
N ILE A 70 26.55 5.35 -1.32
CA ILE A 70 26.28 6.26 -2.43
C ILE A 70 24.78 6.31 -2.71
N GLY A 71 24.33 7.42 -3.28
CA GLY A 71 22.92 7.59 -3.60
C GLY A 71 22.71 8.04 -5.03
N HIS A 72 21.45 8.02 -5.47
CA HIS A 72 21.14 8.40 -6.84
C HIS A 72 19.68 8.80 -7.02
N VAL A 73 19.47 9.86 -7.79
CA VAL A 73 18.13 10.26 -8.21
C VAL A 73 18.08 10.31 -9.73
N ARG A 74 17.05 9.69 -10.31
CA ARG A 74 16.94 9.57 -11.75
C ARG A 74 15.76 10.35 -12.31
N TYR A 75 15.96 10.97 -13.47
CA TYR A 75 14.84 11.60 -14.17
C TYR A 75 14.11 10.56 -15.01
N PRO A 76 12.87 10.88 -15.43
CA PRO A 76 12.00 9.94 -16.15
C PRO A 76 12.63 9.37 -17.41
N THR A 77 12.54 8.06 -17.58
CA THR A 77 13.06 7.38 -18.76
C THR A 77 12.09 7.50 -19.94
N SER A 81 10.37 1.50 -15.88
CA SER A 81 9.79 0.16 -15.95
C SER A 81 9.80 -0.52 -14.58
N SER A 82 10.80 -1.38 -14.36
CA SER A 82 10.91 -2.10 -13.10
C SER A 82 11.78 -1.33 -12.09
N ALA A 83 11.78 -1.79 -10.85
CA ALA A 83 12.59 -1.18 -9.81
C ALA A 83 14.07 -1.52 -10.00
N SER A 84 14.34 -2.60 -10.73
CA SER A 84 15.69 -3.04 -11.00
C SER A 84 16.32 -2.23 -12.13
N GLU A 85 15.52 -1.35 -12.73
CA GLU A 85 15.99 -0.49 -13.81
C GLU A 85 16.48 0.85 -13.26
N ALA A 86 16.35 1.03 -11.94
CA ALA A 86 16.85 2.22 -11.28
C ALA A 86 18.28 2.00 -10.76
N GLN A 87 18.91 3.06 -10.30
CA GLN A 87 20.28 2.98 -9.80
C GLN A 87 20.29 3.11 -8.29
N PRO A 88 21.43 2.74 -7.66
CA PRO A 88 22.62 2.25 -8.36
C PRO A 88 22.49 0.78 -8.76
N PHE A 89 23.42 0.31 -9.60
CA PHE A 89 23.47 -1.10 -9.96
C PHE A 89 24.58 -1.79 -9.17
N TYR A 90 24.68 -3.11 -9.32
CA TYR A 90 25.61 -3.88 -8.50
C TYR A 90 26.00 -5.21 -9.12
N VAL A 91 27.28 -5.55 -9.02
CA VAL A 91 27.78 -6.84 -9.48
C VAL A 91 28.60 -7.50 -8.38
N ASN A 92 28.44 -8.82 -8.24
CA ASN A 92 29.09 -9.55 -7.15
C ASN A 92 30.53 -9.95 -7.47
N SER A 93 30.91 -9.84 -8.74
CA SER A 93 32.26 -10.22 -9.15
C SER A 93 32.80 -9.28 -10.21
N PRO A 94 34.06 -8.85 -10.05
CA PRO A 94 34.89 -9.28 -8.92
C PRO A 94 34.70 -8.40 -7.68
N TYR A 95 35.04 -8.96 -6.51
CA TYR A 95 35.06 -8.21 -5.25
C TYR A 95 33.68 -7.79 -4.78
N GLY A 96 32.87 -7.27 -5.70
CA GLY A 96 31.58 -6.69 -5.37
C GLY A 96 31.63 -5.20 -5.61
N ILE A 97 31.03 -4.77 -6.72
CA ILE A 97 31.10 -3.37 -7.13
C ILE A 97 29.71 -2.78 -7.35
N THR A 98 29.49 -1.57 -6.83
CA THR A 98 28.28 -0.82 -7.12
C THR A 98 28.67 0.52 -7.73
N LEU A 99 27.77 1.09 -8.53
CA LEU A 99 28.06 2.35 -9.21
C LEU A 99 26.78 3.12 -9.54
N ALA A 100 26.83 4.42 -9.30
CA ALA A 100 25.74 5.32 -9.69
C ALA A 100 26.27 6.31 -10.73
N HIS A 101 25.44 6.67 -11.69
CA HIS A 101 25.91 7.45 -12.84
C HIS A 101 24.97 8.57 -13.27
N ASN A 102 25.55 9.72 -13.59
CA ASN A 102 24.80 10.84 -14.16
C ASN A 102 25.40 11.26 -15.50
N GLY A 103 24.66 10.99 -16.58
CA GLY A 103 25.12 11.33 -17.91
C GLY A 103 24.54 10.40 -18.97
N ASN A 104 25.33 10.14 -20.02
CA ASN A 104 24.87 9.30 -21.12
C ASN A 104 26.03 8.79 -21.97
N LEU A 105 25.99 7.50 -22.29
CA LEU A 105 27.03 6.89 -23.13
C LEU A 105 26.60 6.85 -24.60
N THR A 106 27.42 7.43 -25.46
CA THR A 106 27.09 7.54 -26.88
C THR A 106 27.45 6.27 -27.67
N ASN A 107 28.12 5.33 -27.01
CA ASN A 107 28.48 4.08 -27.66
C ASN A 107 28.04 2.88 -26.82
N ALA A 108 26.82 2.95 -26.29
CA ALA A 108 26.29 1.90 -25.42
C ALA A 108 26.12 0.57 -26.15
N HIS A 109 25.75 0.65 -27.43
CA HIS A 109 25.51 -0.56 -28.23
C HIS A 109 26.78 -1.39 -28.39
N GLU A 110 27.85 -0.76 -28.86
CA GLU A 110 29.09 -1.47 -29.13
C GLU A 110 29.70 -1.97 -27.83
N LEU A 111 29.40 -1.28 -26.73
CA LEU A 111 29.88 -1.69 -25.42
C LEU A 111 29.11 -2.89 -24.91
N ARG A 112 27.82 -2.96 -25.25
CA ARG A 112 27.00 -4.09 -24.86
C ARG A 112 27.49 -5.37 -25.54
N LYS A 113 27.97 -5.23 -26.77
CA LYS A 113 28.47 -6.36 -27.54
C LYS A 113 29.81 -6.86 -27.04
N LYS A 114 30.75 -5.93 -26.83
CA LYS A 114 32.09 -6.29 -26.35
C LYS A 114 32.02 -7.02 -25.01
N LEU A 115 31.19 -6.50 -24.11
CA LEU A 115 30.97 -7.11 -22.82
C LEU A 115 30.48 -8.55 -22.94
N PHE A 116 29.60 -8.79 -23.91
CA PHE A 116 29.03 -10.12 -24.11
C PHE A 116 29.98 -11.03 -24.88
N GLU A 117 30.51 -10.54 -25.99
CA GLU A 117 31.34 -11.36 -26.88
C GLU A 117 32.73 -11.64 -26.31
N GLU A 118 33.26 -10.71 -25.53
CA GLU A 118 34.63 -10.81 -25.05
C GLU A 118 34.74 -11.24 -23.59
N LYS A 119 33.72 -10.92 -22.79
CA LYS A 119 33.77 -11.15 -21.35
C LYS A 119 32.60 -11.98 -20.85
N ARG A 120 31.66 -12.26 -21.74
CA ARG A 120 30.47 -13.05 -21.40
C ARG A 120 29.69 -12.43 -20.25
N ARG A 121 29.66 -11.10 -20.21
CA ARG A 121 28.91 -10.39 -19.17
C ARG A 121 27.58 -9.89 -19.71
N HIS A 122 26.49 -10.34 -19.10
CA HIS A 122 25.14 -10.02 -19.57
C HIS A 122 24.63 -8.68 -19.03
N ILE A 123 24.01 -7.91 -19.92
CA ILE A 123 23.35 -6.67 -19.53
C ILE A 123 21.84 -6.86 -19.59
N ASN A 124 21.16 -6.56 -18.48
CA ASN A 124 19.74 -6.89 -18.34
C ASN A 124 18.81 -5.68 -18.53
N THR A 125 19.35 -4.47 -18.40
CA THR A 125 18.53 -3.26 -18.51
C THR A 125 18.90 -2.42 -19.73
N THR A 126 18.30 -1.24 -19.82
CA THR A 126 18.60 -0.31 -20.91
C THR A 126 19.47 0.83 -20.39
N SER A 127 19.66 0.87 -19.08
CA SER A 127 20.55 1.84 -18.45
C SER A 127 22.00 1.57 -18.82
N ASP A 128 22.71 2.61 -19.26
CA ASP A 128 24.12 2.48 -19.58
C ASP A 128 24.97 2.67 -18.32
N SER A 129 24.28 2.82 -17.19
CA SER A 129 24.94 2.83 -15.90
C SER A 129 25.42 1.42 -15.58
N GLU A 130 24.57 0.44 -15.86
CA GLU A 130 24.91 -0.97 -15.73
C GLU A 130 26.07 -1.32 -16.66
N ILE A 131 26.06 -0.73 -17.86
CA ILE A 131 27.15 -0.89 -18.81
C ILE A 131 28.45 -0.34 -18.24
N LEU A 132 28.37 0.87 -17.71
CA LEU A 132 29.54 1.54 -17.14
C LEU A 132 30.08 0.76 -15.94
N LEU A 133 29.19 0.10 -15.19
CA LEU A 133 29.60 -0.70 -14.05
C LEU A 133 30.33 -1.97 -14.47
N ASN A 134 29.87 -2.58 -15.57
CA ASN A 134 30.47 -3.81 -16.07
C ASN A 134 31.79 -3.58 -16.81
N ILE A 135 31.91 -2.43 -17.46
CA ILE A 135 33.17 -2.07 -18.10
C ILE A 135 34.26 -1.93 -17.04
N PHE A 136 33.96 -1.17 -16.00
CA PHE A 136 34.89 -0.92 -14.92
C PHE A 136 35.21 -2.20 -14.15
N ALA A 137 34.26 -3.13 -14.13
CA ALA A 137 34.41 -4.38 -13.41
C ALA A 137 35.33 -5.35 -14.15
N SER A 138 35.15 -5.44 -15.47
CA SER A 138 35.94 -6.37 -16.28
C SER A 138 37.40 -5.93 -16.35
N GLU A 139 37.63 -4.64 -16.20
CA GLU A 139 38.98 -4.10 -16.15
C GLU A 139 39.64 -4.48 -14.83
N LEU A 140 38.89 -4.35 -13.74
CA LEU A 140 39.36 -4.75 -12.42
C LEU A 140 39.53 -6.27 -12.36
N ASP A 141 38.97 -6.96 -13.34
CA ASP A 141 39.03 -8.42 -13.40
C ASP A 141 40.35 -8.91 -13.98
N ASN A 142 41.15 -7.98 -14.51
CA ASN A 142 42.43 -8.32 -15.12
C ASN A 142 43.52 -8.53 -14.08
N PHE A 143 43.31 -7.99 -12.88
CA PHE A 143 44.28 -8.14 -11.80
C PHE A 143 44.05 -9.45 -11.04
N ARG A 144 45.12 -10.02 -10.50
CA ARG A 144 45.04 -11.33 -9.85
C ARG A 144 45.53 -11.32 -8.42
N HIS A 145 45.63 -10.13 -7.83
CA HIS A 145 46.09 -9.98 -6.46
C HIS A 145 45.01 -9.37 -5.57
N TYR A 146 45.32 -9.24 -4.28
CA TYR A 146 44.37 -8.69 -3.32
C TYR A 146 45.06 -8.30 -2.03
N PRO A 147 44.74 -7.11 -1.52
CA PRO A 147 43.77 -6.20 -2.15
C PRO A 147 44.39 -5.41 -3.31
N LEU A 148 43.55 -4.74 -4.09
CA LEU A 148 44.03 -3.86 -5.14
C LEU A 148 44.66 -2.62 -4.52
N GLU A 149 45.66 -2.06 -5.20
CA GLU A 149 46.26 -0.82 -4.77
C GLU A 149 45.57 0.34 -5.47
N ALA A 150 45.67 1.54 -4.89
CA ALA A 150 45.06 2.72 -5.48
C ALA A 150 45.49 2.89 -6.93
N ASP A 151 46.72 2.50 -7.21
CA ASP A 151 47.28 2.57 -8.55
C ASP A 151 46.56 1.62 -9.50
N ASN A 152 46.22 0.44 -9.00
CA ASN A 152 45.49 -0.56 -9.79
C ASN A 152 44.11 -0.05 -10.22
N ILE A 153 43.40 0.54 -9.26
CA ILE A 153 42.06 1.07 -9.50
C ILE A 153 42.06 2.20 -10.53
N PHE A 154 42.97 3.15 -10.36
CA PHE A 154 43.11 4.28 -11.28
C PHE A 154 43.38 3.81 -12.70
N ALA A 155 44.19 2.76 -12.81
CA ALA A 155 44.51 2.17 -14.10
C ALA A 155 43.26 1.61 -14.78
N ALA A 156 42.38 1.02 -13.99
CA ALA A 156 41.14 0.46 -14.49
C ALA A 156 40.23 1.57 -15.03
N ILE A 157 40.15 2.67 -14.31
CA ILE A 157 39.33 3.81 -14.72
C ILE A 157 39.87 4.43 -16.01
N ALA A 158 41.19 4.44 -16.15
CA ALA A 158 41.83 4.96 -17.35
C ALA A 158 41.45 4.13 -18.56
N ALA A 159 41.55 2.82 -18.43
CA ALA A 159 41.18 1.91 -19.50
C ALA A 159 39.69 2.03 -19.81
N THR A 160 38.90 2.27 -18.78
CA THR A 160 37.47 2.50 -18.94
C THR A 160 37.20 3.73 -19.80
N ASN A 161 37.91 4.82 -19.51
CA ASN A 161 37.75 6.07 -20.25
C ASN A 161 38.09 5.95 -21.73
N ARG A 162 39.04 5.09 -22.05
CA ARG A 162 39.45 4.88 -23.43
C ARG A 162 38.44 4.00 -24.17
N LEU A 163 37.61 3.30 -23.41
CA LEU A 163 36.59 2.44 -23.99
C LEU A 163 35.28 3.20 -24.24
N ILE A 164 34.76 3.82 -23.19
CA ILE A 164 33.45 4.48 -23.26
C ILE A 164 33.54 5.89 -23.86
N ARG A 165 32.40 6.35 -24.37
CA ARG A 165 32.30 7.68 -24.97
C ARG A 165 31.04 8.39 -24.49
N GLY A 166 31.13 9.72 -24.33
CA GLY A 166 29.98 10.50 -23.93
C GLY A 166 30.26 11.40 -22.74
N ALA A 167 29.24 11.58 -21.91
CA ALA A 167 29.37 12.38 -20.69
C ALA A 167 29.05 11.53 -19.47
N TYR A 168 29.76 11.77 -18.38
CA TYR A 168 29.51 11.02 -17.15
C TYR A 168 30.21 11.58 -15.91
N ALA A 169 29.49 11.58 -14.81
CA ALA A 169 30.05 11.80 -13.49
C ALA A 169 29.62 10.64 -12.61
N CYS A 170 30.58 9.85 -12.14
CA CYS A 170 30.25 8.61 -11.46
C CYS A 170 30.75 8.57 -10.02
N VAL A 171 30.10 7.73 -9.21
CA VAL A 171 30.58 7.37 -7.89
C VAL A 171 30.36 5.88 -7.70
N ALA A 172 31.37 5.18 -7.19
CA ALA A 172 31.28 3.74 -7.07
C ALA A 172 31.91 3.24 -5.76
N MET A 173 31.59 2.01 -5.41
CA MET A 173 32.17 1.40 -4.22
C MET A 173 32.64 -0.02 -4.52
N ILE A 174 33.77 -0.38 -3.95
CA ILE A 174 34.33 -1.72 -4.11
C ILE A 174 34.52 -2.34 -2.74
N ILE A 175 33.90 -3.50 -2.52
CA ILE A 175 33.98 -4.19 -1.24
C ILE A 175 35.42 -4.37 -0.78
N GLY A 176 35.69 -4.00 0.47
CA GLY A 176 37.01 -4.17 1.04
C GLY A 176 38.07 -3.22 0.49
N HIS A 177 37.62 -2.14 -0.14
CA HIS A 177 38.54 -1.16 -0.69
C HIS A 177 38.14 0.27 -0.33
N GLY A 178 37.00 0.73 -0.84
CA GLY A 178 36.52 2.07 -0.55
C GLY A 178 35.72 2.70 -1.68
N MET A 179 35.56 4.02 -1.61
CA MET A 179 34.73 4.74 -2.57
C MET A 179 35.54 5.28 -3.74
N VAL A 180 35.05 5.03 -4.95
CA VAL A 180 35.67 5.58 -6.15
C VAL A 180 34.73 6.58 -6.82
N ALA A 181 35.30 7.62 -7.41
CA ALA A 181 34.52 8.63 -8.10
C ALA A 181 35.35 9.24 -9.22
N PHE A 182 34.72 9.47 -10.37
CA PHE A 182 35.44 10.05 -11.50
C PHE A 182 34.52 10.83 -12.43
N ARG A 183 35.14 11.54 -13.37
CA ARG A 183 34.45 12.46 -14.25
C ARG A 183 34.95 12.25 -15.68
N ASP A 184 34.10 12.52 -16.67
CA ASP A 184 34.47 12.31 -18.06
C ASP A 184 35.59 13.27 -18.47
N PRO A 185 36.27 12.96 -19.59
CA PRO A 185 37.41 13.74 -20.08
C PRO A 185 37.06 15.18 -20.44
N ASN A 186 35.79 15.44 -20.70
CA ASN A 186 35.35 16.77 -21.12
C ASN A 186 34.73 17.59 -19.99
N GLY A 187 34.62 16.98 -18.81
CA GLY A 187 34.05 17.66 -17.66
C GLY A 187 32.67 18.22 -17.92
N ILE A 188 31.84 17.44 -18.60
CA ILE A 188 30.50 17.88 -18.97
C ILE A 188 29.55 17.82 -17.78
N ARG A 189 29.39 16.62 -17.21
CA ARG A 189 28.58 16.45 -16.00
C ARG A 189 29.36 16.93 -14.78
N PRO A 190 28.68 17.65 -13.88
CA PRO A 190 29.31 18.26 -12.71
C PRO A 190 29.59 17.27 -11.59
N LEU A 191 30.63 17.54 -10.79
CA LEU A 191 30.97 16.72 -9.65
C LEU A 191 31.92 17.49 -8.72
N VAL A 192 31.59 17.51 -7.44
CA VAL A 192 32.38 18.28 -6.47
C VAL A 192 32.86 17.41 -5.31
N LEU A 193 34.01 17.77 -4.75
CA LEU A 193 34.59 17.03 -3.63
C LEU A 193 34.57 17.87 -2.36
N GLY A 194 34.23 17.25 -1.24
CA GLY A 194 34.16 17.94 0.03
C GLY A 194 34.68 17.13 1.20
N LYS A 195 34.95 17.79 2.32
CA LYS A 195 35.47 17.12 3.50
C LYS A 195 34.70 17.52 4.75
N ARG A 196 34.85 16.71 5.80
CA ARG A 196 34.32 17.04 7.11
C ARG A 196 35.23 16.50 8.20
N ASP A 197 35.74 17.38 9.06
CA ASP A 197 36.60 16.99 10.16
C ASP A 197 35.81 16.86 11.45
N ILE A 198 35.64 15.63 11.93
CA ILE A 198 34.90 15.38 13.16
C ILE A 198 35.80 15.47 14.39
N ASP A 199 37.09 15.26 14.19
CA ASP A 199 38.08 15.48 15.26
C ASP A 199 39.45 15.80 14.68
N ARG A 202 40.48 12.13 12.25
CA ARG A 202 39.59 11.50 11.29
C ARG A 202 38.90 12.52 10.39
N THR A 203 38.88 12.23 9.09
CA THR A 203 38.25 13.12 8.13
C THR A 203 37.29 12.36 7.21
N GLU A 204 36.07 12.86 7.11
CA GLU A 204 35.09 12.27 6.21
C GLU A 204 35.15 12.94 4.84
N TYR A 205 34.81 12.20 3.79
CA TYR A 205 34.81 12.75 2.44
C TYR A 205 33.51 12.44 1.72
N MET A 206 33.04 13.38 0.90
CA MET A 206 31.87 13.16 0.09
C MET A 206 32.04 13.78 -1.29
N VAL A 207 31.28 13.27 -2.25
CA VAL A 207 31.21 13.85 -3.58
C VAL A 207 29.76 13.91 -4.00
N ALA A 208 29.42 14.91 -4.81
CA ALA A 208 28.04 15.07 -5.27
C ALA A 208 27.99 15.88 -6.56
N SER A 209 26.82 15.88 -7.20
CA SER A 209 26.65 16.60 -8.45
C SER A 209 26.75 18.12 -8.24
N GLU A 210 26.20 18.60 -7.13
CA GLU A 210 26.22 20.02 -6.82
C GLU A 210 26.75 20.27 -5.41
N SER A 211 27.26 21.48 -5.19
CA SER A 211 27.86 21.83 -3.91
C SER A 211 26.83 21.95 -2.81
N VAL A 212 25.57 22.17 -3.18
CA VAL A 212 24.49 22.32 -2.22
C VAL A 212 24.36 21.10 -1.31
N ALA A 213 24.67 19.93 -1.85
CA ALA A 213 24.66 18.70 -1.07
C ALA A 213 25.69 18.76 0.05
N LEU A 214 26.85 19.32 -0.26
CA LEU A 214 27.91 19.48 0.72
C LEU A 214 27.49 20.48 1.80
N ASP A 215 26.87 21.58 1.38
CA ASP A 215 26.42 22.61 2.30
C ASP A 215 25.39 22.08 3.31
N THR A 216 24.38 21.38 2.81
CA THR A 216 23.28 20.91 3.64
C THR A 216 23.72 19.89 4.69
N LEU A 217 24.88 19.28 4.47
CA LEU A 217 25.38 18.27 5.40
C LEU A 217 26.51 18.80 6.27
N GLY A 218 26.96 20.02 5.98
CA GLY A 218 27.99 20.65 6.78
C GLY A 218 29.40 20.24 6.38
N PHE A 219 29.56 19.79 5.15
CA PHE A 219 30.88 19.45 4.62
C PHE A 219 31.57 20.69 4.05
N ASP A 220 32.87 20.80 4.29
CA ASP A 220 33.65 21.90 3.75
C ASP A 220 33.93 21.66 2.27
N PHE A 221 33.83 22.71 1.46
CA PHE A 221 34.05 22.59 0.03
C PHE A 221 35.54 22.66 -0.30
N LEU A 222 36.02 21.66 -1.03
CA LEU A 222 37.42 21.63 -1.46
C LEU A 222 37.56 22.13 -2.89
N ARG A 223 37.06 21.36 -3.85
CA ARG A 223 37.12 21.75 -5.25
C ARG A 223 36.20 20.91 -6.13
N ASP A 224 36.09 21.30 -7.40
CA ASP A 224 35.42 20.45 -8.38
C ASP A 224 36.37 19.32 -8.76
N VAL A 225 35.81 18.14 -8.98
CA VAL A 225 36.61 17.04 -9.52
C VAL A 225 37.01 17.41 -10.95
N ALA A 226 38.31 17.40 -11.21
CA ALA A 226 38.82 17.83 -12.51
C ALA A 226 38.37 16.90 -13.61
N PRO A 227 38.21 17.44 -14.83
CA PRO A 227 37.86 16.66 -16.02
C PRO A 227 38.84 15.51 -16.25
N GLY A 228 38.34 14.29 -16.27
CA GLY A 228 39.18 13.11 -16.47
C GLY A 228 39.83 12.61 -15.20
N GLU A 229 39.66 13.35 -14.11
CA GLU A 229 40.26 12.97 -12.83
C GLU A 229 39.43 11.89 -12.13
N ALA A 230 40.07 11.17 -11.22
CA ALA A 230 39.38 10.14 -10.44
C ALA A 230 39.68 10.33 -8.95
N ILE A 231 38.78 9.85 -8.10
CA ILE A 231 38.96 9.96 -6.66
C ILE A 231 38.86 8.58 -6.00
N TYR A 232 39.76 8.32 -5.06
CA TYR A 232 39.75 7.05 -4.32
C TYR A 232 39.88 7.28 -2.82
N ILE A 233 38.88 6.84 -2.07
CA ILE A 233 38.88 6.98 -0.62
C ILE A 233 38.74 5.60 0.02
N THR A 234 39.75 5.20 0.79
CA THR A 234 39.79 3.86 1.38
C THR A 234 38.88 3.76 2.61
N GLU A 235 38.72 2.54 3.10
CA GLU A 235 37.90 2.28 4.28
C GLU A 235 38.50 2.93 5.52
N GLU A 236 39.79 3.27 5.45
CA GLU A 236 40.51 3.83 6.57
C GLU A 236 40.54 5.36 6.51
N GLY A 237 40.10 5.91 5.39
CA GLY A 237 40.00 7.36 5.25
C GLY A 237 41.15 8.04 4.56
N GLN A 238 41.85 7.31 3.68
CA GLN A 238 42.97 7.89 2.94
C GLN A 238 42.51 8.31 1.54
N LEU A 239 42.90 9.52 1.14
CA LEU A 239 42.46 10.07 -0.15
C LEU A 239 43.52 9.99 -1.24
N PHE A 240 43.11 9.47 -2.39
CA PHE A 240 43.96 9.48 -3.57
C PHE A 240 43.27 10.21 -4.72
N THR A 241 44.06 10.90 -5.54
CA THR A 241 43.55 11.54 -6.74
C THR A 241 44.50 11.24 -7.91
N ARG A 242 43.93 11.07 -9.09
CA ARG A 242 44.73 10.76 -10.27
C ARG A 242 44.04 11.20 -11.56
N GLN A 243 44.83 11.61 -12.54
CA GLN A 243 44.30 11.96 -13.85
C GLN A 243 44.23 10.71 -14.75
N CYS A 244 43.01 10.32 -15.12
CA CYS A 244 42.81 9.07 -15.85
C CYS A 244 42.35 9.30 -17.28
N ALA A 245 42.42 10.55 -17.73
CA ALA A 245 42.13 10.89 -19.11
C ALA A 245 43.40 11.40 -19.79
N ASP A 246 43.57 11.07 -21.06
CA ASP A 246 44.78 11.44 -21.79
C ASP A 246 44.77 12.90 -22.23
N ASN A 247 43.62 13.38 -22.68
CA ASN A 247 43.50 14.77 -23.12
C ASN A 247 42.34 15.48 -22.45
N PRO A 248 42.41 15.62 -21.11
CA PRO A 248 41.33 16.22 -20.33
C PRO A 248 41.11 17.70 -20.66
N VAL A 249 39.84 18.11 -20.68
CA VAL A 249 39.48 19.48 -20.98
C VAL A 249 38.20 19.86 -20.25
N SER A 250 38.04 21.14 -19.94
CA SER A 250 36.87 21.62 -19.22
C SER A 250 35.80 22.16 -20.17
N ASN A 251 34.81 21.32 -20.46
CA ASN A 251 33.66 21.72 -21.25
C ASN A 251 32.37 21.51 -20.47
N PRO A 252 32.20 22.24 -19.37
CA PRO A 252 31.05 22.11 -18.48
C PRO A 252 29.72 22.31 -19.21
N CYS A 253 28.72 21.52 -18.86
CA CYS A 253 27.40 21.64 -19.48
C CYS A 253 26.85 23.06 -19.26
N LEU A 254 26.63 23.77 -20.35
CA LEU A 254 26.19 25.15 -20.28
C LEU A 254 24.76 25.28 -19.73
N PHE A 255 24.00 24.20 -19.84
CA PHE A 255 22.59 24.25 -19.44
C PHE A 255 22.43 24.04 -17.94
N GLU A 256 23.47 23.53 -17.28
CA GLU A 256 23.48 23.45 -15.83
C GLU A 256 23.28 24.84 -15.25
N TYR A 257 24.00 25.81 -15.80
CA TYR A 257 23.94 27.19 -15.34
C TYR A 257 22.61 27.86 -15.70
N VAL A 258 22.06 27.49 -16.85
CA VAL A 258 20.84 28.09 -17.34
C VAL A 258 19.61 27.70 -16.51
N TYR A 259 19.40 26.39 -16.33
CA TYR A 259 18.18 25.90 -15.69
C TYR A 259 18.38 24.83 -14.64
N PHE A 260 19.06 23.74 -15.00
CA PHE A 260 19.07 22.52 -14.19
C PHE A 260 19.71 22.66 -12.81
N ALA A 261 20.83 23.38 -12.72
CA ALA A 261 21.52 23.51 -11.44
C ALA A 261 20.78 24.43 -10.47
N ARG A 262 20.91 24.12 -9.18
CA ARG A 262 20.39 24.97 -8.11
C ARG A 262 21.12 26.31 -8.14
N PRO A 263 20.41 27.41 -7.83
CA PRO A 263 21.03 28.74 -7.87
C PRO A 263 22.14 28.94 -6.85
N ASP A 264 22.07 28.22 -5.73
CA ASP A 264 23.06 28.36 -4.67
C ASP A 264 24.20 27.34 -4.80
N SER A 265 24.40 26.83 -6.01
CA SER A 265 25.50 25.90 -6.27
C SER A 265 26.65 26.59 -6.99
N PHE A 266 27.86 26.11 -6.75
CA PHE A 266 29.05 26.64 -7.41
C PHE A 266 29.66 25.56 -8.30
N ILE A 267 29.35 25.61 -9.59
CA ILE A 267 29.81 24.61 -10.53
C ILE A 267 31.00 25.10 -11.34
N ASP A 268 32.16 24.51 -11.10
CA ASP A 268 33.40 24.93 -11.74
C ASP A 268 33.73 26.39 -11.42
N LYS A 269 33.69 26.71 -10.14
CA LYS A 269 34.02 28.05 -9.67
C LYS A 269 33.09 29.13 -10.21
N ILE A 270 31.91 28.70 -10.67
CA ILE A 270 30.92 29.64 -11.17
C ILE A 270 29.63 29.57 -10.36
N SER A 271 29.27 30.67 -9.72
CA SER A 271 28.02 30.77 -8.98
C SER A 271 26.85 30.78 -9.96
N VAL A 272 26.02 29.75 -9.89
CA VAL A 272 24.87 29.61 -10.79
C VAL A 272 23.94 30.81 -10.71
N TYR A 273 23.78 31.35 -9.51
CA TYR A 273 22.91 32.51 -9.30
C TYR A 273 23.50 33.76 -9.97
N SER A 274 24.79 33.99 -9.74
CA SER A 274 25.48 35.13 -10.36
C SER A 274 25.45 35.03 -11.88
N ALA A 275 25.48 33.81 -12.38
CA ALA A 275 25.44 33.55 -13.81
C ALA A 275 24.09 33.96 -14.41
N ARG A 276 23.01 33.59 -13.74
CA ARG A 276 21.67 33.89 -14.21
C ARG A 276 21.36 35.38 -14.12
N VAL A 277 21.91 36.04 -13.12
CA VAL A 277 21.81 37.50 -13.03
C VAL A 277 22.46 38.13 -14.24
N ASN A 278 23.63 37.60 -14.60
CA ASN A 278 24.37 38.06 -15.77
C ASN A 278 23.60 37.77 -17.06
N MET A 279 22.88 36.66 -17.09
CA MET A 279 22.05 36.33 -18.23
C MET A 279 20.97 37.38 -18.42
N GLY A 280 20.39 37.82 -17.30
CA GLY A 280 19.40 38.88 -17.33
C GLY A 280 19.99 40.18 -17.84
N THR A 281 21.23 40.44 -17.44
CA THR A 281 21.94 41.63 -17.88
C THR A 281 22.12 41.64 -19.39
N LYS A 282 22.71 40.57 -19.91
CA LYS A 282 22.98 40.44 -21.34
C LYS A 282 21.70 40.49 -22.17
N LEU A 283 20.63 39.90 -21.66
CA LEU A 283 19.37 39.86 -22.36
C LEU A 283 18.67 41.22 -22.31
N GLY A 284 18.73 41.85 -21.14
CA GLY A 284 18.13 43.17 -20.97
C GLY A 284 18.78 44.20 -21.87
N GLU A 285 20.09 44.08 -22.03
CA GLU A 285 20.85 44.98 -22.89
C GLU A 285 20.51 44.77 -24.36
N LYS A 286 20.24 43.52 -24.73
CA LYS A 286 19.88 43.19 -26.10
C LYS A 286 18.49 43.73 -26.46
N ILE A 287 17.59 43.70 -25.49
CA ILE A 287 16.24 44.20 -25.68
C ILE A 287 16.23 45.72 -25.85
N ALA A 288 17.13 46.39 -25.13
CA ALA A 288 17.24 47.83 -25.19
C ALA A 288 17.81 48.29 -26.53
N ARG A 289 18.56 47.39 -27.18
CA ARG A 289 19.18 47.69 -28.46
C ARG A 289 18.23 47.43 -29.63
N GLU A 290 17.72 46.21 -29.71
CA GLU A 290 16.94 45.77 -30.86
C GLU A 290 15.44 46.07 -30.73
N TRP A 291 14.99 46.39 -29.52
CA TRP A 291 13.60 46.75 -29.29
C TRP A 291 13.47 48.18 -28.79
N GLU A 292 14.04 49.10 -29.55
CA GLU A 292 13.98 50.53 -29.24
C GLU A 292 12.55 51.06 -29.16
N ASP A 293 11.79 50.82 -30.23
CA ASP A 293 10.48 51.43 -30.41
C ASP A 293 9.39 50.79 -29.56
N LEU A 294 9.42 49.46 -29.48
CA LEU A 294 8.38 48.69 -28.77
C LEU A 294 8.19 49.16 -27.34
N ASP A 295 6.92 49.29 -26.94
CA ASP A 295 6.57 49.86 -25.65
C ASP A 295 5.96 48.84 -24.70
N ILE A 296 6.61 48.62 -23.56
CA ILE A 296 6.10 47.70 -22.56
C ILE A 296 5.83 48.44 -21.25
N ASP A 297 4.96 47.87 -20.41
CA ASP A 297 4.56 48.53 -19.17
C ASP A 297 5.09 47.80 -17.94
N VAL A 298 5.47 46.54 -18.11
CA VAL A 298 5.96 45.75 -16.98
C VAL A 298 6.68 44.48 -17.45
N VAL A 299 7.66 44.04 -16.66
CA VAL A 299 8.37 42.80 -16.93
C VAL A 299 7.89 41.71 -15.97
N ILE A 300 7.35 40.63 -16.53
CA ILE A 300 6.79 39.55 -15.72
C ILE A 300 7.51 38.23 -15.93
N PRO A 301 8.10 37.68 -14.86
CA PRO A 301 8.82 36.40 -14.94
C PRO A 301 7.88 35.21 -14.91
N ILE A 302 8.33 34.09 -15.47
CA ILE A 302 7.59 32.83 -15.36
C ILE A 302 8.31 31.94 -14.35
N PRO A 303 7.72 31.81 -13.15
CA PRO A 303 8.33 31.14 -11.99
C PRO A 303 8.78 29.72 -12.31
N GLU A 304 9.91 29.31 -11.74
CA GLU A 304 10.62 30.13 -10.77
C GLU A 304 12.03 30.51 -11.23
N THR A 305 12.52 29.82 -12.25
CA THR A 305 13.89 30.02 -12.73
C THR A 305 14.16 31.44 -13.22
N SER A 306 13.21 32.00 -13.95
CA SER A 306 13.41 33.28 -14.62
C SER A 306 13.12 34.49 -13.72
N CYS A 307 12.75 34.23 -12.47
CA CYS A 307 12.39 35.30 -11.54
C CYS A 307 13.48 36.34 -11.37
N ASP A 308 14.68 35.89 -10.97
CA ASP A 308 15.78 36.81 -10.74
C ASP A 308 16.37 37.35 -12.04
N ILE A 309 16.18 36.60 -13.12
CA ILE A 309 16.62 37.05 -14.45
C ILE A 309 15.75 38.20 -14.92
N ALA A 310 14.44 38.05 -14.77
CA ALA A 310 13.49 39.09 -15.15
C ALA A 310 13.72 40.36 -14.35
N LEU A 311 14.04 40.20 -13.07
CA LEU A 311 14.30 41.32 -12.18
C LEU A 311 15.46 42.17 -12.70
N GLU A 312 16.49 41.50 -13.22
CA GLU A 312 17.66 42.19 -13.78
C GLU A 312 17.31 42.86 -15.11
N ILE A 313 16.61 42.13 -15.97
CA ILE A 313 16.17 42.65 -17.26
C ILE A 313 15.35 43.92 -17.08
N ALA A 314 14.45 43.90 -16.09
CA ALA A 314 13.63 45.06 -15.77
C ALA A 314 14.50 46.20 -15.25
N ARG A 315 15.51 45.86 -14.46
CA ARG A 315 16.43 46.85 -13.93
C ARG A 315 17.16 47.55 -15.07
N ILE A 316 17.58 46.78 -16.05
CA ILE A 316 18.25 47.30 -17.24
C ILE A 316 17.30 48.16 -18.07
N LEU A 317 16.11 47.64 -18.31
CA LEU A 317 15.13 48.33 -19.16
C LEU A 317 14.53 49.55 -18.47
N GLY A 318 14.77 49.66 -17.16
CA GLY A 318 14.21 50.76 -16.39
C GLY A 318 12.70 50.65 -16.29
N LYS A 319 12.20 49.42 -16.28
CA LYS A 319 10.78 49.16 -16.15
C LYS A 319 10.48 48.41 -14.86
N PRO A 320 9.20 48.39 -14.44
CA PRO A 320 8.80 47.75 -13.20
C PRO A 320 8.76 46.23 -13.29
N TYR A 321 9.07 45.57 -12.18
CA TYR A 321 9.02 44.11 -12.09
C TYR A 321 7.88 43.67 -11.18
N ARG A 322 6.96 42.89 -11.72
CA ARG A 322 5.80 42.44 -10.97
C ARG A 322 5.48 40.97 -11.19
N GLN A 323 5.02 40.30 -10.13
CA GLN A 323 4.69 38.89 -10.20
C GLN A 323 3.33 38.67 -10.86
N GLY A 324 3.35 38.49 -12.18
CA GLY A 324 2.12 38.25 -12.93
C GLY A 324 1.65 36.82 -12.81
N PHE A 325 2.61 35.89 -12.65
CA PHE A 325 2.30 34.48 -12.51
C PHE A 325 2.72 33.94 -11.15
N VAL A 326 1.89 33.06 -10.60
CA VAL A 326 2.22 32.35 -9.36
C VAL A 326 2.21 30.85 -9.61
N LYS A 327 3.25 30.17 -9.14
CA LYS A 327 3.37 28.73 -9.34
C LYS A 327 2.61 27.96 -8.27
N ASN A 328 1.79 27.00 -8.70
CA ASN A 328 1.17 26.09 -7.77
C ASN A 328 2.21 25.14 -7.18
N ARG A 329 2.45 25.25 -5.88
CA ARG A 329 3.50 24.47 -5.23
C ARG A 329 3.11 23.01 -5.09
N TYR A 330 1.82 22.72 -5.24
CA TYR A 330 1.33 21.35 -5.23
C TYR A 330 0.60 21.02 -6.52
N VAL A 331 1.13 20.06 -7.28
CA VAL A 331 0.46 19.59 -8.49
C VAL A 331 -0.03 18.17 -8.26
N GLY A 332 -1.13 17.81 -8.90
CA GLY A 332 -1.72 16.50 -8.70
C GLY A 332 -1.80 15.65 -9.95
N ARG A 333 -2.39 14.47 -9.81
CA ARG A 333 -2.56 13.56 -10.92
C ARG A 333 -3.81 13.95 -11.73
N THR A 334 -3.76 13.74 -13.04
CA THR A 334 -4.94 13.94 -13.88
C THR A 334 -5.46 12.57 -14.29
N PHE A 335 -6.64 12.22 -13.79
CA PHE A 335 -7.16 10.86 -13.90
C PHE A 335 -7.90 10.60 -15.20
N ILE A 336 -7.49 9.55 -15.90
CA ILE A 336 -8.15 9.12 -17.13
C ILE A 336 -9.61 8.73 -16.83
N MET A 337 -10.46 8.81 -17.85
CA MET A 337 -11.92 8.63 -17.78
C MET A 337 -12.60 9.99 -17.74
N LYS A 345 -2.12 17.85 -21.27
CA LYS A 345 -1.93 18.37 -19.92
C LYS A 345 -1.68 19.87 -19.93
N SER A 346 -2.62 20.62 -19.37
CA SER A 346 -2.55 22.08 -19.38
C SER A 346 -1.55 22.60 -18.36
N VAL A 347 -1.03 23.80 -18.61
CA VAL A 347 -0.03 24.41 -17.75
C VAL A 347 -0.68 25.12 -16.56
N ARG A 348 -2.00 25.25 -16.61
CA ARG A 348 -2.75 25.89 -15.52
C ARG A 348 -2.62 25.11 -14.21
N ARG A 349 -2.20 23.85 -14.32
CA ARG A 349 -2.03 23.01 -13.15
C ARG A 349 -0.78 23.41 -12.38
N LYS A 350 0.14 24.07 -13.06
CA LYS A 350 1.39 24.50 -12.46
C LYS A 350 1.50 26.01 -12.37
N LEU A 351 0.64 26.72 -13.11
CA LEU A 351 0.69 28.18 -13.15
C LEU A 351 -0.70 28.82 -13.05
N ASN A 352 -0.77 29.92 -12.30
CA ASN A 352 -1.97 30.74 -12.26
C ASN A 352 -1.62 32.20 -12.52
N ALA A 353 -2.54 32.92 -13.16
CA ALA A 353 -2.31 34.32 -13.52
C ALA A 353 -2.91 35.27 -12.50
N ASN A 354 -2.14 36.28 -12.10
CA ASN A 354 -2.67 37.36 -11.27
C ASN A 354 -3.31 38.41 -12.17
N ARG A 355 -4.62 38.26 -12.37
CA ARG A 355 -5.37 39.03 -13.36
C ARG A 355 -5.09 40.53 -13.34
N ALA A 356 -4.81 41.08 -12.17
CA ALA A 356 -4.65 42.52 -11.99
C ALA A 356 -3.38 43.04 -12.63
N GLU A 357 -2.37 42.18 -12.77
CA GLU A 357 -1.06 42.60 -13.25
C GLU A 357 -0.95 42.55 -14.78
N PHE A 358 -1.96 42.01 -15.44
CA PHE A 358 -1.98 41.92 -16.90
C PHE A 358 -2.96 42.91 -17.51
N ARG A 359 -4.04 43.19 -16.80
CA ARG A 359 -5.18 43.95 -17.32
C ARG A 359 -4.79 45.28 -17.96
N ASP A 360 -5.02 45.39 -19.26
CA ASP A 360 -4.76 46.62 -20.00
C ASP A 360 -3.30 47.03 -19.90
N LYS A 361 -2.41 46.13 -20.30
CA LYS A 361 -0.97 46.39 -20.22
C LYS A 361 -0.20 45.72 -21.35
N ASN A 362 0.94 46.31 -21.70
CA ASN A 362 1.87 45.70 -22.62
C ASN A 362 2.97 44.98 -21.83
N VAL A 363 2.80 43.68 -21.66
CA VAL A 363 3.68 42.92 -20.77
C VAL A 363 4.86 42.27 -21.49
N LEU A 364 5.99 42.22 -20.81
CA LEU A 364 7.15 41.47 -21.28
C LEU A 364 7.31 40.23 -20.41
N LEU A 365 7.11 39.05 -21.00
CA LEU A 365 7.28 37.80 -20.27
C LEU A 365 8.71 37.29 -20.41
N VAL A 366 9.25 36.75 -19.33
CA VAL A 366 10.60 36.21 -19.34
C VAL A 366 10.61 34.74 -18.92
N ASP A 367 10.80 33.86 -19.89
CA ASP A 367 10.92 32.43 -19.60
C ASP A 367 12.36 32.00 -19.79
N ASP A 368 12.76 30.94 -19.08
CA ASP A 368 14.15 30.48 -19.12
C ASP A 368 14.50 29.82 -20.45
N SER A 369 13.50 29.27 -21.14
CA SER A 369 13.76 28.58 -22.40
C SER A 369 12.48 28.28 -23.19
N ILE A 370 12.68 27.86 -24.44
CA ILE A 370 11.60 27.38 -25.29
C ILE A 370 12.04 26.09 -25.98
N VAL A 371 11.32 25.01 -25.73
CA VAL A 371 11.69 23.71 -26.27
C VAL A 371 10.70 23.24 -27.32
N ARG A 372 9.49 22.92 -26.89
CA ARG A 372 8.44 22.47 -27.80
C ARG A 372 7.58 23.63 -28.27
N GLY A 373 7.52 24.68 -27.46
CA GLY A 373 6.69 25.83 -27.76
C GLY A 373 5.26 25.65 -27.27
N THR A 374 5.02 24.53 -26.58
CA THR A 374 3.70 24.22 -26.06
C THR A 374 3.38 25.08 -24.84
N THR A 375 4.27 25.06 -23.84
CA THR A 375 4.09 25.83 -22.62
C THR A 375 3.94 27.32 -22.91
N SER A 376 4.87 27.86 -23.69
CA SER A 376 4.90 29.29 -24.01
C SER A 376 3.58 29.75 -24.63
N GLU A 377 3.05 28.94 -25.54
CA GLU A 377 1.81 29.27 -26.24
C GLU A 377 0.64 29.43 -25.26
N GLN A 378 0.54 28.50 -24.32
CA GLN A 378 -0.53 28.53 -23.34
C GLN A 378 -0.37 29.70 -22.36
N ILE A 379 0.85 29.92 -21.90
CA ILE A 379 1.13 31.01 -20.97
C ILE A 379 0.87 32.38 -21.61
N ILE A 380 1.13 32.48 -22.91
CA ILE A 380 0.85 33.70 -23.65
C ILE A 380 -0.65 33.98 -23.69
N GLU A 381 -1.43 32.94 -23.92
CA GLU A 381 -2.89 33.04 -23.94
C GLU A 381 -3.45 33.39 -22.57
N MET A 382 -2.82 32.86 -21.51
CA MET A 382 -3.23 33.16 -20.15
C MET A 382 -3.09 34.65 -19.87
N ALA A 383 -2.07 35.25 -20.45
CA ALA A 383 -1.83 36.68 -20.31
C ALA A 383 -2.87 37.49 -21.09
N ARG A 384 -3.16 37.02 -22.30
CA ARG A 384 -4.14 37.68 -23.17
C ARG A 384 -5.50 37.77 -22.52
N GLU A 385 -6.00 36.64 -22.03
CA GLU A 385 -7.32 36.59 -21.39
C GLU A 385 -7.31 37.34 -20.07
N ALA A 386 -6.12 37.56 -19.52
CA ALA A 386 -5.99 38.28 -18.26
C ALA A 386 -6.13 39.78 -18.46
N GLY A 387 -6.15 40.20 -19.72
CA GLY A 387 -6.38 41.60 -20.05
C GLY A 387 -5.22 42.28 -20.77
N ALA A 388 -4.12 41.55 -20.96
CA ALA A 388 -2.93 42.09 -21.59
C ALA A 388 -3.19 42.45 -23.05
N LYS A 389 -2.71 43.62 -23.46
CA LYS A 389 -2.86 44.07 -24.85
C LYS A 389 -1.85 43.38 -25.75
N LYS A 390 -0.58 43.76 -25.60
CA LYS A 390 0.50 43.12 -26.35
C LYS A 390 1.38 42.30 -25.41
N VAL A 391 1.64 41.05 -25.80
CA VAL A 391 2.45 40.16 -24.98
C VAL A 391 3.77 39.82 -25.67
N TYR A 392 4.87 40.26 -25.07
CA TYR A 392 6.19 39.96 -25.62
C TYR A 392 6.84 38.84 -24.81
N LEU A 393 7.68 38.05 -25.48
CA LEU A 393 8.36 36.94 -24.81
C LEU A 393 9.87 37.01 -24.99
N ALA A 394 10.59 36.99 -23.87
CA ALA A 394 12.04 36.94 -23.89
C ALA A 394 12.51 35.62 -23.30
N SER A 395 13.42 34.96 -24.01
CA SER A 395 13.95 33.67 -23.55
C SER A 395 15.37 33.81 -23.02
N ALA A 396 15.59 33.35 -21.80
CA ALA A 396 16.90 33.45 -21.16
C ALA A 396 17.94 32.60 -21.91
N ALA A 397 17.47 31.59 -22.62
CA ALA A 397 18.36 30.72 -23.39
C ALA A 397 18.16 30.90 -24.88
N PRO A 398 19.21 30.63 -25.68
CA PRO A 398 19.13 30.71 -27.14
C PRO A 398 18.21 29.63 -27.71
N GLU A 399 18.02 29.65 -29.03
CA GLU A 399 17.18 28.64 -29.67
C GLU A 399 17.73 27.24 -29.43
N ILE A 400 16.87 26.33 -28.98
CA ILE A 400 17.25 24.95 -28.79
C ILE A 400 16.91 24.14 -30.05
N ARG A 401 17.94 23.84 -30.83
CA ARG A 401 17.73 23.27 -32.15
C ARG A 401 18.27 21.84 -32.28
N PHE A 402 18.97 21.37 -31.26
CA PHE A 402 19.58 20.05 -31.31
C PHE A 402 19.37 19.26 -30.03
N PRO A 403 19.30 17.93 -30.16
CA PRO A 403 19.12 17.01 -29.02
C PRO A 403 20.37 16.87 -28.17
N ASN A 404 20.18 16.74 -26.86
CA ASN A 404 21.31 16.55 -25.94
C ASN A 404 21.55 15.07 -25.68
N VAL A 405 22.77 14.62 -25.92
CA VAL A 405 23.11 13.21 -25.75
C VAL A 405 24.14 13.00 -24.64
N TYR A 406 24.26 13.96 -23.74
CA TYR A 406 25.27 13.91 -22.70
C TYR A 406 24.66 13.84 -21.30
N GLY A 407 23.40 13.42 -21.21
CA GLY A 407 22.77 13.21 -19.92
C GLY A 407 21.61 14.12 -19.58
N ILE A 408 21.26 15.00 -20.51
CA ILE A 408 20.12 15.89 -20.31
C ILE A 408 18.85 15.31 -20.96
N ASP A 409 17.79 15.21 -20.17
CA ASP A 409 16.54 14.65 -20.67
C ASP A 409 15.66 15.72 -21.27
N MET A 410 15.34 15.55 -22.55
CA MET A 410 14.47 16.47 -23.27
C MET A 410 13.65 15.70 -24.30
N PRO A 411 12.56 16.31 -24.79
CA PRO A 411 11.70 15.65 -25.78
C PRO A 411 12.46 15.28 -27.05
N SER A 412 11.89 14.40 -27.86
CA SER A 412 12.52 13.97 -29.10
C SER A 412 12.84 15.17 -29.98
N ALA A 413 13.93 15.09 -30.74
CA ALA A 413 14.37 16.19 -31.59
C ALA A 413 13.31 16.54 -32.64
N THR A 414 12.34 15.65 -32.82
CA THR A 414 11.25 15.87 -33.76
C THR A 414 10.19 16.80 -33.18
N GLU A 415 10.38 17.21 -31.93
CA GLU A 415 9.45 18.10 -31.26
C GLU A 415 10.04 19.48 -31.04
N LEU A 416 11.28 19.68 -31.46
CA LEU A 416 11.95 20.97 -31.27
C LEU A 416 11.44 22.00 -32.26
N ILE A 417 10.68 22.97 -31.75
CA ILE A 417 10.03 23.98 -32.58
C ILE A 417 11.03 24.91 -33.25
N ALA A 418 12.20 25.06 -32.64
CA ALA A 418 13.21 26.00 -33.15
C ALA A 418 14.10 25.38 -34.21
N HIS A 419 13.80 24.15 -34.61
CA HIS A 419 14.59 23.48 -35.64
C HIS A 419 14.09 23.78 -37.04
N GLY A 420 14.97 24.31 -37.88
CA GLY A 420 14.62 24.62 -39.25
C GLY A 420 13.71 25.82 -39.37
N ARG A 421 13.38 26.41 -38.22
CA ARG A 421 12.53 27.59 -38.19
C ARG A 421 13.29 28.79 -37.63
N GLU A 422 13.04 29.97 -38.19
CA GLU A 422 13.66 31.19 -37.70
C GLU A 422 12.72 31.89 -36.72
N VAL A 423 13.26 32.86 -35.99
CA VAL A 423 12.58 33.48 -34.85
C VAL A 423 11.14 33.91 -35.11
N ASP A 424 10.89 34.56 -36.24
CA ASP A 424 9.57 35.10 -36.53
C ASP A 424 8.54 34.00 -36.79
N GLU A 425 8.99 32.86 -37.30
CA GLU A 425 8.11 31.72 -37.53
C GLU A 425 7.66 31.14 -36.19
N ILE A 426 8.59 31.06 -35.25
CA ILE A 426 8.30 30.57 -33.92
C ILE A 426 7.35 31.51 -33.18
N ARG A 427 7.51 32.80 -33.43
CA ARG A 427 6.72 33.83 -32.77
C ARG A 427 5.23 33.71 -33.07
N GLN A 428 4.90 33.40 -34.33
CA GLN A 428 3.51 33.34 -34.74
C GLN A 428 2.89 31.97 -34.50
N ILE A 429 3.72 30.99 -34.17
CA ILE A 429 3.24 29.66 -33.79
C ILE A 429 2.80 29.66 -32.33
N ILE A 430 3.59 30.31 -31.48
CA ILE A 430 3.24 30.46 -30.08
C ILE A 430 2.30 31.66 -29.90
N GLY A 431 2.07 32.38 -30.99
CA GLY A 431 1.14 33.49 -30.99
C GLY A 431 1.59 34.66 -30.12
N ALA A 432 2.87 35.00 -30.20
CA ALA A 432 3.39 36.15 -29.46
C ALA A 432 3.41 37.39 -30.34
N ASP A 433 3.30 38.55 -29.72
CA ASP A 433 3.40 39.82 -30.43
C ASP A 433 4.86 40.15 -30.70
N GLY A 434 5.74 39.49 -29.96
CA GLY A 434 7.17 39.67 -30.11
C GLY A 434 7.94 38.54 -29.43
N LEU A 435 9.04 38.13 -30.05
CA LEU A 435 9.88 37.07 -29.50
C LEU A 435 11.35 37.40 -29.64
N ILE A 436 12.12 37.07 -28.61
CA ILE A 436 13.56 37.35 -28.60
C ILE A 436 14.33 36.31 -27.80
N PHE A 437 15.44 35.84 -28.38
CA PHE A 437 16.26 34.83 -27.73
C PHE A 437 17.60 35.40 -27.26
N GLN A 438 18.14 34.80 -26.21
CA GLN A 438 19.49 35.13 -25.75
C GLN A 438 20.50 34.67 -26.78
N ASP A 439 21.45 35.53 -27.12
CA ASP A 439 22.53 35.15 -28.02
C ASP A 439 23.48 34.21 -27.30
N LEU A 440 23.93 33.16 -27.98
CA LEU A 440 24.81 32.17 -27.37
C LEU A 440 26.12 32.81 -26.92
N ASN A 441 26.62 33.74 -27.71
CA ASN A 441 27.84 34.47 -27.36
C ASN A 441 27.65 35.28 -26.09
N ASP A 442 26.53 35.98 -25.98
CA ASP A 442 26.19 36.73 -24.77
C ASP A 442 26.07 35.79 -23.57
N LEU A 443 25.39 34.66 -23.78
CA LEU A 443 25.21 33.68 -22.72
C LEU A 443 26.55 33.10 -22.25
N ILE A 444 27.43 32.80 -23.19
CA ILE A 444 28.73 32.24 -22.87
C ILE A 444 29.57 33.26 -22.10
N ASP A 445 29.46 34.53 -22.48
CA ASP A 445 30.16 35.59 -21.78
C ASP A 445 29.58 35.79 -20.38
N ALA A 446 28.28 35.57 -20.25
CA ALA A 446 27.59 35.71 -18.97
C ALA A 446 28.11 34.73 -17.93
N VAL A 447 28.29 33.48 -18.34
CA VAL A 447 28.78 32.45 -17.43
C VAL A 447 30.29 32.52 -17.27
N ARG A 448 30.99 32.72 -18.39
CA ARG A 448 32.46 32.75 -18.40
C ARG A 448 33.00 33.98 -17.67
N ALA A 449 32.11 34.92 -17.35
CA ALA A 449 32.51 36.13 -16.63
C ALA A 449 32.86 35.82 -15.18
N GLU A 450 32.30 34.72 -14.67
CA GLU A 450 32.53 34.32 -13.28
C GLU A 450 33.75 33.40 -13.17
N ASN A 451 34.23 32.92 -14.30
CA ASN A 451 35.42 32.07 -14.37
C ASN A 451 35.95 32.02 -15.79
N PRO A 452 36.77 33.02 -16.17
CA PRO A 452 37.29 33.21 -17.52
C PRO A 452 38.12 32.04 -18.03
N ASP A 453 38.60 31.18 -17.14
CA ASP A 453 39.45 30.07 -17.54
C ASP A 453 38.65 28.95 -18.20
N ILE A 454 37.33 29.10 -18.22
CA ILE A 454 36.48 28.22 -19.01
C ILE A 454 36.36 28.80 -20.42
N GLN A 455 36.95 28.12 -21.40
CA GLN A 455 37.01 28.66 -22.76
C GLN A 455 35.88 28.14 -23.65
N GLN A 456 35.48 26.90 -23.45
CA GLN A 456 34.46 26.28 -24.28
C GLN A 456 33.45 25.48 -23.46
N PHE A 457 32.17 25.67 -23.75
CA PHE A 457 31.11 24.98 -23.01
C PHE A 457 30.47 23.85 -23.82
N GLU A 458 29.68 23.03 -23.14
CA GLU A 458 28.87 22.03 -23.81
C GLU A 458 27.50 22.65 -24.07
N CYS A 459 27.29 23.13 -25.29
CA CYS A 459 26.04 23.76 -25.68
C CYS A 459 25.56 23.23 -27.01
N SER A 460 25.65 21.91 -27.17
CA SER A 460 25.26 21.25 -28.42
C SER A 460 23.78 21.45 -28.73
N VAL A 461 22.97 21.67 -27.70
CA VAL A 461 21.55 21.93 -27.90
C VAL A 461 21.33 23.25 -28.62
N PHE A 462 22.37 24.09 -28.64
CA PHE A 462 22.28 25.39 -29.29
C PHE A 462 22.98 25.41 -30.67
N ASN A 463 24.27 25.06 -30.69
CA ASN A 463 25.06 25.18 -31.91
C ASN A 463 25.22 23.88 -32.69
N GLY A 464 24.82 22.77 -32.10
CA GLY A 464 24.95 21.48 -32.74
C GLY A 464 26.39 21.02 -32.82
N VAL A 465 27.23 21.58 -31.94
CA VAL A 465 28.63 21.17 -31.85
C VAL A 465 28.84 20.21 -30.69
N TYR A 466 29.17 18.97 -31.01
CA TYR A 466 29.39 17.95 -29.98
C TYR A 466 30.87 17.72 -29.73
N VAL A 467 31.30 18.02 -28.51
CA VAL A 467 32.72 18.00 -28.16
C VAL A 467 33.35 16.62 -28.28
N THR A 468 32.58 15.58 -28.01
CA THR A 468 33.07 14.21 -28.14
C THR A 468 33.06 13.79 -29.62
N LYS A 469 34.24 13.42 -30.12
CA LYS A 469 34.45 13.16 -31.55
C LYS A 469 33.58 12.05 -32.12
N ASP A 470 33.27 11.04 -31.30
CA ASP A 470 32.54 9.86 -31.77
C ASP A 470 31.17 10.23 -32.37
N VAL A 471 30.58 11.30 -31.88
CA VAL A 471 29.28 11.75 -32.36
C VAL A 471 29.37 12.25 -33.80
N ASP A 472 30.28 13.19 -34.04
CA ASP A 472 30.45 13.77 -35.37
C ASP A 472 30.91 12.72 -36.37
N GLN A 473 31.62 11.71 -35.87
CA GLN A 473 32.10 10.61 -36.70
C GLN A 473 30.95 9.68 -37.11
N GLY A 474 30.07 9.39 -36.16
CA GLY A 474 28.93 8.53 -36.42
C GLY A 474 27.94 9.19 -37.36
N TYR A 475 27.93 10.52 -37.34
CA TYR A 475 27.07 11.30 -38.22
C TYR A 475 27.42 11.08 -39.68
N LEU A 476 28.72 11.09 -39.99
CA LEU A 476 29.17 10.86 -41.35
C LEU A 476 28.89 9.42 -41.77
N ASP A 477 29.04 8.49 -40.84
CA ASP A 477 28.70 7.10 -41.07
C ASP A 477 27.21 6.95 -41.37
N PHE A 478 26.42 7.85 -40.79
CA PHE A 478 24.97 7.87 -41.04
C PHE A 478 24.66 8.36 -42.45
N LEU A 479 25.29 9.48 -42.83
CA LEU A 479 25.07 10.07 -44.14
C LEU A 479 25.40 9.07 -45.26
N ASP A 480 26.36 8.21 -45.02
CA ASP A 480 26.75 7.18 -45.98
C ASP A 480 25.61 6.20 -46.25
N THR A 481 24.77 5.97 -45.25
CA THR A 481 23.66 5.04 -45.38
C THR A 481 22.60 5.57 -46.35
N LEU A 482 22.56 6.89 -46.53
CA LEU A 482 21.58 7.51 -47.41
C LEU A 482 21.87 7.19 -48.87
N ARG A 483 23.10 6.76 -49.15
CA ARG A 483 23.48 6.38 -50.51
C ARG A 483 23.85 4.90 -50.57
N CYS B 2 -7.87 26.11 7.22
CA CYS B 2 -8.43 25.11 6.30
C CYS B 2 -8.91 25.75 5.01
N GLY B 3 -9.28 24.91 4.04
CA GLY B 3 -9.77 25.39 2.76
C GLY B 3 -10.95 24.59 2.26
N ILE B 4 -11.98 25.28 1.78
CA ILE B 4 -13.18 24.60 1.29
C ILE B 4 -13.49 24.96 -0.15
N VAL B 5 -14.39 24.19 -0.76
CA VAL B 5 -14.80 24.42 -2.14
C VAL B 5 -16.05 23.62 -2.47
N GLY B 6 -16.96 24.23 -3.22
CA GLY B 6 -18.16 23.56 -3.67
C GLY B 6 -18.46 23.92 -5.11
N ILE B 7 -18.96 22.96 -5.88
CA ILE B 7 -19.26 23.21 -7.29
C ILE B 7 -20.62 22.66 -7.69
N ALA B 8 -21.50 23.54 -8.16
CA ALA B 8 -22.78 23.13 -8.72
C ALA B 8 -22.66 23.15 -10.24
N GLY B 9 -22.30 22.01 -10.82
CA GLY B 9 -22.02 21.94 -12.24
C GLY B 9 -23.03 21.18 -13.07
N VAL B 10 -22.80 21.13 -14.37
CA VAL B 10 -23.65 20.42 -15.30
C VAL B 10 -22.94 19.18 -15.84
N MET B 11 -21.74 18.94 -15.32
CA MET B 11 -20.91 17.80 -15.71
C MET B 11 -20.08 17.33 -14.52
N PRO B 12 -19.44 16.16 -14.66
CA PRO B 12 -18.62 15.56 -13.60
C PRO B 12 -17.66 16.57 -12.97
N VAL B 13 -17.72 16.71 -11.64
CA VAL B 13 -16.95 17.74 -10.95
C VAL B 13 -15.86 17.17 -10.04
N ASN B 14 -15.67 15.87 -10.08
CA ASN B 14 -14.68 15.23 -9.22
C ASN B 14 -13.26 15.69 -9.49
N GLN B 15 -12.89 15.76 -10.77
CA GLN B 15 -11.57 16.24 -11.17
C GLN B 15 -11.43 17.73 -10.89
N SER B 16 -12.54 18.46 -11.03
CA SER B 16 -12.55 19.90 -10.82
C SER B 16 -12.26 20.26 -9.38
N ILE B 17 -12.95 19.57 -8.45
CA ILE B 17 -12.74 19.79 -7.03
C ILE B 17 -11.33 19.36 -6.62
N TYR B 18 -10.84 18.30 -7.24
CA TYR B 18 -9.50 17.81 -6.97
C TYR B 18 -8.46 18.87 -7.33
N ASP B 19 -8.64 19.50 -8.49
CA ASP B 19 -7.76 20.56 -8.93
C ASP B 19 -7.90 21.81 -8.06
N ALA B 20 -9.14 22.14 -7.70
CA ALA B 20 -9.41 23.30 -6.87
C ALA B 20 -8.73 23.19 -5.51
N LEU B 21 -8.82 22.00 -4.91
CA LEU B 21 -8.22 21.77 -3.60
C LEU B 21 -6.69 21.84 -3.66
N THR B 22 -6.13 21.46 -4.80
CA THR B 22 -4.67 21.45 -4.95
C THR B 22 -4.11 22.87 -4.96
N VAL B 23 -4.84 23.81 -5.54
CA VAL B 23 -4.41 25.21 -5.53
C VAL B 23 -4.72 25.83 -4.18
N LEU B 24 -5.50 25.10 -3.36
CA LEU B 24 -5.84 25.53 -2.01
C LEU B 24 -5.13 24.67 -0.96
N GLN B 25 -4.24 23.80 -1.42
CA GLN B 25 -3.54 22.87 -0.55
C GLN B 25 -2.72 23.58 0.54
N HIS B 26 -2.44 24.86 0.31
CA HIS B 26 -1.65 25.65 1.25
C HIS B 26 -2.43 26.00 2.51
N ARG B 27 -3.74 25.76 2.49
CA ARG B 27 -4.60 26.10 3.62
C ARG B 27 -4.71 24.95 4.62
N GLY B 28 -4.22 23.78 4.22
CA GLY B 28 -4.27 22.59 5.07
C GLY B 28 -3.67 21.39 4.37
N GLN B 29 -2.83 20.65 5.11
CA GLN B 29 -2.11 19.51 4.54
C GLN B 29 -2.25 18.27 5.41
N ASP B 30 -3.00 18.38 6.49
CA ASP B 30 -3.19 17.26 7.42
C ASP B 30 -4.14 16.22 6.84
N ALA B 31 -5.20 16.68 6.18
CA ALA B 31 -6.19 15.78 5.59
C ALA B 31 -6.93 16.45 4.44
N ALA B 32 -7.74 15.68 3.74
CA ALA B 32 -8.55 16.20 2.64
C ALA B 32 -9.79 15.35 2.45
N GLY B 33 -10.81 15.92 1.80
CA GLY B 33 -12.05 15.20 1.56
C GLY B 33 -12.85 15.74 0.40
N ILE B 34 -13.53 14.83 -0.30
CA ILE B 34 -14.44 15.22 -1.36
C ILE B 34 -15.72 14.40 -1.26
N ILE B 35 -16.86 15.08 -1.33
CA ILE B 35 -18.15 14.40 -1.31
C ILE B 35 -19.04 14.94 -2.41
N THR B 36 -19.63 14.02 -3.18
CA THR B 36 -20.46 14.40 -4.32
C THR B 36 -21.85 13.78 -4.24
N ILE B 37 -22.70 14.15 -5.18
CA ILE B 37 -24.04 13.58 -5.28
C ILE B 37 -24.23 12.98 -6.67
N ASP B 38 -24.36 11.66 -6.73
CA ASP B 38 -24.49 10.98 -8.01
C ASP B 38 -25.89 11.08 -8.60
N ALA B 39 -26.13 10.33 -9.67
CA ALA B 39 -27.40 10.40 -10.39
C ALA B 39 -28.55 9.75 -9.63
N ASN B 40 -28.24 9.08 -8.53
CA ASN B 40 -29.25 8.42 -7.72
C ASN B 40 -29.53 9.17 -6.43
N ASN B 41 -29.09 10.42 -6.38
CA ASN B 41 -29.25 11.26 -5.19
C ASN B 41 -28.67 10.59 -3.95
N CYS B 42 -27.51 9.96 -4.11
CA CYS B 42 -26.79 9.36 -3.00
C CYS B 42 -25.40 9.96 -2.88
N PHE B 43 -24.93 10.11 -1.65
CA PHE B 43 -23.61 10.70 -1.40
C PHE B 43 -22.48 9.72 -1.74
N ARG B 44 -21.47 10.24 -2.44
CA ARG B 44 -20.23 9.50 -2.65
C ARG B 44 -19.11 10.21 -1.90
N LEU B 45 -18.51 9.52 -0.93
CA LEU B 45 -17.53 10.16 -0.06
C LEU B 45 -16.15 9.53 -0.14
N ARG B 46 -15.13 10.38 -0.03
CA ARG B 46 -13.74 9.94 0.08
C ARG B 46 -12.95 10.97 0.87
N LYS B 47 -12.43 10.54 2.02
CA LYS B 47 -11.69 11.44 2.89
C LYS B 47 -10.71 10.68 3.77
N ALA B 48 -9.50 11.23 3.92
CA ALA B 48 -8.48 10.61 4.76
C ALA B 48 -7.38 11.63 5.09
N ASN B 49 -6.36 11.16 5.80
CA ASN B 49 -5.24 12.01 6.15
C ASN B 49 -4.26 12.18 5.00
N GLY B 50 -3.50 13.27 5.02
CA GLY B 50 -2.46 13.50 4.02
C GLY B 50 -2.82 14.55 2.98
N LEU B 51 -1.92 14.73 2.02
CA LEU B 51 -2.15 15.68 0.93
C LEU B 51 -3.26 15.20 0.00
N VAL B 52 -3.75 16.09 -0.86
CA VAL B 52 -4.82 15.78 -1.80
C VAL B 52 -4.38 14.73 -2.81
N SER B 53 -3.11 14.78 -3.20
CA SER B 53 -2.58 13.84 -4.18
C SER B 53 -2.37 12.45 -3.58
N ASP B 54 -2.28 12.38 -2.26
CA ASP B 54 -2.14 11.11 -1.58
C ASP B 54 -3.50 10.47 -1.29
N VAL B 55 -4.44 11.31 -0.86
CA VAL B 55 -5.75 10.84 -0.43
C VAL B 55 -6.60 10.29 -1.58
N PHE B 56 -6.57 10.94 -2.72
CA PHE B 56 -7.43 10.58 -3.84
C PHE B 56 -6.68 9.85 -4.95
N GLU B 57 -6.75 8.52 -4.92
CA GLU B 57 -6.19 7.71 -5.99
C GLU B 57 -7.26 7.45 -7.05
N ALA B 58 -6.88 6.72 -8.09
CA ALA B 58 -7.76 6.49 -9.24
C ALA B 58 -9.10 5.87 -8.86
N ARG B 59 -9.06 4.81 -8.07
CA ARG B 59 -10.27 4.07 -7.69
C ARG B 59 -11.23 4.94 -6.89
N HIS B 60 -10.70 5.94 -6.20
CA HIS B 60 -11.52 6.84 -5.40
C HIS B 60 -12.30 7.82 -6.27
N MET B 61 -11.63 8.32 -7.31
CA MET B 61 -12.23 9.30 -8.22
C MET B 61 -13.37 8.70 -9.02
N GLN B 62 -13.19 7.47 -9.48
CA GLN B 62 -14.23 6.77 -10.23
C GLN B 62 -15.49 6.60 -9.39
N ARG B 63 -15.30 6.50 -8.08
CA ARG B 63 -16.42 6.31 -7.15
C ARG B 63 -17.14 7.62 -6.87
N LEU B 64 -16.48 8.73 -7.15
CA LEU B 64 -17.03 10.05 -6.85
C LEU B 64 -17.77 10.65 -8.04
N GLN B 65 -18.80 9.95 -8.49
CA GLN B 65 -19.61 10.40 -9.63
C GLN B 65 -20.58 11.50 -9.19
N GLY B 66 -21.01 12.32 -10.14
CA GLY B 66 -21.96 13.39 -9.86
C GLY B 66 -21.53 14.73 -10.43
N ASN B 67 -22.49 15.63 -10.57
CA ASN B 67 -22.22 16.97 -11.12
C ASN B 67 -22.17 18.03 -10.03
N MET B 68 -22.52 17.64 -8.81
CA MET B 68 -22.46 18.55 -7.67
C MET B 68 -21.66 17.92 -6.53
N GLY B 69 -20.82 18.71 -5.87
CA GLY B 69 -20.00 18.22 -4.79
C GLY B 69 -19.17 19.28 -4.11
N ILE B 70 -18.73 18.99 -2.89
CA ILE B 70 -17.90 19.91 -2.13
C ILE B 70 -16.63 19.22 -1.67
N GLY B 71 -15.58 20.00 -1.39
CA GLY B 71 -14.31 19.45 -0.95
C GLY B 71 -13.73 20.24 0.20
N HIS B 72 -12.80 19.63 0.93
CA HIS B 72 -12.21 20.27 2.10
C HIS B 72 -10.78 19.79 2.34
N VAL B 73 -9.91 20.71 2.72
CA VAL B 73 -8.54 20.38 3.10
C VAL B 73 -8.29 20.89 4.52
N ARG B 74 -7.75 20.04 5.38
CA ARG B 74 -7.64 20.39 6.79
C ARG B 74 -6.26 20.88 7.24
N TYR B 75 -6.28 22.00 7.97
CA TYR B 75 -5.14 22.47 8.75
C TYR B 75 -5.38 21.97 10.16
N PRO B 76 -4.45 21.18 10.70
CA PRO B 76 -4.67 20.37 11.92
C PRO B 76 -5.33 21.15 13.06
N THR B 77 -6.59 20.84 13.32
CA THR B 77 -7.40 21.52 14.34
C THR B 77 -7.75 22.93 13.89
N SER B 81 -7.98 16.32 16.54
CA SER B 81 -6.57 16.49 16.21
C SER B 81 -6.27 16.00 14.80
N SER B 82 -5.15 15.29 14.65
CA SER B 82 -4.75 14.77 13.36
C SER B 82 -5.28 13.36 13.13
N ALA B 83 -5.37 12.58 14.21
CA ALA B 83 -5.86 11.21 14.14
C ALA B 83 -7.38 11.17 14.25
N SER B 84 -7.99 12.34 14.42
CA SER B 84 -9.44 12.44 14.49
C SER B 84 -10.05 12.35 13.09
N GLU B 85 -11.38 12.41 13.03
CA GLU B 85 -12.08 12.30 11.74
C GLU B 85 -12.02 13.62 10.97
N ALA B 86 -11.96 13.51 9.65
CA ALA B 86 -11.84 14.69 8.79
C ALA B 86 -13.18 15.05 8.15
N GLN B 87 -13.20 16.20 7.47
CA GLN B 87 -14.40 16.67 6.78
C GLN B 87 -14.35 16.30 5.31
N PRO B 88 -15.49 16.43 4.61
CA PRO B 88 -16.76 16.90 5.15
C PRO B 88 -17.48 15.86 5.99
N PHE B 89 -18.29 16.32 6.94
CA PHE B 89 -19.12 15.42 7.73
C PHE B 89 -20.45 15.19 7.04
N TYR B 90 -21.24 14.24 7.54
CA TYR B 90 -22.50 13.87 6.91
C TYR B 90 -23.54 13.38 7.91
N VAL B 91 -24.81 13.66 7.61
CA VAL B 91 -25.92 13.13 8.39
C VAL B 91 -27.04 12.74 7.43
N ASN B 92 -27.75 11.65 7.74
CA ASN B 92 -28.77 11.12 6.83
C ASN B 92 -30.13 11.79 7.02
N SER B 93 -30.41 12.22 8.24
CA SER B 93 -31.69 12.86 8.54
C SER B 93 -31.48 14.26 9.10
N PRO B 94 -32.19 15.25 8.54
CA PRO B 94 -33.18 15.05 7.48
C PRO B 94 -32.59 15.12 6.08
N TYR B 95 -33.25 14.46 5.14
CA TYR B 95 -32.93 14.56 3.71
C TYR B 95 -31.55 14.03 3.33
N GLY B 96 -30.57 14.30 4.17
CA GLY B 96 -29.18 13.97 3.87
C GLY B 96 -28.39 15.24 3.63
N ILE B 97 -27.63 15.65 4.64
CA ILE B 97 -26.89 16.90 4.58
C ILE B 97 -25.38 16.65 4.78
N THR B 98 -24.58 17.37 4.00
CA THR B 98 -23.13 17.30 4.14
C THR B 98 -22.57 18.72 4.26
N LEU B 99 -21.50 18.89 5.03
CA LEU B 99 -20.97 20.22 5.28
C LEU B 99 -19.46 20.23 5.51
N ALA B 100 -18.79 21.18 4.84
CA ALA B 100 -17.38 21.46 5.09
C ALA B 100 -17.28 22.84 5.74
N HIS B 101 -16.22 23.06 6.52
CA HIS B 101 -16.16 24.25 7.34
C HIS B 101 -14.75 24.76 7.60
N ASN B 102 -14.55 26.06 7.38
CA ASN B 102 -13.27 26.72 7.69
C ASN B 102 -13.48 27.82 8.72
N GLY B 103 -12.98 27.61 9.92
CA GLY B 103 -13.13 28.56 11.00
C GLY B 103 -13.16 27.85 12.34
N ASN B 104 -13.81 28.48 13.32
CA ASN B 104 -13.89 27.90 14.66
C ASN B 104 -15.05 28.47 15.48
N LEU B 105 -15.81 27.59 16.12
CA LEU B 105 -16.90 28.01 16.98
C LEU B 105 -16.37 28.24 18.40
N THR B 106 -16.84 29.31 19.04
CA THR B 106 -16.37 29.67 20.38
C THR B 106 -17.30 29.15 21.47
N ASN B 107 -18.45 28.63 21.06
CA ASN B 107 -19.41 28.06 22.01
C ASN B 107 -19.79 26.63 21.62
N ALA B 108 -18.82 25.89 21.08
CA ALA B 108 -19.05 24.52 20.66
C ALA B 108 -19.46 23.62 21.81
N HIS B 109 -18.88 23.84 22.98
CA HIS B 109 -19.21 23.06 24.16
C HIS B 109 -20.67 23.29 24.58
N GLU B 110 -21.10 24.54 24.49
CA GLU B 110 -22.48 24.90 24.79
C GLU B 110 -23.44 24.27 23.78
N LEU B 111 -23.06 24.32 22.51
CA LEU B 111 -23.90 23.82 21.43
C LEU B 111 -24.03 22.30 21.48
N ARG B 112 -22.94 21.62 21.82
CA ARG B 112 -22.95 20.16 21.91
C ARG B 112 -23.93 19.70 23.00
N LYS B 113 -24.02 20.46 24.08
CA LYS B 113 -24.93 20.13 25.17
C LYS B 113 -26.38 20.34 24.76
N LYS B 114 -26.65 21.41 24.01
CA LYS B 114 -28.00 21.71 23.55
C LYS B 114 -28.50 20.64 22.58
N LEU B 115 -27.65 20.27 21.62
CA LEU B 115 -28.00 19.31 20.59
C LEU B 115 -28.39 17.94 21.17
N PHE B 116 -27.82 17.59 22.31
CA PHE B 116 -28.14 16.32 22.96
C PHE B 116 -29.36 16.47 23.86
N GLU B 117 -29.38 17.54 24.65
CA GLU B 117 -30.47 17.80 25.58
C GLU B 117 -31.78 18.09 24.84
N GLU B 118 -31.71 18.96 23.85
CA GLU B 118 -32.91 19.48 23.19
C GLU B 118 -33.32 18.68 21.95
N LYS B 119 -32.41 17.88 21.42
CA LYS B 119 -32.68 17.21 20.15
C LYS B 119 -32.29 15.73 20.13
N ARG B 120 -31.57 15.29 21.15
CA ARG B 120 -31.07 13.92 21.22
C ARG B 120 -30.15 13.60 20.04
N ARG B 121 -29.41 14.62 19.60
CA ARG B 121 -28.44 14.43 18.52
C ARG B 121 -27.04 14.19 19.08
N HIS B 122 -26.43 13.09 18.67
CA HIS B 122 -25.12 12.70 19.16
C HIS B 122 -23.98 13.31 18.35
N ILE B 123 -22.97 13.82 19.03
CA ILE B 123 -21.76 14.31 18.39
C ILE B 123 -20.61 13.37 18.72
N ASN B 124 -20.06 12.74 17.69
CA ASN B 124 -19.08 11.68 17.89
C ASN B 124 -17.64 12.17 17.90
N THR B 125 -17.40 13.37 17.40
CA THR B 125 -16.05 13.92 17.33
C THR B 125 -15.89 15.19 18.16
N THR B 126 -14.68 15.74 18.14
CA THR B 126 -14.41 17.00 18.83
C THR B 126 -14.37 18.16 17.85
N SER B 127 -14.68 17.86 16.59
CA SER B 127 -14.76 18.88 15.54
C SER B 127 -16.04 19.68 15.67
N ASP B 128 -15.93 21.01 15.65
CA ASP B 128 -17.09 21.87 15.73
C ASP B 128 -17.70 22.10 14.35
N SER B 129 -17.20 21.37 13.36
CA SER B 129 -17.80 21.37 12.03
C SER B 129 -18.96 20.38 12.02
N GLU B 130 -18.85 19.34 12.84
CA GLU B 130 -19.93 18.38 13.01
C GLU B 130 -21.04 19.00 13.83
N ILE B 131 -20.67 19.83 14.81
CA ILE B 131 -21.62 20.59 15.60
C ILE B 131 -22.41 21.53 14.70
N LEU B 132 -21.71 22.17 13.77
CA LEU B 132 -22.33 23.11 12.84
C LEU B 132 -23.31 22.40 11.92
N LEU B 133 -22.91 21.24 11.42
CA LEU B 133 -23.77 20.42 10.56
C LEU B 133 -25.06 20.02 11.26
N ASN B 134 -24.95 19.68 12.54
CA ASN B 134 -26.11 19.24 13.32
C ASN B 134 -27.02 20.40 13.74
N ILE B 135 -26.42 21.55 14.06
CA ILE B 135 -27.19 22.75 14.35
C ILE B 135 -28.03 23.13 13.14
N PHE B 136 -27.38 23.16 11.98
CA PHE B 136 -28.06 23.43 10.72
C PHE B 136 -29.06 22.32 10.40
N ALA B 137 -28.73 21.10 10.81
CA ALA B 137 -29.57 19.95 10.52
C ALA B 137 -30.86 19.98 11.34
N SER B 138 -30.74 20.29 12.63
CA SER B 138 -31.89 20.31 13.53
C SER B 138 -32.89 21.39 13.12
N GLU B 139 -32.39 22.47 12.54
CA GLU B 139 -33.24 23.57 12.11
C GLU B 139 -34.00 23.20 10.83
N LEU B 140 -33.33 22.53 9.91
CA LEU B 140 -33.98 22.00 8.72
C LEU B 140 -35.00 20.94 9.10
N ASP B 141 -34.78 20.32 10.26
CA ASP B 141 -35.60 19.21 10.72
C ASP B 141 -36.97 19.69 11.22
N ASN B 142 -37.13 21.00 11.36
CA ASN B 142 -38.39 21.56 11.85
C ASN B 142 -39.45 21.67 10.76
N PHE B 143 -39.01 21.71 9.51
CA PHE B 143 -39.93 21.72 8.38
C PHE B 143 -40.38 20.30 8.06
N ARG B 144 -41.63 20.14 7.63
CA ARG B 144 -42.18 18.82 7.36
C ARG B 144 -42.83 18.75 5.97
N HIS B 145 -42.71 19.82 5.21
CA HIS B 145 -43.21 19.84 3.84
C HIS B 145 -42.07 19.54 2.87
N TYR B 146 -42.41 19.19 1.64
CA TYR B 146 -41.40 18.81 0.65
C TYR B 146 -41.85 19.12 -0.78
N PRO B 147 -40.92 19.62 -1.60
CA PRO B 147 -39.56 19.91 -1.18
C PRO B 147 -39.46 21.19 -0.35
N LEU B 148 -38.27 21.50 0.15
CA LEU B 148 -38.04 22.75 0.86
C LEU B 148 -37.92 23.90 -0.13
N GLU B 149 -38.37 25.08 0.28
CA GLU B 149 -38.19 26.28 -0.53
C GLU B 149 -36.93 27.00 -0.09
N ALA B 150 -36.48 27.96 -0.89
CA ALA B 150 -35.26 28.70 -0.58
C ALA B 150 -35.36 29.42 0.76
N ASP B 151 -36.57 29.89 1.07
CA ASP B 151 -36.81 30.65 2.30
C ASP B 151 -36.69 29.79 3.54
N ASN B 152 -37.04 28.52 3.43
CA ASN B 152 -36.90 27.59 4.54
C ASN B 152 -35.43 27.39 4.88
N ILE B 153 -34.63 27.19 3.84
CA ILE B 153 -33.19 27.00 4.00
C ILE B 153 -32.52 28.25 4.57
N PHE B 154 -32.92 29.41 4.07
CA PHE B 154 -32.38 30.68 4.55
C PHE B 154 -32.83 30.94 5.99
N ALA B 155 -34.03 30.46 6.32
CA ALA B 155 -34.55 30.57 7.67
C ALA B 155 -33.74 29.69 8.62
N ALA B 156 -33.35 28.51 8.13
CA ALA B 156 -32.57 27.57 8.91
C ALA B 156 -31.17 28.13 9.19
N ILE B 157 -30.59 28.77 8.19
CA ILE B 157 -29.26 29.36 8.32
C ILE B 157 -29.30 30.56 9.25
N ALA B 158 -30.37 31.34 9.16
CA ALA B 158 -30.56 32.49 10.03
C ALA B 158 -30.70 32.03 11.48
N ALA B 159 -31.41 30.94 11.68
CA ALA B 159 -31.58 30.37 13.01
C ALA B 159 -30.27 29.79 13.52
N THR B 160 -29.40 29.39 12.60
CA THR B 160 -28.09 28.85 12.97
C THR B 160 -27.14 29.98 13.38
N ASN B 161 -27.22 31.10 12.67
CA ASN B 161 -26.38 32.26 12.97
C ASN B 161 -26.72 32.88 14.33
N ARG B 162 -27.90 32.58 14.84
CA ARG B 162 -28.32 33.08 16.15
C ARG B 162 -27.81 32.18 17.27
N LEU B 163 -27.70 30.89 16.98
CA LEU B 163 -27.27 29.92 17.98
C LEU B 163 -25.75 29.85 18.11
N ILE B 164 -25.05 29.88 16.98
CA ILE B 164 -23.59 29.71 16.97
C ILE B 164 -22.84 31.04 17.04
N ARG B 165 -21.70 31.01 17.71
CA ARG B 165 -20.81 32.18 17.77
C ARG B 165 -19.41 31.80 17.25
N GLY B 166 -18.70 32.79 16.73
CA GLY B 166 -17.35 32.56 16.23
C GLY B 166 -17.18 32.97 14.78
N ALA B 167 -16.25 32.33 14.08
CA ALA B 167 -16.03 32.59 12.67
C ALA B 167 -16.24 31.33 11.85
N TYR B 168 -16.81 31.48 10.66
CA TYR B 168 -17.09 30.32 9.82
C TYR B 168 -17.37 30.67 8.36
N ALA B 169 -16.65 30.01 7.47
CA ALA B 169 -16.97 30.00 6.06
C ALA B 169 -17.44 28.59 5.69
N CYS B 170 -18.72 28.45 5.38
CA CYS B 170 -19.29 27.13 5.19
C CYS B 170 -19.82 26.88 3.79
N VAL B 171 -19.77 25.61 3.38
CA VAL B 171 -20.39 25.15 2.15
C VAL B 171 -21.03 23.79 2.42
N ALA B 172 -22.24 23.59 1.92
CA ALA B 172 -22.97 22.37 2.23
C ALA B 172 -23.86 21.93 1.09
N MET B 173 -24.31 20.68 1.14
CA MET B 173 -25.24 20.15 0.16
C MET B 173 -26.43 19.48 0.83
N ILE B 174 -27.58 19.57 0.19
CA ILE B 174 -28.79 18.90 0.66
C ILE B 174 -29.37 18.04 -0.45
N ILE B 175 -29.56 16.76 -0.17
CA ILE B 175 -30.09 15.83 -1.15
C ILE B 175 -31.43 16.31 -1.70
N GLY B 176 -31.56 16.34 -3.02
CA GLY B 176 -32.81 16.73 -3.65
C GLY B 176 -33.12 18.20 -3.60
N HIS B 177 -32.12 19.02 -3.26
CA HIS B 177 -32.31 20.46 -3.17
C HIS B 177 -31.18 21.23 -3.86
N GLY B 178 -29.97 21.12 -3.33
CA GLY B 178 -28.83 21.79 -3.91
C GLY B 178 -27.73 22.16 -2.94
N MET B 179 -26.94 23.16 -3.31
CA MET B 179 -25.76 23.54 -2.53
C MET B 179 -25.97 24.87 -1.81
N VAL B 180 -25.55 24.93 -0.55
CA VAL B 180 -25.64 26.17 0.22
C VAL B 180 -24.26 26.60 0.73
N ALA B 181 -24.08 27.90 0.88
CA ALA B 181 -22.83 28.45 1.39
C ALA B 181 -23.09 29.75 2.12
N PHE B 182 -22.46 29.93 3.28
CA PHE B 182 -22.69 31.13 4.08
C PHE B 182 -21.46 31.54 4.88
N ARG B 183 -21.44 32.82 5.26
CA ARG B 183 -20.30 33.41 5.96
C ARG B 183 -20.78 33.92 7.32
N ASP B 184 -19.87 34.00 8.28
CA ASP B 184 -20.22 34.51 9.60
C ASP B 184 -20.51 36.01 9.54
N PRO B 185 -21.27 36.51 10.53
CA PRO B 185 -21.72 37.91 10.57
C PRO B 185 -20.59 38.94 10.67
N ASN B 186 -19.34 38.47 10.68
CA ASN B 186 -18.20 39.36 10.78
C ASN B 186 -17.28 39.29 9.57
N GLY B 187 -17.55 38.35 8.68
CA GLY B 187 -16.76 38.20 7.47
C GLY B 187 -15.30 37.88 7.77
N ILE B 188 -15.08 37.16 8.87
CA ILE B 188 -13.72 36.80 9.28
C ILE B 188 -13.08 35.84 8.30
N ARG B 189 -13.75 34.71 8.05
CA ARG B 189 -13.25 33.72 7.13
C ARG B 189 -13.62 34.05 5.69
N PRO B 190 -12.67 33.86 4.76
CA PRO B 190 -12.84 34.20 3.34
C PRO B 190 -13.78 33.25 2.61
N LEU B 191 -14.52 33.77 1.63
CA LEU B 191 -15.40 32.96 0.81
C LEU B 191 -15.84 33.76 -0.41
N VAL B 192 -15.58 33.23 -1.60
CA VAL B 192 -15.91 33.92 -2.85
C VAL B 192 -16.88 33.10 -3.67
N LEU B 193 -17.63 33.77 -4.54
CA LEU B 193 -18.57 33.10 -5.43
C LEU B 193 -18.12 33.20 -6.89
N GLY B 194 -18.25 32.10 -7.62
CA GLY B 194 -17.82 32.05 -9.01
C GLY B 194 -18.91 31.58 -9.95
N LYS B 195 -18.66 31.74 -11.25
CA LYS B 195 -19.63 31.38 -12.27
C LYS B 195 -18.94 30.90 -13.54
N ARG B 196 -19.54 29.93 -14.23
CA ARG B 196 -19.00 29.45 -15.50
C ARG B 196 -20.11 29.04 -16.46
N ASP B 197 -20.14 29.69 -17.62
CA ASP B 197 -21.14 29.39 -18.65
C ASP B 197 -20.61 28.36 -19.64
N ILE B 198 -21.25 27.20 -19.69
CA ILE B 198 -20.91 26.16 -20.65
C ILE B 198 -21.58 26.46 -21.98
N ASP B 199 -22.84 26.86 -21.91
CA ASP B 199 -23.57 27.38 -23.07
C ASP B 199 -24.66 28.35 -22.61
N GLU B 200 -25.51 28.76 -23.53
CA GLU B 200 -26.56 29.72 -23.23
C GLU B 200 -27.62 29.13 -22.30
N ASN B 201 -27.55 27.83 -22.05
CA ASN B 201 -28.56 27.16 -21.25
C ASN B 201 -28.02 26.59 -19.94
N ARG B 202 -26.71 26.39 -19.87
CA ARG B 202 -26.12 25.76 -18.71
C ARG B 202 -25.05 26.64 -18.06
N THR B 203 -25.25 26.94 -16.78
CA THR B 203 -24.29 27.73 -16.01
C THR B 203 -23.92 27.04 -14.72
N GLU B 204 -22.62 26.86 -14.49
CA GLU B 204 -22.13 26.25 -13.26
C GLU B 204 -21.82 27.29 -12.21
N TYR B 205 -21.92 26.90 -10.95
CA TYR B 205 -21.59 27.80 -9.84
C TYR B 205 -20.62 27.11 -8.87
N MET B 206 -19.72 27.91 -8.28
CA MET B 206 -18.81 27.38 -7.28
C MET B 206 -18.47 28.43 -6.24
N VAL B 207 -18.15 27.96 -5.04
CA VAL B 207 -17.63 28.82 -3.99
C VAL B 207 -16.31 28.25 -3.52
N ALA B 208 -15.44 29.10 -2.99
CA ALA B 208 -14.14 28.67 -2.50
C ALA B 208 -13.59 29.65 -1.47
N SER B 209 -12.62 29.21 -0.68
CA SER B 209 -12.01 30.08 0.33
C SER B 209 -11.19 31.19 -0.32
N GLU B 210 -10.65 30.92 -1.51
CA GLU B 210 -9.86 31.91 -2.23
C GLU B 210 -10.23 31.94 -3.71
N SER B 211 -9.97 33.08 -4.36
CA SER B 211 -10.35 33.28 -5.75
C SER B 211 -9.50 32.45 -6.70
N VAL B 212 -8.32 32.05 -6.24
CA VAL B 212 -7.42 31.23 -7.05
C VAL B 212 -8.10 29.95 -7.47
N ALA B 213 -8.94 29.40 -6.60
CA ALA B 213 -9.71 28.20 -6.91
C ALA B 213 -10.63 28.45 -8.10
N LEU B 214 -11.23 29.64 -8.13
CA LEU B 214 -12.08 30.05 -9.25
C LEU B 214 -11.25 30.21 -10.53
N ASP B 215 -10.10 30.85 -10.40
CA ASP B 215 -9.24 31.13 -11.56
C ASP B 215 -8.76 29.87 -12.26
N THR B 216 -8.30 28.90 -11.49
CA THR B 216 -7.64 27.71 -12.05
C THR B 216 -8.60 26.80 -12.79
N LEU B 217 -9.90 27.04 -12.66
CA LEU B 217 -10.90 26.20 -13.31
C LEU B 217 -11.53 26.89 -14.52
N GLY B 218 -11.28 28.19 -14.65
CA GLY B 218 -11.86 28.96 -15.73
C GLY B 218 -13.18 29.59 -15.32
N PHE B 219 -13.40 29.67 -14.01
CA PHE B 219 -14.61 30.25 -13.47
C PHE B 219 -14.50 31.77 -13.36
N ASP B 220 -15.51 32.46 -13.90
CA ASP B 220 -15.56 33.91 -13.82
C ASP B 220 -15.86 34.36 -12.40
N PHE B 221 -15.06 35.29 -11.89
CA PHE B 221 -15.25 35.81 -10.55
C PHE B 221 -16.49 36.70 -10.47
N LEU B 222 -17.39 36.38 -9.55
CA LEU B 222 -18.57 37.20 -9.33
C LEU B 222 -18.32 38.22 -8.22
N ARG B 223 -18.13 37.73 -7.00
CA ARG B 223 -17.88 38.60 -5.85
C ARG B 223 -17.60 37.80 -4.60
N ASP B 224 -17.20 38.50 -3.53
CA ASP B 224 -17.08 37.89 -2.22
C ASP B 224 -18.47 37.62 -1.65
N VAL B 225 -18.63 36.49 -0.98
CA VAL B 225 -19.84 36.24 -0.21
C VAL B 225 -19.87 37.21 0.97
N ALA B 226 -20.87 38.09 1.00
CA ALA B 226 -20.96 39.12 2.02
C ALA B 226 -21.08 38.53 3.42
N PRO B 227 -20.62 39.29 4.43
CA PRO B 227 -20.71 38.88 5.84
C PRO B 227 -22.16 38.63 6.26
N GLY B 228 -22.42 37.45 6.79
CA GLY B 228 -23.77 37.08 7.23
C GLY B 228 -24.66 36.67 6.07
N GLU B 229 -24.09 36.62 4.88
CA GLU B 229 -24.85 36.25 3.68
C GLU B 229 -24.85 34.74 3.45
N ALA B 230 -25.89 34.26 2.78
CA ALA B 230 -26.00 32.85 2.45
C ALA B 230 -26.29 32.66 0.97
N ILE B 231 -25.67 31.65 0.36
CA ILE B 231 -25.93 31.33 -1.04
C ILE B 231 -26.63 29.98 -1.15
N TYR B 232 -27.61 29.89 -2.05
CA TYR B 232 -28.30 28.63 -2.29
C TYR B 232 -28.44 28.39 -3.79
N ILE B 233 -27.95 27.24 -4.24
CA ILE B 233 -27.97 26.89 -5.65
C ILE B 233 -28.68 25.55 -5.86
N THR B 234 -29.88 25.62 -6.42
CA THR B 234 -30.66 24.42 -6.69
C THR B 234 -29.93 23.52 -7.69
N GLU B 235 -30.33 22.25 -7.75
CA GLU B 235 -29.73 21.31 -8.68
C GLU B 235 -30.24 21.57 -10.11
N GLU B 236 -31.12 22.55 -10.24
CA GLU B 236 -31.59 23.00 -11.55
C GLU B 236 -30.72 24.13 -12.07
N GLY B 237 -29.79 24.59 -11.24
CA GLY B 237 -28.87 25.64 -11.62
C GLY B 237 -29.40 27.05 -11.38
N GLN B 238 -30.04 27.24 -10.22
CA GLN B 238 -30.67 28.52 -9.90
C GLN B 238 -30.02 29.14 -8.65
N LEU B 239 -29.73 30.43 -8.72
CA LEU B 239 -29.02 31.12 -7.63
C LEU B 239 -29.93 31.97 -6.75
N PHE B 240 -29.94 31.67 -5.46
CA PHE B 240 -30.66 32.46 -4.47
C PHE B 240 -29.69 33.03 -3.44
N THR B 241 -29.81 34.32 -3.16
CA THR B 241 -29.00 34.93 -2.10
C THR B 241 -29.89 35.56 -1.05
N ARG B 242 -29.38 35.67 0.18
CA ARG B 242 -30.16 36.20 1.29
C ARG B 242 -29.27 36.59 2.46
N GLN B 243 -29.59 37.71 3.10
CA GLN B 243 -28.88 38.12 4.31
C GLN B 243 -29.47 37.42 5.53
N CYS B 244 -28.71 36.52 6.14
CA CYS B 244 -29.21 35.70 7.22
C CYS B 244 -28.56 36.05 8.56
N ALA B 245 -27.99 37.25 8.65
CA ALA B 245 -27.43 37.74 9.90
C ALA B 245 -28.10 39.05 10.31
N ASP B 246 -28.19 39.30 11.60
CA ASP B 246 -28.84 40.50 12.10
C ASP B 246 -28.01 41.76 11.82
N ASN B 247 -26.81 41.82 12.39
CA ASN B 247 -25.94 42.98 12.20
C ASN B 247 -24.58 42.59 11.64
N PRO B 248 -24.52 42.40 10.32
CA PRO B 248 -23.27 42.03 9.62
C PRO B 248 -22.28 43.19 9.54
N VAL B 249 -21.00 42.84 9.46
CA VAL B 249 -19.93 43.82 9.31
C VAL B 249 -18.69 43.15 8.77
N SER B 250 -17.90 43.87 8.00
CA SER B 250 -16.70 43.31 7.40
C SER B 250 -15.50 43.41 8.33
N ASN B 251 -15.18 42.30 8.99
CA ASN B 251 -13.98 42.21 9.81
C ASN B 251 -13.09 41.06 9.34
N PRO B 252 -12.64 41.13 8.06
CA PRO B 252 -11.86 40.04 7.46
C PRO B 252 -10.58 39.75 8.22
N CYS B 253 -10.19 38.48 8.25
CA CYS B 253 -8.96 38.07 8.92
C CYS B 253 -7.77 38.78 8.29
N LEU B 254 -7.11 39.63 9.09
CA LEU B 254 -5.97 40.41 8.61
C LEU B 254 -4.79 39.51 8.27
N PHE B 255 -4.67 38.39 8.99
CA PHE B 255 -3.53 37.51 8.80
C PHE B 255 -3.65 36.69 7.53
N GLU B 256 -4.83 36.73 6.91
CA GLU B 256 -5.01 36.12 5.61
C GLU B 256 -4.15 36.85 4.59
N TYR B 257 -4.11 38.17 4.71
CA TYR B 257 -3.31 39.02 3.82
C TYR B 257 -1.81 38.89 4.13
N VAL B 258 -1.49 38.78 5.41
CA VAL B 258 -0.10 38.76 5.86
C VAL B 258 0.66 37.52 5.39
N TYR B 259 0.01 36.37 5.43
CA TYR B 259 0.70 35.11 5.17
C TYR B 259 -0.16 34.02 4.53
N PHE B 260 -1.25 33.66 5.21
CA PHE B 260 -2.04 32.47 4.85
C PHE B 260 -2.57 32.45 3.42
N ALA B 261 -3.21 33.54 2.99
CA ALA B 261 -3.81 33.57 1.66
C ALA B 261 -2.75 33.56 0.55
N ARG B 262 -3.14 33.05 -0.61
CA ARG B 262 -2.31 33.07 -1.81
C ARG B 262 -2.16 34.49 -2.32
N PRO B 263 -0.96 34.86 -2.81
CA PRO B 263 -0.70 36.23 -3.25
C PRO B 263 -1.56 36.67 -4.43
N ASP B 264 -1.96 35.72 -5.28
CA ASP B 264 -2.79 36.05 -6.44
C ASP B 264 -4.28 35.94 -6.12
N SER B 265 -4.61 35.97 -4.84
CA SER B 265 -6.02 35.93 -4.41
C SER B 265 -6.54 37.33 -4.13
N PHE B 266 -7.83 37.54 -4.38
CA PHE B 266 -8.46 38.81 -4.09
C PHE B 266 -9.54 38.62 -3.02
N ILE B 267 -9.24 39.03 -1.80
CA ILE B 267 -10.17 38.87 -0.67
C ILE B 267 -10.81 40.19 -0.29
N ASP B 268 -12.13 40.26 -0.42
CA ASP B 268 -12.89 41.48 -0.15
C ASP B 268 -12.37 42.65 -0.96
N LYS B 269 -12.13 42.41 -2.26
CA LYS B 269 -11.66 43.42 -3.18
C LYS B 269 -10.24 43.89 -2.90
N ILE B 270 -9.49 43.09 -2.14
CA ILE B 270 -8.11 43.46 -1.80
C ILE B 270 -7.11 42.43 -2.35
N SER B 271 -6.31 42.87 -3.31
CA SER B 271 -5.24 42.04 -3.85
C SER B 271 -4.25 41.68 -2.75
N VAL B 272 -4.04 40.38 -2.54
CA VAL B 272 -3.10 39.92 -1.53
C VAL B 272 -1.68 40.31 -1.88
N TYR B 273 -1.37 40.27 -3.18
CA TYR B 273 -0.05 40.63 -3.66
C TYR B 273 0.26 42.11 -3.43
N SER B 274 -0.65 42.97 -3.88
CA SER B 274 -0.47 44.42 -3.73
C SER B 274 -0.35 44.83 -2.27
N ALA B 275 -1.32 44.41 -1.46
CA ALA B 275 -1.32 44.72 -0.04
C ALA B 275 -0.02 44.23 0.62
N ARG B 276 0.42 43.05 0.22
CA ARG B 276 1.66 42.48 0.73
C ARG B 276 2.87 43.32 0.32
N VAL B 277 2.81 43.91 -0.87
CA VAL B 277 3.84 44.82 -1.33
C VAL B 277 3.81 46.11 -0.52
N ASN B 278 2.60 46.60 -0.26
CA ASN B 278 2.41 47.80 0.55
C ASN B 278 2.95 47.61 1.97
N MET B 279 2.91 46.37 2.46
CA MET B 279 3.49 46.03 3.75
C MET B 279 4.99 46.30 3.74
N GLY B 280 5.63 45.97 2.63
CA GLY B 280 7.05 46.22 2.45
C GLY B 280 7.36 47.70 2.39
N THR B 281 6.45 48.46 1.78
CA THR B 281 6.62 49.90 1.68
C THR B 281 6.56 50.55 3.06
N LYS B 282 5.59 50.13 3.87
CA LYS B 282 5.46 50.61 5.24
C LYS B 282 6.68 50.23 6.06
N LEU B 283 6.98 48.94 6.08
CA LEU B 283 8.10 48.42 6.86
C LEU B 283 9.43 49.01 6.39
N GLY B 284 9.52 49.27 5.09
CA GLY B 284 10.72 49.88 4.53
C GLY B 284 10.92 51.30 5.02
N GLU B 285 9.83 52.08 5.00
CA GLU B 285 9.86 53.45 5.47
C GLU B 285 10.17 53.50 6.97
N LYS B 286 9.62 52.56 7.72
CA LYS B 286 9.85 52.49 9.16
C LYS B 286 11.33 52.21 9.45
N ILE B 287 11.92 51.33 8.66
CA ILE B 287 13.32 50.99 8.80
C ILE B 287 14.21 52.18 8.45
N ALA B 288 13.81 52.94 7.43
CA ALA B 288 14.55 54.11 7.02
C ALA B 288 14.59 55.13 8.15
N ARG B 289 13.50 55.22 8.90
CA ARG B 289 13.39 56.15 10.00
C ARG B 289 14.10 55.65 11.25
N GLU B 290 13.63 54.51 11.78
CA GLU B 290 14.14 53.98 13.05
C GLU B 290 15.60 53.54 12.98
N TRP B 291 16.03 53.07 11.81
CA TRP B 291 17.40 52.60 11.63
C TRP B 291 18.17 53.48 10.66
N GLU B 292 17.99 54.78 10.81
CA GLU B 292 18.63 55.77 9.95
C GLU B 292 20.16 55.69 10.04
N ASP B 293 20.66 55.52 11.25
CA ASP B 293 22.10 55.54 11.51
C ASP B 293 22.75 54.17 11.51
N LEU B 294 22.13 53.20 10.84
CA LEU B 294 22.69 51.87 10.74
C LEU B 294 23.14 51.57 9.31
N ASP B 295 24.27 50.89 9.17
CA ASP B 295 24.83 50.57 7.86
C ASP B 295 24.40 49.17 7.42
N ILE B 296 23.57 49.12 6.39
CA ILE B 296 23.10 47.86 5.83
C ILE B 296 23.60 47.69 4.40
N ASP B 297 24.07 46.49 4.08
CA ASP B 297 24.68 46.23 2.77
C ASP B 297 23.73 45.56 1.79
N VAL B 298 22.83 44.73 2.30
CA VAL B 298 21.93 43.96 1.44
C VAL B 298 20.67 43.50 2.15
N VAL B 299 19.57 43.40 1.41
CA VAL B 299 18.32 42.88 1.95
C VAL B 299 18.09 41.46 1.45
N ILE B 300 17.99 40.52 2.39
CA ILE B 300 17.86 39.11 2.03
C ILE B 300 16.55 38.51 2.56
N PRO B 301 15.66 38.13 1.65
CA PRO B 301 14.35 37.58 2.03
C PRO B 301 14.42 36.13 2.50
N ILE B 302 13.57 35.77 3.44
CA ILE B 302 13.43 34.37 3.84
C ILE B 302 12.25 33.78 3.08
N PRO B 303 12.53 32.94 2.07
CA PRO B 303 11.54 32.42 1.13
C PRO B 303 10.40 31.66 1.81
N GLU B 304 9.21 31.73 1.24
CA GLU B 304 9.00 32.46 -0.01
C GLU B 304 8.02 33.63 0.15
N THR B 305 7.34 33.70 1.29
CA THR B 305 6.31 34.71 1.51
C THR B 305 6.87 36.13 1.54
N SER B 306 8.10 36.27 2.04
CA SER B 306 8.68 37.59 2.24
C SER B 306 9.53 38.08 1.07
N CYS B 307 9.49 37.34 -0.04
CA CYS B 307 10.29 37.68 -1.22
C CYS B 307 9.88 39.01 -1.84
N ASP B 308 8.60 39.15 -2.16
CA ASP B 308 8.10 40.38 -2.77
C ASP B 308 8.06 41.52 -1.75
N ILE B 309 7.95 41.17 -0.48
CA ILE B 309 7.97 42.16 0.59
C ILE B 309 9.37 42.72 0.77
N ALA B 310 10.35 41.82 0.77
CA ALA B 310 11.75 42.19 0.95
C ALA B 310 12.25 43.01 -0.24
N LEU B 311 11.70 42.75 -1.42
CA LEU B 311 12.09 43.48 -2.62
C LEU B 311 11.70 44.95 -2.49
N GLU B 312 10.49 45.20 -2.03
CA GLU B 312 10.00 46.56 -1.85
C GLU B 312 10.81 47.29 -0.79
N ILE B 313 11.11 46.60 0.30
CA ILE B 313 11.92 47.17 1.38
C ILE B 313 13.27 47.63 0.85
N ALA B 314 13.84 46.85 -0.07
CA ALA B 314 15.11 47.20 -0.68
C ALA B 314 14.95 48.43 -1.57
N ARG B 315 13.80 48.54 -2.23
CA ARG B 315 13.53 49.65 -3.12
C ARG B 315 13.48 50.96 -2.33
N ILE B 316 12.91 50.90 -1.13
CA ILE B 316 12.78 52.07 -0.27
C ILE B 316 14.13 52.51 0.28
N LEU B 317 14.89 51.56 0.83
CA LEU B 317 16.16 51.85 1.45
C LEU B 317 17.26 52.09 0.42
N GLY B 318 16.95 51.79 -0.84
CA GLY B 318 17.90 51.99 -1.92
C GLY B 318 19.05 51.01 -1.90
N LYS B 319 18.87 49.92 -1.15
CA LYS B 319 19.88 48.88 -1.03
C LYS B 319 19.59 47.75 -2.00
N PRO B 320 20.58 46.88 -2.25
CA PRO B 320 20.42 45.77 -3.19
C PRO B 320 19.63 44.59 -2.62
N TYR B 321 18.85 43.94 -3.48
CA TYR B 321 18.07 42.77 -3.10
C TYR B 321 18.77 41.51 -3.58
N ARG B 322 18.95 40.55 -2.69
CA ARG B 322 19.74 39.36 -3.02
C ARG B 322 19.18 38.06 -2.44
N GLN B 323 19.09 37.04 -3.27
CA GLN B 323 18.64 35.72 -2.84
C GLN B 323 19.72 35.02 -2.01
N GLY B 324 19.72 35.28 -0.71
CA GLY B 324 20.72 34.70 0.18
C GLY B 324 20.34 33.31 0.66
N PHE B 325 19.04 33.04 0.70
CA PHE B 325 18.56 31.72 1.10
C PHE B 325 17.85 31.01 -0.04
N VAL B 326 17.97 29.69 -0.09
CA VAL B 326 17.25 28.89 -1.06
C VAL B 326 16.44 27.81 -0.37
N LYS B 327 15.13 27.82 -0.62
CA LYS B 327 14.24 26.85 -0.02
C LYS B 327 14.14 25.61 -0.90
N ASN B 328 14.34 24.43 -0.32
CA ASN B 328 14.26 23.20 -1.09
C ASN B 328 12.81 22.86 -1.39
N ARG B 329 12.53 22.59 -2.66
CA ARG B 329 11.18 22.32 -3.14
C ARG B 329 10.61 21.09 -2.43
N TYR B 330 11.50 20.20 -2.01
CA TYR B 330 11.12 18.98 -1.32
C TYR B 330 11.78 18.91 0.04
N VAL B 331 11.14 18.24 0.99
CA VAL B 331 11.69 18.08 2.33
C VAL B 331 11.56 16.64 2.79
N GLY B 332 12.50 16.19 3.62
CA GLY B 332 12.54 14.81 4.06
C GLY B 332 12.34 14.61 5.55
N ARG B 333 12.05 13.37 5.91
CA ARG B 333 11.85 12.98 7.30
C ARG B 333 13.17 12.77 8.02
N THR B 334 13.14 12.83 9.35
CA THR B 334 14.29 12.46 10.16
C THR B 334 13.88 11.30 11.07
N PHE B 335 14.34 10.10 10.73
CA PHE B 335 13.88 8.89 11.39
C PHE B 335 14.45 8.72 12.79
N SER B 346 16.71 22.77 13.04
CA SER B 346 16.73 21.83 11.92
C SER B 346 16.02 22.40 10.70
N VAL B 347 16.02 23.72 10.57
CA VAL B 347 15.41 24.39 9.44
C VAL B 347 16.37 24.38 8.26
N ARG B 348 17.57 23.85 8.50
CA ARG B 348 18.61 23.81 7.48
C ARG B 348 18.33 22.73 6.43
N ARG B 349 17.19 22.07 6.56
CA ARG B 349 16.77 21.06 5.60
C ARG B 349 15.74 21.67 4.64
N LYS B 350 15.13 22.76 5.08
CA LYS B 350 14.26 23.57 4.23
C LYS B 350 15.06 24.67 3.56
N LEU B 351 16.00 25.24 4.31
CA LEU B 351 16.77 26.39 3.84
C LEU B 351 18.25 26.07 3.66
N ASN B 352 18.87 26.72 2.66
CA ASN B 352 20.31 26.66 2.46
C ASN B 352 20.84 28.06 2.13
N ALA B 353 21.95 28.43 2.76
CA ALA B 353 22.50 29.77 2.60
C ALA B 353 23.50 29.85 1.45
N ASN B 354 23.22 30.73 0.49
CA ASN B 354 24.19 31.05 -0.56
C ASN B 354 25.34 31.84 0.06
N ARG B 355 26.39 31.13 0.46
CA ARG B 355 27.47 31.69 1.26
C ARG B 355 28.04 32.99 0.72
N ALA B 356 28.14 33.10 -0.60
CA ALA B 356 28.77 34.26 -1.22
C ALA B 356 27.98 35.55 -0.99
N GLU B 357 26.77 35.43 -0.48
CA GLU B 357 25.90 36.58 -0.30
C GLU B 357 25.87 37.11 1.14
N PHE B 358 26.61 36.45 2.03
CA PHE B 358 26.62 36.83 3.44
C PHE B 358 28.00 37.30 3.90
N ARG B 359 29.05 36.80 3.24
CA ARG B 359 30.42 37.02 3.67
C ARG B 359 30.79 38.50 3.83
N ASP B 360 31.13 38.88 5.06
CA ASP B 360 31.59 40.23 5.37
C ASP B 360 30.59 41.31 4.97
N LYS B 361 29.31 41.04 5.23
CA LYS B 361 28.26 42.02 4.93
C LYS B 361 27.31 42.18 6.10
N ASN B 362 26.83 43.40 6.30
CA ASN B 362 25.74 43.64 7.24
C ASN B 362 24.41 43.39 6.54
N VAL B 363 23.72 42.33 6.94
CA VAL B 363 22.55 41.87 6.20
C VAL B 363 21.23 42.15 6.93
N LEU B 364 20.22 42.53 6.16
CA LEU B 364 18.87 42.67 6.68
C LEU B 364 18.00 41.51 6.20
N LEU B 365 17.62 40.64 7.13
CA LEU B 365 16.75 39.52 6.79
C LEU B 365 15.29 39.93 6.94
N VAL B 366 14.46 39.51 6.01
CA VAL B 366 13.03 39.82 6.03
C VAL B 366 12.20 38.57 6.10
N ASP B 367 11.40 38.43 7.16
CA ASP B 367 10.52 37.28 7.31
C ASP B 367 9.09 37.73 7.56
N ASP B 368 8.14 36.85 7.26
CA ASP B 368 6.73 37.18 7.37
C ASP B 368 6.28 37.39 8.82
N SER B 369 6.86 36.65 9.75
CA SER B 369 6.46 36.76 11.16
C SER B 369 7.39 36.05 12.13
N ILE B 370 7.04 36.13 13.41
CA ILE B 370 7.76 35.45 14.48
C ILE B 370 6.78 34.95 15.53
N VAL B 371 6.68 33.63 15.65
CA VAL B 371 5.77 33.03 16.63
C VAL B 371 6.52 32.54 17.87
N ARG B 372 7.17 31.39 17.75
CA ARG B 372 7.95 30.84 18.85
C ARG B 372 9.33 31.49 18.93
N GLY B 373 9.94 31.71 17.77
CA GLY B 373 11.27 32.31 17.71
C GLY B 373 12.35 31.29 17.39
N THR B 374 11.95 30.04 17.22
CA THR B 374 12.90 28.97 16.93
C THR B 374 13.51 29.11 15.54
N THR B 375 12.66 29.31 14.53
CA THR B 375 13.11 29.47 13.16
C THR B 375 14.05 30.66 13.01
N SER B 376 13.66 31.77 13.63
CA SER B 376 14.41 33.03 13.53
C SER B 376 15.82 32.89 14.10
N GLU B 377 15.93 32.21 15.23
CA GLU B 377 17.22 32.03 15.89
C GLU B 377 18.18 31.25 15.01
N GLN B 378 17.66 30.20 14.36
CA GLN B 378 18.46 29.34 13.50
C GLN B 378 18.84 30.04 12.19
N ILE B 379 17.87 30.72 11.59
CA ILE B 379 18.11 31.44 10.33
C ILE B 379 19.16 32.53 10.51
N ILE B 380 19.27 33.04 11.73
CA ILE B 380 20.28 34.04 12.07
C ILE B 380 21.65 33.37 12.24
N GLU B 381 21.66 32.18 12.83
CA GLU B 381 22.88 31.39 12.96
C GLU B 381 23.46 31.07 11.59
N MET B 382 22.57 30.70 10.66
CA MET B 382 22.96 30.35 9.30
C MET B 382 23.58 31.54 8.57
N ALA B 383 23.06 32.73 8.83
CA ALA B 383 23.58 33.95 8.21
C ALA B 383 24.98 34.25 8.72
N ARG B 384 25.20 33.99 10.01
CA ARG B 384 26.49 34.24 10.63
C ARG B 384 27.52 33.18 10.25
N GLU B 385 27.08 31.93 10.17
CA GLU B 385 27.96 30.85 9.74
C GLU B 385 28.31 31.00 8.26
N ALA B 386 27.54 31.85 7.58
CA ALA B 386 27.81 32.17 6.18
C ALA B 386 28.80 33.31 6.07
N GLY B 387 29.13 33.92 7.21
CA GLY B 387 30.13 34.97 7.26
C GLY B 387 29.57 36.38 7.30
N ALA B 388 28.40 36.54 7.92
CA ALA B 388 27.77 37.85 8.04
C ALA B 388 28.29 38.62 9.24
N LYS B 389 28.69 39.86 9.01
CA LYS B 389 29.15 40.73 10.09
C LYS B 389 28.03 40.97 11.10
N LYS B 390 27.00 41.71 10.68
CA LYS B 390 25.84 41.96 11.51
C LYS B 390 24.59 41.39 10.85
N VAL B 391 23.69 40.84 11.66
CA VAL B 391 22.45 40.30 11.14
C VAL B 391 21.24 41.01 11.73
N TYR B 392 20.55 41.77 10.89
CA TYR B 392 19.34 42.47 11.31
C TYR B 392 18.11 41.75 10.79
N LEU B 393 17.04 41.73 11.58
CA LEU B 393 15.83 41.01 11.20
C LEU B 393 14.59 41.90 11.25
N ALA B 394 13.75 41.77 10.22
CA ALA B 394 12.48 42.51 10.18
C ALA B 394 11.32 41.54 10.01
N SER B 395 10.25 41.78 10.75
CA SER B 395 9.05 40.95 10.69
C SER B 395 7.91 41.67 10.00
N ALA B 396 7.44 41.10 8.89
CA ALA B 396 6.37 41.71 8.09
C ALA B 396 5.10 41.92 8.90
N ALA B 397 4.92 41.11 9.93
CA ALA B 397 3.75 41.22 10.80
C ALA B 397 4.16 41.67 12.19
N PRO B 398 3.27 42.40 12.88
CA PRO B 398 3.52 42.89 14.25
C PRO B 398 3.76 41.74 15.23
N GLU B 399 4.13 42.06 16.46
CA GLU B 399 4.33 41.03 17.48
C GLU B 399 3.06 40.20 17.65
N ILE B 400 3.23 38.88 17.74
CA ILE B 400 2.10 37.99 17.93
C ILE B 400 2.02 37.55 19.39
N ARG B 401 1.12 38.19 20.14
CA ARG B 401 1.06 37.97 21.59
C ARG B 401 -0.19 37.23 22.05
N PHE B 402 -1.21 37.17 21.19
CA PHE B 402 -2.48 36.57 21.60
C PHE B 402 -2.93 35.44 20.67
N PRO B 403 -3.60 34.43 21.22
CA PRO B 403 -4.06 33.25 20.48
C PRO B 403 -5.30 33.53 19.63
N ASN B 404 -5.32 33.00 18.41
CA ASN B 404 -6.45 33.14 17.53
C ASN B 404 -7.50 32.06 17.79
N VAL B 405 -8.77 32.45 17.75
CA VAL B 405 -9.86 31.50 17.98
C VAL B 405 -10.92 31.60 16.89
N TYR B 406 -10.47 31.83 15.66
CA TYR B 406 -11.38 32.02 14.53
C TYR B 406 -11.02 31.14 13.34
N GLY B 407 -10.13 30.18 13.56
CA GLY B 407 -9.72 29.26 12.49
C GLY B 407 -8.22 29.04 12.45
N ILE B 408 -7.46 30.03 12.90
CA ILE B 408 -6.01 29.91 12.94
C ILE B 408 -5.55 29.27 14.24
N ASP B 409 -5.05 28.04 14.16
CA ASP B 409 -4.56 27.33 15.33
C ASP B 409 -3.06 27.56 15.51
N MET B 410 -2.66 27.81 16.74
CA MET B 410 -1.29 28.22 17.05
C MET B 410 -0.89 27.75 18.44
N PRO B 411 0.39 27.93 18.80
CA PRO B 411 0.91 27.54 20.12
C PRO B 411 0.17 28.24 21.25
N SER B 412 0.24 27.69 22.45
CA SER B 412 -0.32 28.33 23.63
C SER B 412 0.34 29.69 23.83
N ALA B 413 -0.38 30.62 24.44
CA ALA B 413 0.10 32.00 24.59
C ALA B 413 1.45 32.08 25.28
N THR B 414 1.84 31.01 25.97
CA THR B 414 3.12 30.96 26.66
C THR B 414 4.24 30.54 25.71
N GLU B 415 3.89 29.76 24.70
CA GLU B 415 4.87 29.32 23.70
C GLU B 415 5.29 30.49 22.81
N LEU B 416 4.48 31.55 22.81
CA LEU B 416 4.78 32.74 22.03
C LEU B 416 5.90 33.55 22.68
N ILE B 417 6.90 33.91 21.89
CA ILE B 417 8.08 34.61 22.40
C ILE B 417 7.78 36.07 22.72
N ALA B 418 6.72 36.60 22.13
CA ALA B 418 6.36 38.00 22.33
C ALA B 418 5.45 38.20 23.53
N HIS B 419 5.15 37.12 24.22
CA HIS B 419 4.23 37.17 25.36
C HIS B 419 4.94 37.60 26.64
N GLY B 420 4.71 38.84 27.05
CA GLY B 420 5.34 39.37 28.25
C GLY B 420 6.75 39.84 27.97
N ARG B 421 7.07 39.99 26.71
CA ARG B 421 8.40 40.46 26.30
C ARG B 421 8.29 41.65 25.36
N GLU B 422 9.42 42.34 25.15
CA GLU B 422 9.48 43.47 24.23
C GLU B 422 10.61 43.27 23.23
N VAL B 423 10.59 44.06 22.16
CA VAL B 423 11.47 43.91 21.01
C VAL B 423 12.94 43.61 21.35
N ASP B 424 13.48 44.32 22.34
CA ASP B 424 14.88 44.18 22.70
C ASP B 424 15.15 42.86 23.42
N GLU B 425 14.15 42.36 24.14
CA GLU B 425 14.29 41.07 24.81
C GLU B 425 14.10 39.94 23.82
N ILE B 426 13.09 40.06 22.97
CA ILE B 426 12.84 39.09 21.91
C ILE B 426 14.04 39.00 20.97
N ARG B 427 14.70 40.13 20.76
CA ARG B 427 15.86 40.21 19.89
C ARG B 427 17.06 39.46 20.46
N GLN B 428 17.29 39.63 21.77
CA GLN B 428 18.45 39.06 22.42
C GLN B 428 18.35 37.54 22.52
N ILE B 429 17.11 37.04 22.59
CA ILE B 429 16.87 35.60 22.67
C ILE B 429 17.15 34.91 21.34
N ILE B 430 16.81 35.58 20.25
CA ILE B 430 17.01 35.02 18.92
C ILE B 430 18.38 35.37 18.36
N GLY B 431 19.15 36.13 19.14
CA GLY B 431 20.54 36.44 18.79
C GLY B 431 20.70 37.34 17.58
N ALA B 432 19.86 38.36 17.49
CA ALA B 432 19.96 39.33 16.39
C ALA B 432 20.57 40.64 16.89
N ASP B 433 21.26 41.34 16.00
CA ASP B 433 21.84 42.63 16.33
C ASP B 433 20.77 43.71 16.32
N GLY B 434 19.73 43.47 15.54
CA GLY B 434 18.61 44.39 15.44
C GLY B 434 17.32 43.68 15.08
N LEU B 435 16.23 44.07 15.73
CA LEU B 435 14.93 43.47 15.45
C LEU B 435 13.85 44.54 15.35
N ILE B 436 13.06 44.49 14.29
CA ILE B 436 12.03 45.49 14.08
C ILE B 436 10.74 44.87 13.55
N PHE B 437 9.64 45.13 14.24
CA PHE B 437 8.34 44.60 13.86
C PHE B 437 7.53 45.61 13.06
N GLN B 438 6.65 45.11 12.20
CA GLN B 438 5.70 45.97 11.51
C GLN B 438 4.76 46.60 12.53
N ASP B 439 4.35 47.83 12.29
CA ASP B 439 3.36 48.46 13.17
C ASP B 439 1.96 48.04 12.73
N LEU B 440 1.13 47.68 13.70
CA LEU B 440 -0.21 47.17 13.43
C LEU B 440 -1.03 48.14 12.58
N ASN B 441 -0.92 49.42 12.90
CA ASN B 441 -1.64 50.45 12.16
C ASN B 441 -1.12 50.61 10.74
N ASP B 442 0.20 50.50 10.56
CA ASP B 442 0.80 50.54 9.23
C ASP B 442 0.32 49.36 8.40
N LEU B 443 0.21 48.20 9.05
CA LEU B 443 -0.29 47.00 8.39
C LEU B 443 -1.72 47.20 7.91
N ILE B 444 -2.54 47.81 8.75
CA ILE B 444 -3.93 48.10 8.40
C ILE B 444 -4.03 49.04 7.21
N ASP B 445 -3.23 50.10 7.25
CA ASP B 445 -3.22 51.09 6.17
C ASP B 445 -2.74 50.47 4.87
N ALA B 446 -1.76 49.58 4.96
CA ALA B 446 -1.22 48.90 3.80
C ALA B 446 -2.29 48.06 3.10
N VAL B 447 -3.16 47.46 3.90
CA VAL B 447 -4.25 46.63 3.37
C VAL B 447 -5.46 47.47 2.98
N ARG B 448 -5.82 48.42 3.83
CA ARG B 448 -6.95 49.31 3.59
C ARG B 448 -6.78 50.11 2.30
N ALA B 449 -5.52 50.34 1.92
CA ALA B 449 -5.22 51.12 0.73
C ALA B 449 -5.81 50.50 -0.53
N GLU B 450 -6.07 49.19 -0.47
CA GLU B 450 -6.61 48.47 -1.60
C GLU B 450 -8.14 48.44 -1.58
N ASN B 451 -8.72 48.68 -0.42
CA ASN B 451 -10.17 48.76 -0.26
C ASN B 451 -10.56 49.48 1.02
N PRO B 452 -10.59 50.83 0.98
CA PRO B 452 -10.91 51.69 2.12
C PRO B 452 -12.29 51.44 2.72
N ASP B 453 -13.17 50.79 1.96
CA ASP B 453 -14.50 50.46 2.46
C ASP B 453 -14.39 49.61 3.73
N ILE B 454 -13.31 48.85 3.83
CA ILE B 454 -13.02 48.07 5.02
C ILE B 454 -12.45 48.98 6.11
N GLN B 455 -13.22 49.16 7.18
CA GLN B 455 -12.84 50.06 8.26
C GLN B 455 -12.01 49.36 9.33
N GLN B 456 -12.42 48.15 9.71
CA GLN B 456 -11.72 47.41 10.75
C GLN B 456 -11.50 45.94 10.37
N PHE B 457 -10.30 45.44 10.61
CA PHE B 457 -9.98 44.04 10.38
C PHE B 457 -10.06 43.25 11.69
N GLU B 458 -9.86 41.94 11.60
CA GLU B 458 -9.82 41.07 12.77
C GLU B 458 -8.36 40.78 13.12
N CYS B 459 -7.87 41.38 14.20
CA CYS B 459 -6.44 41.36 14.51
C CYS B 459 -6.13 40.82 15.90
N SER B 460 -6.91 39.85 16.36
CA SER B 460 -6.80 39.34 17.73
C SER B 460 -5.40 38.87 18.10
N VAL B 461 -4.71 38.22 17.16
CA VAL B 461 -3.37 37.72 17.41
C VAL B 461 -2.38 38.84 17.69
N PHE B 462 -2.75 40.07 17.32
CA PHE B 462 -1.87 41.22 17.53
C PHE B 462 -2.28 42.04 18.75
N ASN B 463 -3.50 42.57 18.73
CA ASN B 463 -3.95 43.48 19.79
C ASN B 463 -4.77 42.78 20.88
N GLY B 464 -5.20 41.56 20.60
CA GLY B 464 -5.98 40.80 21.57
C GLY B 464 -7.42 41.26 21.70
N VAL B 465 -7.90 41.98 20.68
CA VAL B 465 -9.28 42.45 20.67
C VAL B 465 -10.14 41.57 19.77
N TYR B 466 -11.06 40.84 20.39
CA TYR B 466 -11.92 39.92 19.67
C TYR B 466 -13.24 40.58 19.29
N VAL B 467 -13.55 40.55 18.00
CA VAL B 467 -14.74 41.23 17.48
C VAL B 467 -16.04 40.51 17.85
N THR B 468 -15.92 39.24 18.24
CA THR B 468 -17.10 38.45 18.60
C THR B 468 -17.53 38.69 20.03
N LYS B 469 -16.63 39.23 20.85
CA LYS B 469 -16.99 39.73 22.18
C LYS B 469 -17.34 38.60 23.17
N ASP B 470 -16.95 37.38 22.86
CA ASP B 470 -17.33 36.24 23.71
C ASP B 470 -16.13 35.41 24.16
N VAL B 471 -14.98 36.06 24.34
CA VAL B 471 -13.77 35.33 24.72
C VAL B 471 -13.14 35.88 26.00
N ASP B 472 -12.94 34.99 26.98
CA ASP B 472 -12.23 35.35 28.21
C ASP B 472 -11.06 34.40 28.44
N GLN B 473 -10.34 34.61 29.53
CA GLN B 473 -9.24 33.73 29.90
C GLN B 473 -9.75 32.33 30.24
N GLY B 474 -11.03 32.26 30.61
CA GLY B 474 -11.67 31.00 30.93
C GLY B 474 -11.76 30.08 29.72
N TYR B 475 -12.18 30.64 28.60
CA TYR B 475 -12.28 29.90 27.35
C TYR B 475 -10.88 29.55 26.85
N LEU B 476 -9.94 30.48 27.03
CA LEU B 476 -8.55 30.28 26.63
C LEU B 476 -7.91 29.16 27.46
N ASP B 477 -8.11 29.21 28.77
CA ASP B 477 -7.62 28.15 29.65
C ASP B 477 -8.20 26.81 29.25
N PHE B 478 -9.48 26.80 28.89
CA PHE B 478 -10.17 25.59 28.48
C PHE B 478 -9.56 25.00 27.20
N LEU B 479 -9.40 25.86 26.19
CA LEU B 479 -8.89 25.41 24.89
C LEU B 479 -7.52 24.74 24.98
N ASP B 480 -6.71 25.18 25.94
CA ASP B 480 -5.41 24.57 26.17
C ASP B 480 -5.55 23.07 26.45
N THR B 481 -6.60 22.72 27.17
CA THR B 481 -6.86 21.33 27.51
C THR B 481 -7.96 20.73 26.62
N CYS C 2 10.85 -25.41 1.71
CA CYS C 2 10.91 -24.67 0.46
C CYS C 2 10.45 -25.52 -0.71
N GLY C 3 9.99 -24.86 -1.78
CA GLY C 3 9.54 -25.56 -2.96
C GLY C 3 9.94 -24.81 -4.22
N ILE C 4 10.31 -25.54 -5.26
CA ILE C 4 10.76 -24.92 -6.50
C ILE C 4 10.02 -25.43 -7.72
N VAL C 5 9.98 -24.62 -8.77
CA VAL C 5 9.35 -25.01 -10.03
C VAL C 5 9.99 -24.28 -11.20
N GLY C 6 10.22 -25.01 -12.28
CA GLY C 6 10.74 -24.42 -13.50
C GLY C 6 9.95 -24.93 -14.69
N ILE C 7 9.61 -24.02 -15.61
CA ILE C 7 8.86 -24.40 -16.80
C ILE C 7 9.53 -23.90 -18.07
N ALA C 8 9.72 -24.82 -19.01
CA ALA C 8 10.23 -24.47 -20.34
C ALA C 8 9.15 -24.75 -21.38
N GLY C 9 8.43 -23.71 -21.78
CA GLY C 9 7.30 -23.89 -22.67
C GLY C 9 7.39 -23.16 -24.00
N VAL C 10 6.26 -23.10 -24.70
CA VAL C 10 6.17 -22.46 -26.00
C VAL C 10 5.26 -21.24 -25.90
N MET C 11 4.65 -21.07 -24.74
CA MET C 11 3.74 -19.96 -24.48
C MET C 11 4.05 -19.33 -23.12
N PRO C 12 3.51 -18.13 -22.87
CA PRO C 12 3.71 -17.40 -21.61
C PRO C 12 3.51 -18.29 -20.39
N VAL C 13 4.46 -18.25 -19.45
CA VAL C 13 4.47 -19.18 -18.33
C VAL C 13 4.29 -18.50 -16.98
N ASN C 14 4.10 -17.19 -16.98
CA ASN C 14 3.99 -16.44 -15.73
C ASN C 14 2.81 -16.91 -14.88
N GLN C 15 1.66 -17.07 -15.53
CA GLN C 15 0.47 -17.57 -14.84
C GLN C 15 0.66 -19.01 -14.38
N SER C 16 1.26 -19.83 -15.26
CA SER C 16 1.48 -21.23 -14.96
C SER C 16 2.37 -21.43 -13.75
N ILE C 17 3.48 -20.70 -13.71
CA ILE C 17 4.38 -20.75 -12.56
C ILE C 17 3.68 -20.26 -11.30
N TYR C 18 2.81 -19.27 -11.47
CA TYR C 18 2.03 -18.74 -10.36
C TYR C 18 1.11 -19.81 -9.79
N ASP C 19 0.43 -20.54 -10.67
CA ASP C 19 -0.48 -21.60 -10.25
C ASP C 19 0.28 -22.77 -9.63
N ALA C 20 1.47 -23.04 -10.15
CA ALA C 20 2.29 -24.12 -9.63
C ALA C 20 2.76 -23.81 -8.21
N LEU C 21 3.14 -22.56 -7.98
CA LEU C 21 3.62 -22.13 -6.67
C LEU C 21 2.50 -22.17 -5.61
N THR C 22 1.26 -21.99 -6.05
CA THR C 22 0.13 -22.00 -5.12
C THR C 22 -0.12 -23.40 -4.56
N VAL C 23 -0.02 -24.41 -5.41
CA VAL C 23 -0.24 -25.79 -4.97
C VAL C 23 0.98 -26.31 -4.22
N LEU C 24 2.08 -25.56 -4.28
CA LEU C 24 3.29 -25.89 -3.54
C LEU C 24 3.45 -24.96 -2.35
N GLN C 25 2.46 -24.09 -2.14
CA GLN C 25 2.50 -23.06 -1.10
C GLN C 25 2.73 -23.62 0.29
N HIS C 26 2.40 -24.90 0.49
CA HIS C 26 2.56 -25.54 1.78
C HIS C 26 4.02 -25.78 2.12
N ARG C 27 4.91 -25.52 1.16
CA ARG C 27 6.33 -25.74 1.36
C ARG C 27 7.03 -24.48 1.86
N GLY C 28 6.28 -23.38 1.89
CA GLY C 28 6.83 -22.10 2.32
C GLY C 28 5.82 -20.98 2.20
N GLN C 29 5.64 -20.23 3.28
CA GLN C 29 4.68 -19.13 3.29
C GLN C 29 5.40 -17.82 3.60
N ASP C 30 6.71 -17.90 3.81
CA ASP C 30 7.50 -16.76 4.25
C ASP C 30 7.80 -15.80 3.10
N ALA C 31 8.17 -16.34 1.95
CA ALA C 31 8.48 -15.52 0.78
C ALA C 31 8.26 -16.30 -0.52
N ALA C 32 8.13 -15.57 -1.61
CA ALA C 32 7.94 -16.19 -2.93
C ALA C 32 8.65 -15.37 -4.00
N GLY C 33 9.08 -16.04 -5.07
CA GLY C 33 9.76 -15.36 -6.15
C GLY C 33 9.58 -16.03 -7.49
N ILE C 34 9.49 -15.22 -8.54
CA ILE C 34 9.39 -15.75 -9.90
C ILE C 34 10.31 -14.98 -10.84
N ILE C 35 10.99 -15.70 -11.72
CA ILE C 35 11.85 -15.06 -12.71
C ILE C 35 11.69 -15.76 -14.07
N THR C 36 11.46 -14.95 -15.11
CA THR C 36 11.28 -15.49 -16.45
C THR C 36 12.28 -14.85 -17.41
N ILE C 37 12.37 -15.39 -18.62
CA ILE C 37 13.20 -14.81 -19.66
C ILE C 37 12.34 -14.39 -20.84
N ASP C 38 12.44 -13.13 -21.25
CA ASP C 38 11.60 -12.62 -22.32
C ASP C 38 12.23 -12.82 -23.69
N ALA C 39 11.65 -12.16 -24.70
CA ALA C 39 12.10 -12.30 -26.08
C ALA C 39 13.44 -11.58 -26.31
N ASN C 40 13.72 -10.58 -25.49
CA ASN C 40 14.98 -9.85 -25.58
C ASN C 40 16.08 -10.54 -24.80
N ASN C 41 15.79 -11.76 -24.33
CA ASN C 41 16.72 -12.54 -23.53
C ASN C 41 17.15 -11.81 -22.26
N CYS C 42 16.16 -11.31 -21.52
CA CYS C 42 16.42 -10.59 -20.27
C CYS C 42 15.62 -11.19 -19.12
N PHE C 43 16.15 -11.06 -17.91
CA PHE C 43 15.48 -11.58 -16.73
C PHE C 43 14.41 -10.61 -16.22
N ARG C 44 13.18 -11.11 -16.13
CA ARG C 44 12.11 -10.36 -15.47
C ARG C 44 11.90 -10.99 -14.08
N LEU C 45 12.14 -10.21 -13.03
CA LEU C 45 12.13 -10.76 -11.68
C LEU C 45 11.10 -10.11 -10.77
N ARG C 46 10.50 -10.93 -9.91
CA ARG C 46 9.59 -10.46 -8.87
C ARG C 46 9.68 -11.37 -7.65
N LYS C 47 10.17 -10.82 -6.54
CA LYS C 47 10.31 -11.60 -5.31
C LYS C 47 10.19 -10.71 -4.08
N ALA C 48 9.52 -11.23 -3.06
CA ALA C 48 9.33 -10.49 -1.82
C ALA C 48 8.73 -11.40 -0.75
N ASN C 49 8.71 -10.92 0.49
CA ASN C 49 8.12 -11.68 1.59
C ASN C 49 6.61 -11.80 1.44
N GLY C 50 6.03 -12.83 2.06
CA GLY C 50 4.60 -13.03 2.02
C GLY C 50 4.16 -14.18 1.14
N LEU C 51 2.88 -14.53 1.25
CA LEU C 51 2.29 -15.62 0.45
C LEU C 51 2.37 -15.32 -1.04
N VAL C 52 2.21 -16.36 -1.86
CA VAL C 52 2.27 -16.22 -3.30
C VAL C 52 1.20 -15.26 -3.82
N SER C 53 0.01 -15.33 -3.22
CA SER C 53 -1.10 -14.48 -3.62
C SER C 53 -0.84 -13.01 -3.30
N ASP C 54 -0.06 -12.77 -2.25
CA ASP C 54 0.24 -11.41 -1.81
C ASP C 54 1.47 -10.83 -2.50
N VAL C 55 2.41 -11.71 -2.86
CA VAL C 55 3.66 -11.28 -3.46
C VAL C 55 3.52 -10.81 -4.90
N PHE C 56 2.73 -11.53 -5.68
CA PHE C 56 2.56 -11.22 -7.10
C PHE C 56 1.22 -10.55 -7.40
N GLU C 57 1.26 -9.25 -7.69
CA GLU C 57 0.07 -8.52 -8.08
C GLU C 57 0.02 -8.41 -9.60
N ALA C 58 -1.08 -7.88 -10.12
CA ALA C 58 -1.32 -7.84 -11.56
C ALA C 58 -0.23 -7.07 -12.30
N ARG C 59 0.32 -6.04 -11.66
CA ARG C 59 1.34 -5.20 -12.29
C ARG C 59 2.65 -5.96 -12.43
N HIS C 60 2.89 -6.91 -11.53
CA HIS C 60 4.11 -7.72 -11.58
C HIS C 60 4.01 -8.77 -12.66
N MET C 61 2.84 -9.40 -12.77
CA MET C 61 2.63 -10.47 -13.74
C MET C 61 2.78 -9.99 -15.18
N GLN C 62 2.53 -8.70 -15.40
CA GLN C 62 2.68 -8.13 -16.73
C GLN C 62 4.16 -7.92 -17.06
N ARG C 63 4.99 -7.88 -16.03
CA ARG C 63 6.43 -7.74 -16.21
C ARG C 63 7.08 -9.09 -16.47
N LEU C 64 6.45 -10.15 -15.97
CA LEU C 64 7.02 -11.50 -16.08
C LEU C 64 6.72 -12.16 -17.42
N GLN C 65 7.09 -11.47 -18.50
CA GLN C 65 6.90 -12.00 -19.85
C GLN C 65 7.93 -13.09 -20.16
N GLY C 66 7.56 -14.03 -21.02
CA GLY C 66 8.47 -15.09 -21.42
C GLY C 66 7.82 -16.47 -21.48
N ASN C 67 8.44 -17.38 -22.22
CA ASN C 67 7.94 -18.74 -22.35
C ASN C 67 8.70 -19.70 -21.45
N MET C 68 9.62 -19.17 -20.67
CA MET C 68 10.43 -19.96 -19.74
C MET C 68 10.71 -19.18 -18.46
N GLY C 69 10.76 -19.89 -17.34
CA GLY C 69 11.02 -19.27 -16.06
C GLY C 69 11.00 -20.25 -14.91
N ILE C 70 11.33 -19.76 -13.71
CA ILE C 70 11.37 -20.60 -12.52
C ILE C 70 10.78 -19.86 -11.32
N GLY C 71 10.21 -20.62 -10.39
CA GLY C 71 9.60 -20.05 -9.20
C GLY C 71 10.13 -20.67 -7.93
N HIS C 72 9.83 -20.05 -6.79
CA HIS C 72 10.33 -20.52 -5.50
C HIS C 72 9.49 -20.00 -4.35
N VAL C 73 9.16 -20.89 -3.42
CA VAL C 73 8.53 -20.50 -2.16
C VAL C 73 9.44 -20.93 -1.01
N ARG C 74 9.72 -20.00 -0.09
CA ARG C 74 10.71 -20.24 0.95
C ARG C 74 10.07 -20.53 2.31
N TYR C 75 10.45 -21.66 2.90
CA TYR C 75 10.04 -22.00 4.25
C TYR C 75 10.90 -21.20 5.23
N PRO C 76 10.26 -20.47 6.15
CA PRO C 76 10.85 -19.49 7.08
C PRO C 76 12.25 -19.87 7.57
N GLU C 85 17.45 -11.61 1.79
CA GLU C 85 16.96 -11.59 0.42
C GLU C 85 16.39 -12.95 0.03
N ALA C 86 15.31 -12.93 -0.75
CA ALA C 86 14.64 -14.17 -1.15
C ALA C 86 15.18 -14.71 -2.47
N GLN C 87 14.76 -15.91 -2.82
CA GLN C 87 15.11 -16.50 -4.10
C GLN C 87 14.03 -16.18 -5.13
N PRO C 88 14.36 -16.32 -6.43
CA PRO C 88 15.66 -16.78 -6.91
C PRO C 88 16.73 -15.70 -6.89
N PHE C 89 17.99 -16.11 -6.88
CA PHE C 89 19.11 -15.20 -7.07
C PHE C 89 19.56 -15.26 -8.53
N TYR C 90 20.35 -14.30 -8.96
CA TYR C 90 20.94 -14.35 -10.29
C TYR C 90 22.22 -13.54 -10.39
N VAL C 91 23.05 -13.89 -11.36
CA VAL C 91 24.29 -13.17 -11.63
C VAL C 91 24.34 -12.80 -13.11
N ASN C 92 25.10 -11.76 -13.44
CA ASN C 92 25.13 -11.26 -14.81
C ASN C 92 26.21 -11.95 -15.64
N SER C 93 27.20 -12.53 -14.98
CA SER C 93 28.30 -13.20 -15.66
C SER C 93 28.61 -14.55 -15.03
N PRO C 94 28.81 -15.58 -15.86
CA PRO C 94 28.73 -15.47 -17.32
C PRO C 94 27.33 -15.68 -17.88
N TYR C 95 27.06 -15.10 -19.04
CA TYR C 95 25.83 -15.35 -19.80
C TYR C 95 24.57 -14.83 -19.10
N GLY C 96 24.54 -14.93 -17.77
CA GLY C 96 23.36 -14.60 -17.01
C GLY C 96 22.71 -15.86 -16.48
N ILE C 97 22.80 -16.06 -15.17
CA ILE C 97 22.30 -17.28 -14.55
C ILE C 97 21.43 -16.99 -13.33
N THR C 98 20.26 -17.63 -13.28
CA THR C 98 19.40 -17.56 -12.11
C THR C 98 19.16 -18.96 -11.57
N LEU C 99 18.90 -19.07 -10.27
CA LEU C 99 18.74 -20.38 -9.65
C LEU C 99 17.90 -20.34 -8.38
N ALA C 100 16.97 -21.29 -8.28
CA ALA C 100 16.18 -21.49 -7.06
C ALA C 100 16.58 -22.82 -6.44
N HIS C 101 16.66 -22.87 -5.11
CA HIS C 101 17.19 -24.05 -4.44
C HIS C 101 16.39 -24.48 -3.21
N ASN C 102 16.09 -25.77 -3.14
CA ASN C 102 15.44 -26.35 -1.96
C ASN C 102 16.33 -27.41 -1.30
N GLY C 103 16.87 -27.08 -0.13
CA GLY C 103 17.76 -27.95 0.59
C GLY C 103 18.67 -27.17 1.52
N ASN C 104 19.87 -27.69 1.77
CA ASN C 104 20.82 -27.02 2.65
C ASN C 104 22.25 -27.52 2.43
N LEU C 105 23.20 -26.59 2.44
CA LEU C 105 24.61 -26.93 2.28
C LEU C 105 25.31 -27.01 3.64
N THR C 106 26.06 -28.07 3.86
CA THR C 106 26.70 -28.30 5.15
C THR C 106 28.15 -27.82 5.17
N ASN C 107 28.62 -27.31 4.04
CA ASN C 107 29.96 -26.73 3.95
C ASN C 107 29.91 -25.35 3.31
N ALA C 108 28.87 -24.60 3.66
CA ALA C 108 28.64 -23.27 3.07
C ALA C 108 29.76 -22.30 3.40
N HIS C 109 30.27 -22.37 4.63
CA HIS C 109 31.36 -21.48 5.04
C HIS C 109 32.62 -21.74 4.24
N GLU C 110 32.93 -23.02 4.03
CA GLU C 110 34.08 -23.39 3.21
C GLU C 110 33.90 -22.92 1.77
N LEU C 111 32.68 -23.09 1.25
CA LEU C 111 32.37 -22.71 -0.12
C LEU C 111 32.47 -21.19 -0.31
N ARG C 112 32.02 -20.44 0.70
CA ARG C 112 32.06 -18.98 0.64
C ARG C 112 33.50 -18.48 0.66
N LYS C 113 34.36 -19.18 1.39
CA LYS C 113 35.76 -18.82 1.49
C LYS C 113 36.48 -19.08 0.16
N LYS C 114 36.16 -20.19 -0.47
CA LYS C 114 36.77 -20.56 -1.75
C LYS C 114 36.37 -19.59 -2.85
N LEU C 115 35.09 -19.21 -2.89
CA LEU C 115 34.57 -18.34 -3.93
C LEU C 115 35.25 -16.96 -3.92
N PHE C 116 35.67 -16.51 -2.74
CA PHE C 116 36.32 -15.21 -2.62
C PHE C 116 37.82 -15.29 -2.91
N GLU C 117 38.48 -16.27 -2.30
CA GLU C 117 39.93 -16.42 -2.45
C GLU C 117 40.32 -16.92 -3.83
N GLU C 118 39.53 -17.85 -4.38
CA GLU C 118 39.88 -18.50 -5.64
C GLU C 118 39.32 -17.79 -6.88
N LYS C 119 38.13 -17.20 -6.75
CA LYS C 119 37.44 -16.64 -7.91
C LYS C 119 37.09 -15.17 -7.77
N ARG C 120 37.29 -14.61 -6.57
CA ARG C 120 36.97 -13.21 -6.31
C ARG C 120 35.47 -12.93 -6.45
N ARG C 121 34.66 -13.92 -6.13
CA ARG C 121 33.21 -13.74 -6.17
C ARG C 121 32.67 -13.37 -4.81
N HIS C 122 31.96 -12.25 -4.75
CA HIS C 122 31.38 -11.77 -3.50
C HIS C 122 30.04 -12.43 -3.20
N ILE C 123 29.85 -12.80 -1.94
CA ILE C 123 28.56 -13.28 -1.47
C ILE C 123 27.97 -12.24 -0.53
N ASN C 124 26.76 -11.77 -0.84
CA ASN C 124 26.17 -10.67 -0.11
C ASN C 124 25.12 -11.10 0.91
N THR C 125 24.60 -12.32 0.76
CA THR C 125 23.59 -12.82 1.69
C THR C 125 24.08 -14.06 2.44
N THR C 126 23.21 -14.61 3.28
CA THR C 126 23.54 -15.80 4.07
C THR C 126 22.98 -17.06 3.41
N SER C 127 22.05 -16.86 2.46
CA SER C 127 21.48 -17.96 1.71
C SER C 127 22.56 -18.71 0.93
N ASP C 128 22.59 -20.03 1.10
CA ASP C 128 23.55 -20.86 0.38
C ASP C 128 23.07 -21.14 -1.04
N SER C 129 21.94 -20.53 -1.39
CA SER C 129 21.44 -20.56 -2.76
C SER C 129 22.30 -19.65 -3.62
N GLU C 130 22.68 -18.51 -3.06
CA GLU C 130 23.58 -17.57 -3.72
C GLU C 130 24.97 -18.18 -3.84
N ILE C 131 25.35 -19.00 -2.86
CA ILE C 131 26.61 -19.72 -2.91
C ILE C 131 26.57 -20.78 -4.00
N LEU C 132 25.50 -21.57 -3.99
CA LEU C 132 25.30 -22.62 -4.98
C LEU C 132 25.28 -22.03 -6.39
N LEU C 133 24.57 -20.92 -6.54
CA LEU C 133 24.48 -20.21 -7.82
C LEU C 133 25.86 -19.79 -8.32
N ASN C 134 26.68 -19.26 -7.42
CA ASN C 134 28.01 -18.79 -7.78
C ASN C 134 28.99 -19.92 -8.05
N ILE C 135 28.89 -21.01 -7.29
CA ILE C 135 29.72 -22.19 -7.55
C ILE C 135 29.43 -22.70 -8.96
N PHE C 136 28.15 -22.72 -9.31
CA PHE C 136 27.72 -23.18 -10.63
C PHE C 136 28.15 -22.20 -11.70
N ALA C 137 28.01 -20.91 -11.41
CA ALA C 137 28.40 -19.85 -12.35
C ALA C 137 29.91 -19.85 -12.54
N SER C 138 30.64 -20.11 -11.46
CA SER C 138 32.09 -20.16 -11.51
C SER C 138 32.58 -21.25 -12.45
N GLU C 139 31.96 -22.42 -12.36
CA GLU C 139 32.30 -23.55 -13.21
C GLU C 139 32.01 -23.23 -14.68
N LEU C 140 30.90 -22.56 -14.93
CA LEU C 140 30.52 -22.17 -16.29
C LEU C 140 31.48 -21.12 -16.85
N ASP C 141 32.17 -20.41 -15.97
CA ASP C 141 33.09 -19.34 -16.36
C ASP C 141 34.32 -19.91 -17.05
N ASN C 142 34.61 -21.19 -16.79
CA ASN C 142 35.80 -21.83 -17.33
C ASN C 142 35.70 -22.12 -18.83
N PHE C 143 34.51 -21.96 -19.39
CA PHE C 143 34.30 -22.15 -20.82
C PHE C 143 34.27 -20.80 -21.53
N ARG C 144 34.88 -20.73 -22.71
CA ARG C 144 35.00 -19.46 -23.43
C ARG C 144 34.35 -19.49 -24.80
N HIS C 145 33.89 -20.66 -25.22
CA HIS C 145 33.22 -20.78 -26.52
C HIS C 145 31.72 -20.50 -26.37
N TYR C 146 31.05 -20.34 -27.49
CA TYR C 146 29.62 -20.02 -27.49
C TYR C 146 28.96 -20.48 -28.77
N PRO C 147 27.76 -21.08 -28.66
CA PRO C 147 27.08 -21.30 -27.36
C PRO C 147 27.64 -22.50 -26.61
N LEU C 148 27.38 -22.55 -25.31
CA LEU C 148 27.71 -23.72 -24.51
C LEU C 148 26.90 -24.91 -25.00
N GLU C 149 27.49 -26.11 -24.91
CA GLU C 149 26.80 -27.32 -25.30
C GLU C 149 26.37 -28.11 -24.07
N ALA C 150 25.51 -29.11 -24.28
CA ALA C 150 24.97 -29.92 -23.20
C ALA C 150 26.08 -30.51 -22.33
N ASP C 151 27.16 -30.95 -22.98
CA ASP C 151 28.27 -31.57 -22.28
C ASP C 151 29.00 -30.58 -21.37
N ASN C 152 29.12 -29.33 -21.84
CA ASN C 152 29.76 -28.29 -21.05
C ASN C 152 29.01 -28.03 -19.74
N ILE C 153 27.69 -27.94 -19.85
CA ILE C 153 26.82 -27.65 -18.72
C ILE C 153 26.83 -28.78 -17.68
N PHE C 154 26.72 -30.02 -18.16
CA PHE C 154 26.73 -31.18 -17.29
C PHE C 154 28.06 -31.33 -16.56
N ALA C 155 29.14 -30.95 -17.24
CA ALA C 155 30.46 -30.95 -16.62
C ALA C 155 30.50 -29.92 -15.50
N ALA C 156 29.86 -28.78 -15.73
CA ALA C 156 29.79 -27.71 -14.74
C ALA C 156 29.03 -28.14 -13.49
N ILE C 157 27.96 -28.90 -13.70
CA ILE C 157 27.15 -29.41 -12.61
C ILE C 157 27.88 -30.52 -11.86
N ALA C 158 28.62 -31.33 -12.60
CA ALA C 158 29.40 -32.41 -12.02
C ALA C 158 30.52 -31.84 -11.16
N ALA C 159 31.12 -30.76 -11.62
CA ALA C 159 32.16 -30.07 -10.88
C ALA C 159 31.61 -29.46 -9.61
N THR C 160 30.36 -28.99 -9.66
CA THR C 160 29.71 -28.40 -8.51
C THR C 160 29.44 -29.45 -7.43
N ASN C 161 29.00 -30.64 -7.85
CA ASN C 161 28.71 -31.72 -6.92
C ASN C 161 29.94 -32.18 -6.15
N ARG C 162 31.12 -31.94 -6.72
CA ARG C 162 32.37 -32.32 -6.08
C ARG C 162 32.80 -31.29 -5.02
N LEU C 163 32.30 -30.07 -5.17
CA LEU C 163 32.65 -28.98 -4.27
C LEU C 163 31.68 -28.84 -3.11
N ILE C 164 30.38 -28.81 -3.42
CA ILE C 164 29.36 -28.61 -2.40
C ILE C 164 29.00 -29.90 -1.67
N ARG C 165 28.47 -29.76 -0.46
CA ARG C 165 28.03 -30.89 0.35
C ARG C 165 26.66 -30.62 0.96
N GLY C 166 25.87 -31.67 1.18
CA GLY C 166 24.57 -31.53 1.79
C GLY C 166 23.45 -32.06 0.93
N ALA C 167 22.24 -31.52 1.11
CA ALA C 167 21.08 -31.91 0.31
C ALA C 167 20.59 -30.74 -0.52
N TYR C 168 20.19 -31.02 -1.75
CA TYR C 168 19.71 -29.95 -2.63
C TYR C 168 18.93 -30.43 -3.86
N ALA C 169 17.78 -29.80 -4.07
CA ALA C 169 17.06 -29.92 -5.33
C ALA C 169 17.03 -28.53 -5.97
N CYS C 170 17.61 -28.42 -7.15
CA CYS C 170 17.77 -27.11 -7.77
C CYS C 170 17.12 -27.02 -9.15
N VAL C 171 16.74 -25.80 -9.53
CA VAL C 171 16.32 -25.49 -10.88
C VAL C 171 16.94 -24.16 -11.27
N ALA C 172 17.45 -24.06 -12.49
CA ALA C 172 18.14 -22.85 -12.90
C ALA C 172 17.94 -22.56 -14.39
N MET C 173 18.24 -21.33 -14.78
CA MET C 173 18.18 -20.95 -16.19
C MET C 173 19.47 -20.24 -16.62
N ILE C 174 19.84 -20.41 -17.88
CA ILE C 174 21.00 -19.74 -18.43
C ILE C 174 20.59 -19.00 -19.70
N ILE C 175 20.81 -17.68 -19.71
CA ILE C 175 20.44 -16.84 -20.85
C ILE C 175 21.00 -17.38 -22.16
N GLY C 176 20.12 -17.56 -23.14
CA GLY C 176 20.53 -18.00 -24.46
C GLY C 176 20.91 -19.47 -24.56
N HIS C 177 20.49 -20.26 -23.57
CA HIS C 177 20.78 -21.69 -23.58
C HIS C 177 19.56 -22.52 -23.22
N GLY C 178 18.99 -22.26 -22.04
CA GLY C 178 17.81 -22.98 -21.59
C GLY C 178 17.80 -23.28 -20.11
N MET C 179 16.92 -24.19 -19.70
CA MET C 179 16.73 -24.51 -18.30
C MET C 179 17.49 -25.76 -17.88
N VAL C 180 18.02 -25.75 -16.65
CA VAL C 180 18.67 -26.91 -16.08
C VAL C 180 18.12 -27.20 -14.69
N ALA C 181 18.15 -28.47 -14.30
CA ALA C 181 17.71 -28.87 -12.97
C ALA C 181 18.48 -30.11 -12.53
N PHE C 182 18.88 -30.16 -11.26
CA PHE C 182 19.64 -31.29 -10.76
C PHE C 182 19.34 -31.59 -9.29
N ARG C 183 19.74 -32.77 -8.86
CA ARG C 183 19.42 -33.28 -7.53
C ARG C 183 20.68 -33.81 -6.85
N ASP C 184 20.73 -33.73 -5.52
CA ASP C 184 21.93 -34.15 -4.79
C ASP C 184 22.18 -35.65 -4.94
N PRO C 185 23.41 -36.08 -4.64
CA PRO C 185 23.87 -37.47 -4.79
C PRO C 185 23.09 -38.47 -3.93
N ASN C 186 22.35 -37.97 -2.93
CA ASN C 186 21.62 -38.86 -2.03
C ASN C 186 20.12 -38.84 -2.29
N GLY C 187 19.68 -37.97 -3.19
CA GLY C 187 18.28 -37.86 -3.53
C GLY C 187 17.43 -37.56 -2.31
N ILE C 188 17.93 -36.65 -1.47
CA ILE C 188 17.26 -36.33 -0.21
C ILE C 188 16.06 -35.41 -0.43
N ARG C 189 16.27 -34.32 -1.16
CA ARG C 189 15.20 -33.40 -1.49
C ARG C 189 14.49 -33.82 -2.78
N PRO C 190 13.15 -33.79 -2.77
CA PRO C 190 12.32 -34.27 -3.88
C PRO C 190 12.40 -33.39 -5.13
N LEU C 191 12.30 -34.02 -6.30
CA LEU C 191 12.31 -33.30 -7.57
C LEU C 191 11.79 -34.20 -8.67
N VAL C 192 10.73 -33.78 -9.35
CA VAL C 192 10.13 -34.59 -10.40
C VAL C 192 10.18 -33.89 -11.76
N LEU C 193 10.10 -34.67 -12.83
CA LEU C 193 10.10 -34.14 -14.19
C LEU C 193 8.81 -34.48 -14.90
N GLY C 194 8.26 -33.51 -15.63
CA GLY C 194 7.03 -33.70 -16.37
C GLY C 194 7.09 -33.12 -17.78
N LYS C 195 6.19 -33.59 -18.64
CA LYS C 195 6.12 -33.09 -20.00
C LYS C 195 4.70 -32.66 -20.34
N ARG C 196 4.53 -32.12 -21.55
CA ARG C 196 3.23 -31.66 -22.02
C ARG C 196 3.27 -31.35 -23.50
N ASP C 197 2.61 -32.19 -24.30
CA ASP C 197 2.65 -32.03 -25.75
C ASP C 197 1.55 -31.10 -26.25
N ILE C 198 1.96 -30.07 -27.00
CA ILE C 198 1.03 -29.16 -27.65
C ILE C 198 0.67 -29.73 -29.01
N ASP C 199 1.65 -29.76 -29.91
CA ASP C 199 1.55 -30.52 -31.14
C ASP C 199 2.73 -31.49 -31.18
N GLU C 200 2.91 -32.19 -32.30
CA GLU C 200 3.94 -33.21 -32.37
C GLU C 200 5.35 -32.61 -32.40
N ASN C 201 5.46 -31.34 -32.80
CA ASN C 201 6.76 -30.69 -32.88
C ASN C 201 7.03 -29.72 -31.74
N ARG C 202 6.03 -29.49 -30.90
CA ARG C 202 6.19 -28.61 -29.75
C ARG C 202 5.85 -29.35 -28.45
N THR C 203 6.84 -29.48 -27.58
CA THR C 203 6.66 -30.17 -26.31
C THR C 203 7.20 -29.37 -25.14
N GLU C 204 6.34 -29.08 -24.18
CA GLU C 204 6.75 -28.35 -22.99
C GLU C 204 7.26 -29.30 -21.91
N TYR C 205 8.25 -28.84 -21.15
CA TYR C 205 8.79 -29.60 -20.02
C TYR C 205 8.73 -28.76 -18.76
N MET C 206 8.62 -29.43 -17.61
CA MET C 206 8.67 -28.73 -16.33
C MET C 206 9.22 -29.64 -15.24
N VAL C 207 9.74 -29.02 -14.18
CA VAL C 207 10.21 -29.74 -13.01
C VAL C 207 9.64 -29.07 -11.76
N ALA C 208 9.47 -29.85 -10.70
CA ALA C 208 8.91 -29.31 -9.46
C ALA C 208 9.29 -30.17 -8.26
N SER C 209 9.00 -29.66 -7.06
CA SER C 209 9.30 -30.39 -5.84
C SER C 209 8.34 -31.56 -5.63
N GLU C 210 7.09 -31.36 -6.02
CA GLU C 210 6.08 -32.42 -5.91
C GLU C 210 5.30 -32.56 -7.20
N SER C 211 4.73 -33.75 -7.41
CA SER C 211 4.02 -34.06 -8.65
C SER C 211 2.72 -33.29 -8.79
N VAL C 212 2.21 -32.78 -7.67
CA VAL C 212 0.95 -32.03 -7.68
C VAL C 212 1.03 -30.79 -8.57
N ALA C 213 2.23 -30.22 -8.65
CA ALA C 213 2.45 -29.07 -9.52
C ALA C 213 2.31 -29.46 -10.98
N LEU C 214 2.79 -30.66 -11.30
CA LEU C 214 2.65 -31.20 -12.65
C LEU C 214 1.18 -31.44 -13.00
N ASP C 215 0.45 -32.04 -12.07
CA ASP C 215 -0.95 -32.37 -12.27
C ASP C 215 -1.82 -31.12 -12.46
N THR C 216 -1.57 -30.10 -11.64
CA THR C 216 -2.39 -28.90 -11.64
C THR C 216 -2.29 -28.12 -12.95
N LEU C 217 -1.20 -28.34 -13.68
CA LEU C 217 -0.96 -27.60 -14.92
C LEU C 217 -1.29 -28.44 -16.15
N GLY C 218 -1.60 -29.71 -15.94
CA GLY C 218 -1.94 -30.60 -17.03
C GLY C 218 -0.71 -31.18 -17.70
N PHE C 219 0.38 -31.28 -16.92
CA PHE C 219 1.61 -31.90 -17.41
C PHE C 219 1.64 -33.38 -17.10
N ASP C 220 2.06 -34.18 -18.07
CA ASP C 220 2.19 -35.61 -17.88
C ASP C 220 3.41 -35.94 -17.03
N PHE C 221 3.20 -36.74 -15.99
CA PHE C 221 4.31 -37.18 -15.14
C PHE C 221 5.24 -38.11 -15.92
N LEU C 222 6.52 -37.76 -15.96
CA LEU C 222 7.52 -38.59 -16.63
C LEU C 222 8.21 -39.51 -15.62
N ARG C 223 8.95 -38.92 -14.70
CA ARG C 223 9.69 -39.69 -13.70
C ARG C 223 10.37 -38.79 -12.67
N ASP C 224 10.70 -39.37 -11.51
CA ASP C 224 11.52 -38.68 -10.53
C ASP C 224 12.88 -38.39 -11.14
N VAL C 225 13.41 -37.20 -10.86
CA VAL C 225 14.79 -36.90 -11.24
C VAL C 225 15.72 -37.72 -10.35
N ALA C 226 16.49 -38.61 -10.96
CA ALA C 226 17.37 -39.51 -10.22
C ALA C 226 18.39 -38.74 -9.41
N PRO C 227 18.81 -39.32 -8.28
CA PRO C 227 19.86 -38.73 -7.43
C PRO C 227 21.15 -38.45 -8.20
N GLY C 228 21.66 -37.24 -8.08
CA GLY C 228 22.88 -36.86 -8.77
C GLY C 228 22.67 -36.57 -10.24
N GLU C 229 21.48 -36.88 -10.74
CA GLU C 229 21.14 -36.63 -12.14
C GLU C 229 20.90 -35.16 -12.39
N ALA C 230 21.11 -34.74 -13.64
CA ALA C 230 20.86 -33.35 -14.04
C ALA C 230 19.94 -33.31 -15.24
N ILE C 231 19.16 -32.24 -15.36
CA ILE C 231 18.25 -32.08 -16.49
C ILE C 231 18.58 -30.81 -17.26
N TYR C 232 18.43 -30.85 -18.58
CA TYR C 232 18.70 -29.68 -19.41
C TYR C 232 17.71 -29.58 -20.57
N ILE C 233 17.00 -28.46 -20.64
CA ILE C 233 16.07 -28.20 -21.73
C ILE C 233 16.47 -26.92 -22.45
N THR C 234 16.84 -27.05 -23.72
CA THR C 234 17.27 -25.91 -24.51
C THR C 234 16.12 -24.99 -24.84
N GLU C 235 16.43 -23.81 -25.39
CA GLU C 235 15.40 -22.87 -25.85
C GLU C 235 14.54 -23.53 -26.92
N GLU C 236 15.13 -24.46 -27.65
CA GLU C 236 14.46 -25.10 -28.78
C GLU C 236 13.64 -26.30 -28.34
N GLY C 237 13.64 -26.56 -27.03
CA GLY C 237 12.80 -27.60 -26.46
C GLY C 237 13.35 -29.01 -26.54
N GLN C 238 14.67 -29.13 -26.45
CA GLN C 238 15.32 -30.45 -26.48
C GLN C 238 15.72 -30.88 -25.08
N LEU C 239 15.53 -32.17 -24.78
CA LEU C 239 15.79 -32.69 -23.44
C LEU C 239 17.10 -33.46 -23.36
N PHE C 240 17.95 -33.09 -22.40
CA PHE C 240 19.17 -33.83 -22.12
C PHE C 240 19.18 -34.29 -20.67
N THR C 241 19.59 -35.54 -20.44
CA THR C 241 19.75 -36.07 -19.10
C THR C 241 21.13 -36.67 -18.94
N ARG C 242 21.67 -36.64 -17.73
CA ARG C 242 22.98 -37.25 -17.47
C ARG C 242 23.31 -37.31 -15.98
N GLN C 243 23.93 -38.42 -15.58
CA GLN C 243 24.38 -38.60 -14.21
C GLN C 243 25.60 -37.73 -13.93
N CYS C 244 25.43 -36.74 -13.04
CA CYS C 244 26.49 -35.79 -12.76
C CYS C 244 27.07 -35.95 -11.35
N ALA C 245 27.03 -37.18 -10.84
CA ALA C 245 27.51 -37.44 -9.50
C ALA C 245 28.26 -38.77 -9.40
N ASP C 246 29.16 -38.86 -8.41
CA ASP C 246 29.86 -40.10 -8.13
C ASP C 246 29.10 -40.92 -7.09
N ASN C 247 28.75 -42.14 -7.45
CA ASN C 247 28.07 -43.06 -6.53
C ASN C 247 26.77 -42.50 -5.98
N PRO C 248 25.79 -42.23 -6.85
CA PRO C 248 24.48 -41.74 -6.42
C PRO C 248 23.70 -42.80 -5.66
N VAL C 249 22.83 -42.35 -4.76
CA VAL C 249 22.01 -43.27 -3.97
C VAL C 249 20.64 -42.65 -3.72
N SER C 250 19.63 -43.50 -3.50
CA SER C 250 18.30 -43.01 -3.19
C SER C 250 18.07 -43.01 -1.68
N ASN C 251 18.27 -41.85 -1.06
CA ASN C 251 17.99 -41.67 0.34
C ASN C 251 16.99 -40.53 0.55
N PRO C 252 15.79 -40.67 -0.02
CA PRO C 252 14.77 -39.62 0.01
C PRO C 252 14.39 -39.24 1.44
N CYS C 253 14.03 -37.97 1.65
CA CYS C 253 13.63 -37.50 2.96
C CYS C 253 12.40 -38.26 3.44
N LEU C 254 12.56 -38.97 4.55
CA LEU C 254 11.47 -39.76 5.11
C LEU C 254 10.34 -38.87 5.62
N PHE C 255 10.70 -37.68 6.11
CA PHE C 255 9.73 -36.80 6.72
C PHE C 255 8.81 -36.14 5.70
N GLU C 256 9.23 -36.16 4.43
CA GLU C 256 8.37 -35.68 3.35
C GLU C 256 7.07 -36.47 3.34
N TYR C 257 7.19 -37.78 3.49
CA TYR C 257 6.04 -38.66 3.49
C TYR C 257 5.21 -38.51 4.78
N VAL C 258 5.88 -38.11 5.86
CA VAL C 258 5.23 -38.01 7.16
C VAL C 258 4.34 -36.77 7.29
N TYR C 259 4.80 -35.65 6.74
CA TYR C 259 4.08 -34.39 6.93
C TYR C 259 4.21 -33.38 5.79
N PHE C 260 5.45 -33.00 5.48
CA PHE C 260 5.71 -31.86 4.60
C PHE C 260 5.13 -31.99 3.18
N ALA C 261 5.23 -33.17 2.60
CA ALA C 261 4.73 -33.37 1.23
C ALA C 261 3.21 -33.41 1.19
N ARG C 262 2.65 -33.17 0.00
CA ARG C 262 1.21 -33.30 -0.20
C ARG C 262 0.81 -34.76 -0.36
N PRO C 263 -0.36 -35.12 0.20
CA PRO C 263 -0.84 -36.52 0.14
C PRO C 263 -1.06 -37.02 -1.28
N ASP C 264 -1.38 -36.11 -2.21
CA ASP C 264 -1.60 -36.50 -3.59
C ASP C 264 -0.33 -36.40 -4.43
N SER C 265 0.82 -36.32 -3.76
CA SER C 265 2.10 -36.31 -4.43
C SER C 265 2.73 -37.70 -4.47
N PHE C 266 3.44 -37.98 -5.56
CA PHE C 266 4.14 -39.25 -5.70
C PHE C 266 5.65 -39.03 -5.70
N ILE C 267 6.26 -39.23 -4.54
CA ILE C 267 7.70 -38.98 -4.38
C ILE C 267 8.49 -40.27 -4.47
N ASP C 268 9.31 -40.40 -5.51
CA ASP C 268 10.10 -41.59 -5.76
C ASP C 268 9.21 -42.83 -5.89
N LYS C 269 8.11 -42.68 -6.61
CA LYS C 269 7.17 -43.77 -6.84
C LYS C 269 6.56 -44.28 -5.54
N ILE C 270 6.35 -43.36 -4.60
CA ILE C 270 5.68 -43.67 -3.34
C ILE C 270 4.55 -42.68 -3.08
N SER C 271 3.32 -43.16 -3.19
CA SER C 271 2.16 -42.33 -2.87
C SER C 271 2.20 -41.89 -1.41
N VAL C 272 2.25 -40.57 -1.20
CA VAL C 272 2.29 -40.01 0.15
C VAL C 272 1.06 -40.41 0.95
N TYR C 273 -0.09 -40.40 0.29
CA TYR C 273 -1.35 -40.76 0.92
C TYR C 273 -1.35 -42.21 1.38
N SER C 274 -1.03 -43.12 0.46
CA SER C 274 -0.95 -44.54 0.77
C SER C 274 0.06 -44.80 1.88
N ALA C 275 1.14 -44.02 1.88
CA ALA C 275 2.17 -44.14 2.89
C ALA C 275 1.63 -43.79 4.27
N ARG C 276 0.89 -42.70 4.35
CA ARG C 276 0.34 -42.21 5.62
C ARG C 276 -0.76 -43.12 6.15
N VAL C 277 -1.41 -43.85 5.26
CA VAL C 277 -2.38 -44.87 5.68
C VAL C 277 -1.65 -46.02 6.36
N ASN C 278 -0.60 -46.48 5.71
CA ASN C 278 0.21 -47.58 6.22
C ASN C 278 0.81 -47.26 7.59
N MET C 279 1.17 -46.01 7.80
CA MET C 279 1.69 -45.56 9.10
C MET C 279 0.64 -45.77 10.18
N GLY C 280 -0.59 -45.39 9.87
CA GLY C 280 -1.71 -45.60 10.78
C GLY C 280 -1.91 -47.07 11.05
N THR C 281 -1.75 -47.90 10.02
CA THR C 281 -1.87 -49.34 10.16
C THR C 281 -0.79 -49.87 11.10
N LYS C 282 0.42 -49.37 10.94
CA LYS C 282 1.55 -49.75 11.79
C LYS C 282 1.33 -49.28 13.23
N LEU C 283 0.96 -48.01 13.38
CA LEU C 283 0.78 -47.42 14.70
C LEU C 283 -0.44 -48.01 15.41
N GLY C 284 -1.46 -48.38 14.64
CA GLY C 284 -2.66 -48.97 15.20
C GLY C 284 -2.39 -50.36 15.73
N GLU C 285 -1.60 -51.14 14.98
CA GLU C 285 -1.25 -52.50 15.37
C GLU C 285 -0.37 -52.50 16.61
N LYS C 286 0.49 -51.48 16.74
CA LYS C 286 1.38 -51.39 17.90
C LYS C 286 0.61 -51.09 19.17
N ILE C 287 -0.43 -50.25 19.04
CA ILE C 287 -1.27 -49.89 20.17
C ILE C 287 -2.07 -51.10 20.64
N ALA C 288 -2.47 -51.94 19.69
CA ALA C 288 -3.20 -53.16 20.01
C ALA C 288 -2.33 -54.09 20.84
N ARG C 289 -1.03 -54.08 20.58
CA ARG C 289 -0.10 -54.95 21.28
C ARG C 289 0.35 -54.39 22.62
N GLU C 290 0.88 -53.17 22.60
CA GLU C 290 1.49 -52.58 23.78
C GLU C 290 0.48 -51.88 24.69
N TRP C 291 -0.72 -51.65 24.18
CA TRP C 291 -1.80 -51.05 24.98
C TRP C 291 -3.05 -51.92 24.95
N GLU C 292 -2.90 -53.20 25.28
CA GLU C 292 -4.00 -54.15 25.21
C GLU C 292 -5.07 -53.89 26.27
N ASP C 293 -4.67 -53.28 27.38
CA ASP C 293 -5.60 -52.97 28.45
C ASP C 293 -6.24 -51.60 28.27
N LEU C 294 -5.85 -50.89 27.22
CA LEU C 294 -6.34 -49.54 26.97
C LEU C 294 -7.84 -49.52 26.73
N ASP C 295 -8.53 -48.63 27.45
CA ASP C 295 -9.97 -48.48 27.30
C ASP C 295 -10.32 -47.10 26.74
N ILE C 296 -10.38 -47.00 25.41
CA ILE C 296 -10.75 -45.76 24.76
C ILE C 296 -12.16 -45.86 24.17
N ASP C 297 -12.83 -44.71 24.08
CA ASP C 297 -14.20 -44.66 23.56
C ASP C 297 -14.20 -44.19 22.10
N VAL C 298 -13.22 -43.39 21.73
CA VAL C 298 -13.18 -42.79 20.41
C VAL C 298 -11.77 -42.38 20.00
N VAL C 299 -11.49 -42.47 18.70
CA VAL C 299 -10.22 -42.01 18.15
C VAL C 299 -10.42 -40.66 17.46
N ILE C 300 -9.66 -39.65 17.90
CA ILE C 300 -9.82 -38.30 17.38
C ILE C 300 -8.53 -37.79 16.75
N PRO C 301 -8.59 -37.39 15.48
CA PRO C 301 -7.43 -36.87 14.76
C PRO C 301 -7.19 -35.40 15.04
N ILE C 302 -5.97 -34.94 14.85
CA ILE C 302 -5.67 -33.51 14.93
C ILE C 302 -5.40 -32.97 13.53
N PRO C 303 -6.33 -32.15 13.02
CA PRO C 303 -6.32 -31.65 11.64
C PRO C 303 -5.01 -30.97 11.27
N GLU C 304 -4.58 -31.15 10.02
CA GLU C 304 -5.34 -31.92 9.04
C GLU C 304 -4.56 -33.14 8.55
N THR C 305 -3.29 -33.23 8.92
CA THR C 305 -2.41 -34.28 8.42
C THR C 305 -2.76 -35.67 8.99
N SER C 306 -3.24 -35.69 10.22
CA SER C 306 -3.45 -36.95 10.93
C SER C 306 -4.88 -37.49 10.80
N CYS C 307 -5.64 -36.94 9.86
CA CYS C 307 -7.03 -37.35 9.68
C CYS C 307 -7.16 -38.77 9.13
N ASP C 308 -6.48 -39.04 8.03
CA ASP C 308 -6.55 -40.35 7.39
C ASP C 308 -5.62 -41.36 8.06
N ILE C 309 -4.75 -40.88 8.93
CA ILE C 309 -3.90 -41.76 9.72
C ILE C 309 -4.70 -42.31 10.90
N ALA C 310 -5.36 -41.42 11.62
CA ALA C 310 -6.18 -41.79 12.77
C ALA C 310 -7.39 -42.62 12.32
N LEU C 311 -7.84 -42.39 11.10
CA LEU C 311 -8.95 -43.15 10.54
C LEU C 311 -8.57 -44.62 10.43
N GLU C 312 -7.36 -44.87 9.95
CA GLU C 312 -6.82 -46.22 9.85
C GLU C 312 -6.60 -46.82 11.24
N ILE C 313 -6.14 -45.99 12.16
CA ILE C 313 -5.90 -46.42 13.53
C ILE C 313 -7.19 -46.86 14.21
N ALA C 314 -8.28 -46.15 13.91
CA ALA C 314 -9.58 -46.51 14.43
C ALA C 314 -10.05 -47.85 13.85
N ARG C 315 -9.71 -48.09 12.58
CA ARG C 315 -10.05 -49.33 11.91
C ARG C 315 -9.38 -50.52 12.62
N ILE C 316 -8.07 -50.41 12.80
CA ILE C 316 -7.27 -51.45 13.43
C ILE C 316 -7.71 -51.72 14.87
N LEU C 317 -8.18 -50.68 15.56
CA LEU C 317 -8.60 -50.81 16.95
C LEU C 317 -10.07 -51.20 17.07
N GLY C 318 -10.83 -51.00 16.00
CA GLY C 318 -12.25 -51.32 16.01
C GLY C 318 -13.07 -50.29 16.76
N LYS C 319 -12.43 -49.15 17.05
CA LYS C 319 -13.09 -48.05 17.73
C LYS C 319 -13.66 -47.06 16.71
N PRO C 320 -14.59 -46.21 17.15
CA PRO C 320 -15.17 -45.19 16.27
C PRO C 320 -14.24 -44.01 16.03
N TYR C 321 -14.37 -43.39 14.86
CA TYR C 321 -13.57 -42.22 14.50
C TYR C 321 -14.45 -40.99 14.35
N ARG C 322 -14.14 -39.93 15.07
CA ARG C 322 -14.96 -38.73 15.04
C ARG C 322 -14.17 -37.42 15.05
N GLN C 323 -14.64 -36.47 14.26
CA GLN C 323 -14.04 -35.14 14.20
C GLN C 323 -14.19 -34.39 15.52
N GLY C 324 -13.16 -34.50 16.37
CA GLY C 324 -13.19 -33.86 17.67
C GLY C 324 -12.70 -32.42 17.62
N PHE C 325 -11.81 -32.14 16.67
CA PHE C 325 -11.26 -30.80 16.52
C PHE C 325 -11.56 -30.23 15.14
N VAL C 326 -11.84 -28.93 15.10
CA VAL C 326 -12.06 -28.23 13.85
C VAL C 326 -11.09 -27.07 13.70
N LYS C 327 -10.12 -27.21 12.79
CA LYS C 327 -9.17 -26.15 12.52
C LYS C 327 -9.82 -25.01 11.75
N ASN C 328 -9.53 -23.77 12.16
CA ASN C 328 -10.05 -22.61 11.45
C ASN C 328 -9.33 -22.39 10.14
N ARG C 329 -10.09 -22.24 9.07
CA ARG C 329 -9.51 -22.11 7.73
C ARG C 329 -8.81 -20.77 7.53
N TYR C 330 -8.97 -19.87 8.48
CA TYR C 330 -8.42 -18.53 8.34
C TYR C 330 -7.46 -18.16 9.47
N VAL C 331 -6.34 -17.55 9.11
CA VAL C 331 -5.33 -17.15 10.09
C VAL C 331 -5.68 -15.80 10.72
N GLY C 332 -5.52 -15.72 12.03
CA GLY C 332 -5.84 -14.49 12.75
C GLY C 332 -4.65 -13.90 13.47
N ARG C 333 -4.26 -12.69 13.09
CA ARG C 333 -3.15 -11.99 13.71
C ARG C 333 -3.49 -11.56 15.13
N THR C 334 -2.48 -11.55 16.00
CA THR C 334 -2.65 -11.05 17.36
C THR C 334 -1.78 -9.81 17.58
N PHE C 335 -2.35 -8.80 18.22
CA PHE C 335 -1.69 -7.51 18.35
C PHE C 335 -1.10 -7.28 19.74
N ILE C 336 -0.75 -6.03 20.02
CA ILE C 336 -0.18 -5.65 21.31
C ILE C 336 -1.02 -4.56 21.98
N VAL C 347 -2.88 -21.94 20.37
CA VAL C 347 -3.46 -22.96 19.50
C VAL C 347 -4.97 -22.83 19.41
N ARG C 348 -5.57 -22.25 20.45
CA ARG C 348 -7.00 -22.03 20.49
C ARG C 348 -7.45 -21.17 19.31
N ARG C 349 -6.51 -20.38 18.78
CA ARG C 349 -6.78 -19.49 17.66
C ARG C 349 -7.00 -20.27 16.37
N LYS C 350 -6.35 -21.42 16.26
CA LYS C 350 -6.44 -22.23 15.05
C LYS C 350 -7.34 -23.46 15.22
N LEU C 351 -7.37 -24.00 16.44
CA LEU C 351 -8.18 -25.18 16.72
C LEU C 351 -9.35 -24.89 17.65
N ASN C 352 -10.49 -25.52 17.36
CA ASN C 352 -11.65 -25.44 18.23
C ASN C 352 -12.18 -26.84 18.53
N ALA C 353 -12.52 -27.09 19.80
CA ALA C 353 -12.94 -28.41 20.22
C ALA C 353 -14.45 -28.60 20.12
N ASN C 354 -14.87 -29.62 19.37
CA ASN C 354 -16.26 -30.01 19.33
C ASN C 354 -16.62 -30.69 20.64
N ARG C 355 -17.05 -29.90 21.61
CA ARG C 355 -17.21 -30.34 23.00
C ARG C 355 -18.26 -31.42 23.22
N ALA C 356 -18.74 -32.03 22.14
CA ALA C 356 -19.71 -33.12 22.27
C ALA C 356 -19.05 -34.47 22.06
N GLU C 357 -17.83 -34.46 21.52
CA GLU C 357 -17.13 -35.70 21.19
C GLU C 357 -16.09 -36.07 22.24
N PHE C 358 -15.94 -35.23 23.26
CA PHE C 358 -14.98 -35.48 24.33
C PHE C 358 -15.68 -35.78 25.65
N ARG C 359 -16.86 -35.20 25.84
CA ARG C 359 -17.55 -35.21 27.12
C ARG C 359 -17.72 -36.61 27.73
N ASP C 360 -17.04 -36.82 28.85
CA ASP C 360 -17.13 -38.07 29.59
C ASP C 360 -16.68 -39.26 28.76
N LYS C 361 -15.60 -39.07 28.01
CA LYS C 361 -15.03 -40.13 27.19
C LYS C 361 -13.52 -40.25 27.39
N ASN C 362 -13.00 -41.46 27.22
CA ASN C 362 -11.57 -41.66 27.14
C ASN C 362 -11.13 -41.61 25.68
N VAL C 363 -10.39 -40.57 25.32
CA VAL C 363 -10.09 -40.31 23.91
C VAL C 363 -8.65 -40.64 23.53
N LEU C 364 -8.49 -41.09 22.29
CA LEU C 364 -7.16 -41.29 21.71
C LEU C 364 -6.90 -40.21 20.65
N LEU C 365 -6.04 -39.25 20.98
CA LEU C 365 -5.71 -38.19 20.04
C LEU C 365 -4.55 -38.62 19.15
N VAL C 366 -4.62 -38.25 17.88
CA VAL C 366 -3.59 -38.64 16.92
C VAL C 366 -2.95 -37.43 16.25
N ASP C 367 -1.72 -37.12 16.64
CA ASP C 367 -0.96 -36.06 15.99
C ASP C 367 0.15 -36.68 15.15
N ASP C 368 0.62 -35.95 14.15
CA ASP C 368 1.61 -36.48 13.22
C ASP C 368 3.02 -36.49 13.82
N SER C 369 3.25 -35.66 14.83
CA SER C 369 4.58 -35.55 15.43
C SER C 369 4.60 -34.72 16.71
N ILE C 370 5.71 -34.83 17.44
CA ILE C 370 5.96 -34.01 18.61
C ILE C 370 7.37 -33.46 18.55
N VAL C 371 7.50 -32.13 18.55
CA VAL C 371 8.80 -31.48 18.44
C VAL C 371 9.20 -30.81 19.74
N ARG C 372 8.51 -29.72 20.07
CA ARG C 372 8.77 -29.00 21.32
C ARG C 372 7.92 -29.55 22.46
N GLY C 373 6.71 -30.01 22.11
CA GLY C 373 5.79 -30.53 23.10
C GLY C 373 4.77 -29.49 23.53
N THR C 374 4.83 -28.33 22.89
CA THR C 374 3.93 -27.23 23.22
C THR C 374 2.53 -27.45 22.67
N THR C 375 2.46 -27.77 21.38
CA THR C 375 1.19 -28.01 20.70
C THR C 375 0.38 -29.11 21.38
N SER C 376 1.05 -30.22 21.68
CA SER C 376 0.40 -31.39 22.26
C SER C 376 -0.16 -31.10 23.64
N GLU C 377 0.61 -30.41 24.46
CA GLU C 377 0.19 -30.08 25.83
C GLU C 377 -1.11 -29.29 25.84
N GLN C 378 -1.16 -28.22 25.05
CA GLN C 378 -2.34 -27.36 24.99
C GLN C 378 -3.53 -28.10 24.42
N ILE C 379 -3.30 -28.89 23.38
CA ILE C 379 -4.36 -29.68 22.75
C ILE C 379 -4.97 -30.67 23.73
N ILE C 380 -4.13 -31.31 24.54
CA ILE C 380 -4.59 -32.26 25.55
C ILE C 380 -5.43 -31.54 26.60
N GLU C 381 -5.02 -30.33 26.96
CA GLU C 381 -5.77 -29.53 27.92
C GLU C 381 -7.13 -29.18 27.33
N MET C 382 -7.16 -28.91 26.03
CA MET C 382 -8.41 -28.62 25.33
C MET C 382 -9.34 -29.82 25.37
N ALA C 383 -8.76 -31.01 25.38
CA ALA C 383 -9.55 -32.25 25.44
C ALA C 383 -10.22 -32.41 26.80
N ARG C 384 -9.47 -32.12 27.87
CA ARG C 384 -10.02 -32.19 29.22
C ARG C 384 -11.05 -31.10 29.44
N GLU C 385 -10.81 -29.94 28.85
CA GLU C 385 -11.72 -28.81 28.94
C GLU C 385 -13.08 -29.18 28.34
N ALA C 386 -13.05 -30.05 27.35
CA ALA C 386 -14.27 -30.51 26.68
C ALA C 386 -14.93 -31.65 27.43
N GLY C 387 -14.36 -32.01 28.58
CA GLY C 387 -14.96 -33.02 29.43
C GLY C 387 -14.48 -34.44 29.19
N ALA C 388 -13.34 -34.59 28.54
CA ALA C 388 -12.77 -35.90 28.29
C ALA C 388 -12.14 -36.47 29.57
N LYS C 389 -12.48 -37.72 29.88
CA LYS C 389 -11.96 -38.38 31.07
C LYS C 389 -10.45 -38.61 30.98
N LYS C 390 -10.05 -39.43 30.02
CA LYS C 390 -8.64 -39.75 29.83
C LYS C 390 -8.17 -39.36 28.43
N VAL C 391 -7.02 -38.69 28.37
CA VAL C 391 -6.46 -38.24 27.10
C VAL C 391 -5.17 -38.97 26.78
N TYR C 392 -5.21 -39.79 25.73
CA TYR C 392 -4.01 -40.48 25.26
C TYR C 392 -3.53 -39.86 23.96
N LEU C 393 -2.24 -39.96 23.69
CA LEU C 393 -1.66 -39.33 22.50
C LEU C 393 -0.77 -40.28 21.71
N ALA C 394 -1.11 -40.47 20.44
CA ALA C 394 -0.30 -41.27 19.55
C ALA C 394 0.36 -40.40 18.49
N SER C 395 1.66 -40.59 18.30
CA SER C 395 2.42 -39.83 17.30
C SER C 395 2.70 -40.68 16.08
N ALA C 396 2.34 -40.18 14.90
CA ALA C 396 2.56 -40.89 13.65
C ALA C 396 4.05 -41.01 13.34
N ALA C 397 4.86 -40.12 13.92
CA ALA C 397 6.29 -40.14 13.71
C ALA C 397 7.03 -40.50 14.99
N PRO C 398 8.18 -41.17 14.86
CA PRO C 398 9.02 -41.54 16.01
C PRO C 398 9.53 -40.33 16.78
N GLU C 399 10.22 -40.56 17.89
CA GLU C 399 10.77 -39.47 18.68
C GLU C 399 11.75 -38.64 17.86
N ILE C 400 11.60 -37.32 17.89
CA ILE C 400 12.49 -36.42 17.17
C ILE C 400 13.58 -35.89 18.10
N ARG C 401 14.80 -36.43 17.95
CA ARG C 401 15.88 -36.12 18.89
C ARG C 401 17.07 -35.39 18.27
N PHE C 402 17.13 -35.35 16.94
CA PHE C 402 18.30 -34.78 16.27
C PHE C 402 17.94 -33.70 15.26
N PRO C 403 18.85 -32.74 15.07
CA PRO C 403 18.68 -31.63 14.12
C PRO C 403 18.74 -32.08 12.67
N ASN C 404 18.00 -31.38 11.80
CA ASN C 404 18.07 -31.64 10.37
C ASN C 404 18.88 -30.56 9.66
N VAL C 405 19.94 -30.98 8.97
CA VAL C 405 20.81 -30.04 8.27
C VAL C 405 20.69 -30.19 6.75
N TYR C 406 19.54 -30.70 6.30
CA TYR C 406 19.35 -31.02 4.89
C TYR C 406 18.23 -30.21 4.24
N GLY C 407 17.81 -29.14 4.90
CA GLY C 407 16.82 -28.25 4.32
C GLY C 407 15.45 -28.31 4.96
N ILE C 408 15.40 -28.64 6.24
CA ILE C 408 14.14 -28.66 6.97
C ILE C 408 14.19 -27.71 8.17
N ASP C 409 13.30 -26.72 8.17
CA ASP C 409 13.28 -25.74 9.25
C ASP C 409 12.63 -26.33 10.50
N MET C 410 13.44 -26.51 11.53
CA MET C 410 12.99 -27.03 12.82
C MET C 410 13.75 -26.32 13.93
N PRO C 411 13.11 -26.17 15.09
CA PRO C 411 13.77 -25.50 16.23
C PRO C 411 15.04 -26.22 16.66
N SER C 412 15.90 -25.55 17.42
CA SER C 412 17.18 -26.12 17.84
C SER C 412 16.97 -27.41 18.64
N ALA C 413 18.02 -28.22 18.72
CA ALA C 413 17.97 -29.46 19.47
C ALA C 413 17.71 -29.19 20.95
N THR C 414 18.11 -28.01 21.41
CA THR C 414 17.90 -27.59 22.78
C THR C 414 16.42 -27.43 23.10
N GLU C 415 15.62 -27.19 22.05
CA GLU C 415 14.19 -26.98 22.22
C GLU C 415 13.40 -28.28 22.06
N LEU C 416 14.05 -29.29 21.48
CA LEU C 416 13.41 -30.59 21.30
C LEU C 416 13.12 -31.24 22.64
N ILE C 417 11.87 -31.62 22.86
CA ILE C 417 11.43 -32.16 24.14
C ILE C 417 11.83 -33.62 24.33
N ALA C 418 11.98 -34.34 23.22
CA ALA C 418 12.29 -35.75 23.26
C ALA C 418 13.78 -36.01 23.51
N HIS C 419 14.60 -34.99 23.26
CA HIS C 419 16.05 -35.11 23.42
C HIS C 419 16.47 -35.20 24.89
N GLY C 420 17.04 -36.33 25.27
CA GLY C 420 17.54 -36.52 26.63
C GLY C 420 16.48 -37.06 27.57
N ARG C 421 15.23 -36.97 27.15
CA ARG C 421 14.11 -37.47 27.95
C ARG C 421 13.54 -38.75 27.37
N GLU C 422 12.93 -39.58 28.21
CA GLU C 422 12.33 -40.82 27.76
C GLU C 422 10.82 -40.64 27.58
N VAL C 423 10.16 -41.67 27.07
CA VAL C 423 8.75 -41.58 26.68
C VAL C 423 7.82 -41.14 27.80
N ASP C 424 8.00 -41.70 28.99
CA ASP C 424 7.14 -41.38 30.12
C ASP C 424 7.32 -39.94 30.57
N GLU C 425 8.57 -39.49 30.65
CA GLU C 425 8.86 -38.11 31.03
C GLU C 425 8.25 -37.13 30.05
N ILE C 426 8.33 -37.47 28.76
CA ILE C 426 7.69 -36.68 27.72
C ILE C 426 6.19 -36.61 27.93
N ARG C 427 5.58 -37.78 28.06
CA ARG C 427 4.14 -37.90 28.32
C ARG C 427 3.71 -37.08 29.52
N GLN C 428 4.61 -36.92 30.47
CA GLN C 428 4.30 -36.25 31.74
C GLN C 428 4.45 -34.73 31.61
N ILE C 429 5.31 -34.29 30.70
CA ILE C 429 5.49 -32.86 30.46
C ILE C 429 4.30 -32.27 29.72
N ILE C 430 3.81 -33.01 28.72
CA ILE C 430 2.66 -32.58 27.95
C ILE C 430 1.37 -32.92 28.70
N GLY C 431 1.51 -33.63 29.81
CA GLY C 431 0.39 -33.98 30.65
C GLY C 431 -0.63 -34.87 29.97
N ALA C 432 -0.16 -36.02 29.49
CA ALA C 432 -1.04 -37.01 28.88
C ALA C 432 -1.12 -38.26 29.74
N ASP C 433 -2.26 -38.93 29.71
CA ASP C 433 -2.43 -40.17 30.47
C ASP C 433 -1.70 -41.32 29.77
N GLY C 434 -1.44 -41.14 28.49
CA GLY C 434 -0.71 -42.13 27.71
C GLY C 434 -0.05 -41.52 26.48
N LEU C 435 1.23 -41.83 26.30
CA LEU C 435 1.97 -41.34 25.14
C LEU C 435 2.68 -42.48 24.44
N ILE C 436 2.39 -42.67 23.16
CA ILE C 436 3.02 -43.73 22.37
C ILE C 436 3.52 -43.19 21.02
N PHE C 437 4.71 -43.62 20.64
CA PHE C 437 5.32 -43.17 19.40
C PHE C 437 5.33 -44.26 18.34
N GLN C 438 5.37 -43.84 17.07
CA GLN C 438 5.60 -44.76 15.97
C GLN C 438 7.03 -45.28 16.05
N ASP C 439 7.23 -46.56 15.78
CA ASP C 439 8.56 -47.12 15.75
C ASP C 439 9.22 -46.78 14.43
N LEU C 440 10.51 -46.45 14.47
CA LEU C 440 11.23 -46.03 13.27
C LEU C 440 11.16 -47.06 12.15
N ASN C 441 11.43 -48.32 12.49
CA ASN C 441 11.41 -49.40 11.50
C ASN C 441 10.00 -49.68 11.00
N ASP C 442 9.02 -49.56 11.88
CA ASP C 442 7.62 -49.69 11.48
C ASP C 442 7.24 -48.60 10.49
N LEU C 443 7.70 -47.38 10.78
CA LEU C 443 7.49 -46.25 9.89
C LEU C 443 8.14 -46.50 8.53
N ILE C 444 9.37 -46.97 8.56
CA ILE C 444 10.14 -47.26 7.35
C ILE C 444 9.46 -48.29 6.47
N ASP C 445 9.00 -49.38 7.07
CA ASP C 445 8.30 -50.43 6.35
C ASP C 445 7.02 -49.90 5.71
N ALA C 446 6.36 -48.99 6.42
CA ALA C 446 5.13 -48.37 5.93
C ALA C 446 5.37 -47.66 4.60
N VAL C 447 6.46 -46.92 4.52
CA VAL C 447 6.81 -46.20 3.31
C VAL C 447 7.47 -47.13 2.29
N ARG C 448 8.35 -48.00 2.77
CA ARG C 448 9.05 -48.95 1.90
C ARG C 448 8.09 -49.88 1.19
N ALA C 449 6.94 -50.14 1.81
CA ALA C 449 5.93 -51.04 1.25
C ALA C 449 5.41 -50.54 -0.10
N GLU C 450 5.58 -49.24 -0.35
CA GLU C 450 5.12 -48.64 -1.60
C GLU C 450 6.16 -48.80 -2.70
N ASN C 451 7.43 -48.77 -2.32
CA ASN C 451 8.55 -48.94 -3.25
C ASN C 451 9.75 -49.52 -2.53
N PRO C 452 9.84 -50.87 -2.50
CA PRO C 452 10.90 -51.58 -1.77
C PRO C 452 12.29 -51.32 -2.33
N ASP C 453 12.38 -50.69 -3.50
CA ASP C 453 13.66 -50.34 -4.10
C ASP C 453 14.40 -49.33 -3.23
N ILE C 454 13.65 -48.61 -2.40
CA ILE C 454 14.25 -47.67 -1.47
C ILE C 454 14.70 -48.40 -0.20
N GLN C 455 16.01 -48.64 -0.10
CA GLN C 455 16.58 -49.35 1.03
C GLN C 455 16.70 -48.47 2.27
N GLN C 456 17.33 -47.31 2.11
CA GLN C 456 17.65 -46.43 3.23
C GLN C 456 17.11 -45.03 3.03
N PHE C 457 16.34 -44.54 4.00
CA PHE C 457 15.82 -43.18 3.95
C PHE C 457 16.72 -42.21 4.70
N GLU C 458 16.54 -40.91 4.44
CA GLU C 458 17.18 -39.89 5.24
C GLU C 458 16.25 -39.54 6.39
N CYS C 459 16.61 -40.02 7.59
CA CYS C 459 15.78 -39.81 8.77
C CYS C 459 16.64 -39.45 9.98
N SER C 460 17.55 -38.49 9.77
CA SER C 460 18.51 -38.09 10.80
C SER C 460 17.83 -37.52 12.04
N VAL C 461 16.68 -36.88 11.85
CA VAL C 461 15.94 -36.30 12.97
C VAL C 461 15.49 -37.37 13.96
N PHE C 462 15.34 -38.59 13.47
CA PHE C 462 14.89 -39.70 14.30
C PHE C 462 16.06 -40.47 14.92
N ASN C 463 16.93 -41.02 14.08
CA ASN C 463 18.00 -41.89 14.57
C ASN C 463 19.35 -41.19 14.69
N GLY C 464 19.49 -40.02 14.10
CA GLY C 464 20.73 -39.27 14.19
C GLY C 464 21.80 -39.76 13.22
N VAL C 465 21.40 -40.53 12.22
CA VAL C 465 22.33 -40.99 11.19
C VAL C 465 22.30 -40.05 9.99
N TYR C 466 23.46 -39.51 9.62
CA TYR C 466 23.54 -38.58 8.51
C TYR C 466 24.24 -39.22 7.32
N VAL C 467 23.50 -39.38 6.23
CA VAL C 467 23.95 -40.16 5.08
C VAL C 467 25.11 -39.53 4.33
N THR C 468 25.12 -38.21 4.26
CA THR C 468 26.24 -37.50 3.61
C THR C 468 27.50 -37.69 4.44
N LYS C 469 28.54 -38.23 3.82
CA LYS C 469 29.77 -38.57 4.53
C LYS C 469 30.50 -37.35 5.08
N ASP C 470 30.19 -36.17 4.55
CA ASP C 470 30.88 -34.96 4.98
C ASP C 470 30.58 -34.60 6.43
N VAL C 471 29.44 -35.07 6.92
CA VAL C 471 28.95 -34.69 8.24
C VAL C 471 29.72 -35.36 9.38
N ASP C 472 30.13 -36.61 9.19
CA ASP C 472 30.80 -37.35 10.26
C ASP C 472 32.22 -36.82 10.51
N GLN C 473 32.91 -36.49 9.42
CA GLN C 473 34.26 -35.92 9.52
C GLN C 473 34.23 -34.57 10.23
N GLY C 474 33.14 -33.83 10.05
CA GLY C 474 32.96 -32.56 10.72
C GLY C 474 32.94 -32.73 12.22
N TYR C 475 32.39 -33.86 12.66
CA TYR C 475 32.37 -34.20 14.07
C TYR C 475 33.78 -34.53 14.54
N LEU C 476 34.48 -35.34 13.75
CA LEU C 476 35.83 -35.78 14.05
C LEU C 476 36.77 -34.58 14.25
N ASP C 477 36.53 -33.52 13.51
CA ASP C 477 37.33 -32.30 13.63
C ASP C 477 36.82 -31.43 14.78
N PHE C 478 35.58 -31.65 15.18
CA PHE C 478 35.02 -30.98 16.34
C PHE C 478 35.65 -31.52 17.62
N LEU C 479 35.88 -32.83 17.62
CA LEU C 479 36.50 -33.50 18.75
C LEU C 479 37.94 -33.03 18.93
N ASP C 480 38.64 -32.81 17.82
CA ASP C 480 40.03 -32.35 17.85
C ASP C 480 40.16 -30.98 18.50
N THR C 481 39.08 -30.22 18.50
CA THR C 481 39.08 -28.88 19.08
C THR C 481 38.86 -28.93 20.58
N LEU C 482 38.38 -30.06 21.09
CA LEU C 482 38.06 -30.20 22.50
C LEU C 482 39.28 -30.61 23.32
N ARG C 483 40.40 -30.84 22.65
CA ARG C 483 41.62 -31.26 23.33
C ARG C 483 42.41 -30.06 23.83
N CYS D 2 -23.82 -13.96 5.91
CA CYS D 2 -23.03 -13.04 6.72
C CYS D 2 -22.95 -13.51 8.17
N GLY D 3 -22.03 -12.92 8.93
CA GLY D 3 -21.84 -13.28 10.32
C GLY D 3 -21.78 -12.06 11.22
N ILE D 4 -22.40 -12.14 12.39
CA ILE D 4 -22.44 -11.01 13.31
C ILE D 4 -21.97 -11.38 14.71
N VAL D 5 -21.42 -10.41 15.42
CA VAL D 5 -20.98 -10.61 16.79
C VAL D 5 -21.06 -9.30 17.59
N GLY D 6 -21.39 -9.42 18.87
CA GLY D 6 -21.45 -8.28 19.76
C GLY D 6 -21.04 -8.68 21.15
N ILE D 7 -20.16 -7.89 21.76
CA ILE D 7 -19.66 -8.21 23.10
C ILE D 7 -19.85 -7.05 24.05
N ALA D 8 -20.56 -7.30 25.15
CA ALA D 8 -20.71 -6.33 26.22
C ALA D 8 -19.92 -6.79 27.45
N GLY D 9 -18.70 -6.28 27.60
CA GLY D 9 -17.82 -6.73 28.66
C GLY D 9 -17.21 -5.63 29.49
N VAL D 10 -16.17 -5.97 30.24
CA VAL D 10 -15.50 -5.03 31.12
C VAL D 10 -14.03 -4.86 30.75
N MET D 11 -13.67 -5.36 29.56
CA MET D 11 -12.30 -5.27 29.06
C MET D 11 -12.32 -4.87 27.59
N PRO D 12 -11.17 -4.39 27.09
CA PRO D 12 -11.01 -4.08 25.65
C PRO D 12 -11.47 -5.26 24.78
N VAL D 13 -12.56 -5.05 24.06
CA VAL D 13 -13.17 -6.13 23.29
C VAL D 13 -12.71 -6.15 21.84
N ASN D 14 -11.80 -5.24 21.50
CA ASN D 14 -11.33 -5.11 20.12
C ASN D 14 -10.71 -6.40 19.59
N GLN D 15 -9.84 -7.00 20.38
CA GLN D 15 -9.18 -8.25 20.00
C GLN D 15 -10.16 -9.41 20.01
N SER D 16 -11.05 -9.41 21.00
CA SER D 16 -12.00 -10.50 21.18
C SER D 16 -13.04 -10.56 20.06
N ILE D 17 -13.39 -9.40 19.51
CA ILE D 17 -14.30 -9.34 18.38
C ILE D 17 -13.59 -9.75 17.10
N TYR D 18 -12.35 -9.31 16.97
CA TYR D 18 -11.50 -9.68 15.83
C TYR D 18 -11.37 -11.19 15.73
N ASP D 19 -11.08 -11.83 16.87
CA ASP D 19 -10.97 -13.28 16.94
C ASP D 19 -12.32 -13.96 16.68
N ALA D 20 -13.39 -13.30 17.11
CA ALA D 20 -14.73 -13.84 16.95
C ALA D 20 -15.13 -13.85 15.49
N LEU D 21 -14.76 -12.80 14.76
CA LEU D 21 -15.09 -12.69 13.35
C LEU D 21 -14.24 -13.63 12.50
N THR D 22 -13.04 -13.93 12.99
CA THR D 22 -12.12 -14.81 12.26
C THR D 22 -12.60 -16.26 12.28
N VAL D 23 -13.29 -16.66 13.34
CA VAL D 23 -13.87 -17.99 13.41
C VAL D 23 -15.22 -18.01 12.73
N LEU D 24 -15.68 -16.84 12.29
CA LEU D 24 -16.92 -16.71 11.55
C LEU D 24 -16.67 -16.33 10.09
N GLN D 25 -15.38 -16.24 9.74
CA GLN D 25 -14.96 -15.76 8.42
C GLN D 25 -15.59 -16.53 7.27
N HIS D 26 -15.98 -17.77 7.54
CA HIS D 26 -16.62 -18.62 6.52
C HIS D 26 -17.98 -18.04 6.12
N ARG D 27 -18.56 -17.23 6.98
CA ARG D 27 -19.88 -16.65 6.73
C ARG D 27 -19.82 -15.49 5.72
N GLY D 28 -18.63 -14.93 5.52
CA GLY D 28 -18.46 -13.83 4.60
C GLY D 28 -17.02 -13.38 4.48
N GLN D 29 -16.53 -13.28 3.24
CA GLN D 29 -15.15 -12.89 3.00
C GLN D 29 -15.05 -11.57 2.23
N ASP D 30 -16.18 -11.03 1.82
CA ASP D 30 -16.20 -9.85 0.97
C ASP D 30 -15.88 -8.57 1.73
N ALA D 31 -16.36 -8.47 2.97
CA ALA D 31 -16.13 -7.28 3.77
C ALA D 31 -16.15 -7.61 5.26
N ALA D 32 -15.64 -6.68 6.07
CA ALA D 32 -15.63 -6.83 7.52
C ALA D 32 -15.70 -5.48 8.19
N GLY D 33 -16.28 -5.44 9.38
CA GLY D 33 -16.41 -4.19 10.12
C GLY D 33 -16.50 -4.39 11.61
N ILE D 34 -15.87 -3.48 12.35
CA ILE D 34 -15.95 -3.47 13.81
C ILE D 34 -16.23 -2.07 14.30
N ILE D 35 -17.13 -1.95 15.26
CA ILE D 35 -17.44 -0.66 15.86
C ILE D 35 -17.56 -0.79 17.37
N THR D 36 -16.93 0.13 18.09
CA THR D 36 -16.91 0.08 19.55
C THR D 36 -17.31 1.42 20.16
N ILE D 37 -17.56 1.40 21.47
CA ILE D 37 -17.86 2.62 22.21
C ILE D 37 -16.77 2.88 23.24
N ASP D 38 -15.97 3.91 23.02
CA ASP D 38 -14.84 4.21 23.91
C ASP D 38 -15.30 4.84 25.22
N ALA D 39 -14.34 5.14 26.08
CA ALA D 39 -14.64 5.66 27.42
C ALA D 39 -15.34 7.00 27.38
N ASN D 40 -15.23 7.71 26.27
CA ASN D 40 -15.87 9.02 26.11
C ASN D 40 -17.22 8.90 25.44
N ASN D 41 -17.77 7.69 25.45
CA ASN D 41 -19.08 7.41 24.85
C ASN D 41 -19.17 7.86 23.39
N CYS D 42 -18.16 7.50 22.61
CA CYS D 42 -18.15 7.83 21.19
C CYS D 42 -17.79 6.60 20.35
N PHE D 43 -18.45 6.47 19.20
CA PHE D 43 -18.25 5.33 18.32
C PHE D 43 -16.87 5.36 17.66
N ARG D 44 -16.18 4.22 17.71
CA ARG D 44 -14.93 4.04 16.99
C ARG D 44 -15.17 3.00 15.90
N LEU D 45 -14.99 3.38 14.64
CA LEU D 45 -15.37 2.52 13.52
C LEU D 45 -14.24 2.21 12.55
N ARG D 46 -14.17 0.96 12.13
CA ARG D 46 -13.29 0.52 11.06
C ARG D 46 -13.97 -0.57 10.25
N LYS D 47 -14.14 -0.34 8.95
CA LYS D 47 -14.79 -1.31 8.09
C LYS D 47 -14.34 -1.11 6.64
N ALA D 48 -14.04 -2.22 5.96
CA ALA D 48 -13.59 -2.17 4.58
C ALA D 48 -13.87 -3.49 3.88
N ASN D 49 -13.54 -3.56 2.59
CA ASN D 49 -13.66 -4.79 1.84
C ASN D 49 -12.51 -5.75 2.16
N GLY D 50 -12.71 -7.03 1.87
CA GLY D 50 -11.67 -8.02 2.10
C GLY D 50 -11.88 -8.84 3.35
N LEU D 51 -10.88 -9.65 3.70
CA LEU D 51 -10.95 -10.52 4.87
C LEU D 51 -10.62 -9.75 6.15
N VAL D 52 -10.98 -10.34 7.29
CA VAL D 52 -10.74 -9.72 8.59
C VAL D 52 -9.27 -9.44 8.83
N SER D 53 -8.41 -10.34 8.36
CA SER D 53 -6.97 -10.20 8.55
C SER D 53 -6.41 -9.03 7.75
N ASP D 54 -7.06 -8.70 6.64
CA ASP D 54 -6.62 -7.59 5.80
C ASP D 54 -7.19 -6.26 6.28
N VAL D 55 -8.46 -6.27 6.66
CA VAL D 55 -9.17 -5.06 7.05
C VAL D 55 -8.64 -4.41 8.32
N PHE D 56 -8.22 -5.23 9.29
CA PHE D 56 -7.81 -4.71 10.59
C PHE D 56 -6.31 -4.84 10.82
N GLU D 57 -5.59 -3.74 10.59
CA GLU D 57 -4.16 -3.68 10.86
C GLU D 57 -3.94 -3.05 12.23
N ALA D 58 -2.70 -3.04 12.70
CA ALA D 58 -2.37 -2.62 14.05
C ALA D 58 -2.93 -1.24 14.42
N ARG D 59 -2.80 -0.28 13.50
CA ARG D 59 -3.24 1.08 13.76
C ARG D 59 -4.76 1.17 13.92
N HIS D 60 -5.48 0.31 13.21
CA HIS D 60 -6.94 0.26 13.32
C HIS D 60 -7.36 -0.27 14.68
N MET D 61 -6.69 -1.33 15.14
CA MET D 61 -6.99 -1.94 16.42
C MET D 61 -6.75 -0.99 17.58
N GLN D 62 -5.70 -0.17 17.46
CA GLN D 62 -5.38 0.83 18.47
C GLN D 62 -6.50 1.86 18.59
N ARG D 63 -7.12 2.17 17.46
CA ARG D 63 -8.23 3.12 17.43
C ARG D 63 -9.48 2.55 18.08
N LEU D 64 -9.77 1.29 17.80
CA LEU D 64 -10.99 0.65 18.26
C LEU D 64 -11.01 0.41 19.77
N GLN D 65 -10.95 1.50 20.54
CA GLN D 65 -10.99 1.42 21.99
C GLN D 65 -12.43 1.24 22.48
N GLY D 66 -12.59 0.73 23.69
CA GLY D 66 -13.91 0.56 24.27
C GLY D 66 -14.10 -0.79 24.95
N ASN D 67 -15.09 -0.85 25.84
CA ASN D 67 -15.42 -2.08 26.56
C ASN D 67 -16.68 -2.74 26.01
N MET D 68 -17.15 -2.22 24.87
CA MET D 68 -18.33 -2.77 24.21
C MET D 68 -18.31 -2.46 22.72
N GLY D 69 -18.70 -3.44 21.90
CA GLY D 69 -18.72 -3.25 20.47
C GLY D 69 -19.37 -4.41 19.73
N ILE D 70 -19.60 -4.21 18.44
CA ILE D 70 -20.18 -5.26 17.60
C ILE D 70 -19.35 -5.43 16.33
N GLY D 71 -19.43 -6.61 15.73
CA GLY D 71 -18.68 -6.90 14.53
C GLY D 71 -19.53 -7.53 13.45
N HIS D 72 -19.04 -7.50 12.22
CA HIS D 72 -19.78 -8.06 11.09
C HIS D 72 -18.85 -8.50 9.96
N VAL D 73 -19.18 -9.64 9.36
CA VAL D 73 -18.48 -10.12 8.18
C VAL D 73 -19.49 -10.37 7.07
N ARG D 74 -19.29 -9.70 5.93
CA ARG D 74 -20.30 -9.70 4.87
C ARG D 74 -20.02 -10.71 3.76
N TYR D 75 -21.08 -11.38 3.32
CA TYR D 75 -21.05 -12.22 2.13
C TYR D 75 -21.86 -11.50 1.05
N PRO D 76 -21.26 -11.29 -0.13
CA PRO D 76 -21.91 -10.50 -1.18
C PRO D 76 -23.21 -11.12 -1.67
N SER D 82 -21.22 -5.22 -4.24
CA SER D 82 -20.03 -5.78 -3.62
C SER D 82 -18.98 -4.70 -3.38
N ALA D 83 -19.07 -3.62 -4.14
CA ALA D 83 -18.20 -2.47 -3.95
C ALA D 83 -18.92 -1.40 -3.16
N SER D 84 -20.10 -1.76 -2.65
CA SER D 84 -20.92 -0.84 -1.87
C SER D 84 -20.34 -0.60 -0.48
N GLU D 85 -21.12 0.06 0.38
CA GLU D 85 -20.70 0.31 1.75
C GLU D 85 -21.02 -0.91 2.62
N ALA D 86 -20.11 -1.22 3.55
CA ALA D 86 -20.27 -2.41 4.39
C ALA D 86 -20.81 -2.06 5.77
N GLN D 87 -21.17 -3.09 6.54
CA GLN D 87 -21.64 -2.92 7.89
C GLN D 87 -20.45 -2.91 8.85
N PRO D 88 -20.66 -2.46 10.10
CA PRO D 88 -21.96 -1.99 10.60
C PRO D 88 -22.27 -0.56 10.19
N PHE D 89 -23.54 -0.20 10.17
CA PHE D 89 -23.95 1.17 9.87
C PHE D 89 -24.19 1.95 11.15
N TYR D 90 -24.23 3.28 11.03
CA TYR D 90 -24.34 4.15 12.18
C TYR D 90 -25.18 5.39 11.90
N VAL D 91 -25.95 5.82 12.89
CA VAL D 91 -26.72 7.05 12.80
C VAL D 91 -26.55 7.85 14.09
N ASN D 92 -26.28 9.14 13.95
CA ASN D 92 -25.98 9.98 15.10
C ASN D 92 -27.21 10.42 15.88
N SER D 93 -28.38 10.19 15.31
CA SER D 93 -29.62 10.58 15.97
C SER D 93 -30.75 9.60 15.66
N PRO D 94 -31.55 9.26 16.68
CA PRO D 94 -31.38 9.82 18.03
C PRO D 94 -30.36 9.06 18.85
N TYR D 95 -29.79 9.72 19.86
CA TYR D 95 -28.87 9.10 20.82
C TYR D 95 -27.55 8.67 20.21
N GLY D 96 -27.61 8.04 19.04
CA GLY D 96 -26.43 7.46 18.42
C GLY D 96 -26.54 5.95 18.44
N ILE D 97 -26.88 5.38 17.29
CA ILE D 97 -27.12 3.94 17.20
C ILE D 97 -26.29 3.30 16.08
N THR D 98 -25.93 2.03 16.28
CA THR D 98 -25.26 1.25 15.26
C THR D 98 -25.85 -0.15 15.22
N LEU D 99 -25.78 -0.80 14.07
CA LEU D 99 -26.39 -2.13 13.93
C LEU D 99 -25.73 -2.97 12.84
N ALA D 100 -25.53 -4.25 13.16
CA ALA D 100 -25.04 -5.22 12.19
C ALA D 100 -26.11 -6.30 12.00
N HIS D 101 -26.36 -6.67 10.75
CA HIS D 101 -27.52 -7.52 10.45
C HIS D 101 -27.21 -8.66 9.49
N ASN D 102 -27.66 -9.86 9.84
CA ASN D 102 -27.53 -11.04 9.00
C ASN D 102 -28.88 -11.56 8.56
N GLY D 103 -29.15 -11.46 7.25
CA GLY D 103 -30.43 -11.87 6.70
C GLY D 103 -30.87 -10.99 5.55
N ASN D 104 -32.16 -10.97 5.27
CA ASN D 104 -32.70 -10.16 4.19
C ASN D 104 -34.10 -9.64 4.49
N LEU D 105 -34.39 -8.41 4.06
CA LEU D 105 -35.71 -7.83 4.22
C LEU D 105 -36.46 -7.85 2.89
N THR D 106 -37.62 -8.50 2.87
CA THR D 106 -38.37 -8.70 1.64
C THR D 106 -39.22 -7.48 1.26
N ASN D 107 -39.36 -6.55 2.20
CA ASN D 107 -40.11 -5.32 1.93
C ASN D 107 -39.21 -4.09 2.10
N ALA D 108 -37.94 -4.23 1.75
CA ALA D 108 -36.96 -3.18 1.90
C ALA D 108 -37.34 -1.92 1.11
N HIS D 109 -37.80 -2.12 -0.12
CA HIS D 109 -38.21 -1.01 -0.97
C HIS D 109 -39.34 -0.22 -0.35
N GLU D 110 -40.32 -0.93 0.19
CA GLU D 110 -41.43 -0.29 0.90
C GLU D 110 -40.90 0.54 2.07
N LEU D 111 -40.04 -0.09 2.86
CA LEU D 111 -39.49 0.54 4.06
C LEU D 111 -38.68 1.80 3.76
N ARG D 112 -37.99 1.81 2.63
CA ARG D 112 -37.16 2.96 2.27
C ARG D 112 -38.03 4.16 1.93
N LYS D 113 -39.18 3.91 1.30
CA LYS D 113 -40.13 4.98 0.98
C LYS D 113 -40.67 5.63 2.25
N LYS D 114 -41.13 4.80 3.18
CA LYS D 114 -41.68 5.27 4.45
C LYS D 114 -40.69 6.15 5.21
N LEU D 115 -39.45 5.67 5.34
CA LEU D 115 -38.41 6.40 6.04
C LEU D 115 -38.20 7.80 5.49
N PHE D 116 -38.41 7.95 4.19
CA PHE D 116 -38.18 9.24 3.51
C PHE D 116 -39.40 10.16 3.62
N GLU D 117 -40.57 9.63 3.28
CA GLU D 117 -41.79 10.43 3.24
C GLU D 117 -42.32 10.76 4.64
N GLU D 118 -42.03 9.89 5.61
CA GLU D 118 -42.59 10.02 6.94
C GLU D 118 -41.60 10.59 7.95
N LYS D 119 -40.31 10.32 7.77
CA LYS D 119 -39.29 10.74 8.73
C LYS D 119 -38.19 11.59 8.09
N ARG D 120 -38.22 11.69 6.77
CA ARG D 120 -37.21 12.45 6.05
C ARG D 120 -35.82 11.86 6.23
N ARG D 121 -35.77 10.59 6.62
CA ARG D 121 -34.51 9.89 6.83
C ARG D 121 -33.98 9.33 5.51
N HIS D 122 -32.80 9.77 5.11
CA HIS D 122 -32.21 9.37 3.84
C HIS D 122 -31.48 8.03 3.94
N ILE D 123 -31.72 7.17 2.97
CA ILE D 123 -30.98 5.90 2.87
C ILE D 123 -29.99 5.99 1.73
N ASN D 124 -28.70 5.90 2.06
CA ASN D 124 -27.63 6.12 1.09
C ASN D 124 -27.12 4.82 0.46
N THR D 125 -27.56 3.68 1.00
CA THR D 125 -27.05 2.39 0.53
C THR D 125 -28.17 1.44 0.14
N THR D 126 -27.85 0.46 -0.71
CA THR D 126 -28.80 -0.55 -1.14
C THR D 126 -28.93 -1.66 -0.09
N SER D 127 -28.16 -1.53 0.98
CA SER D 127 -28.24 -2.47 2.09
C SER D 127 -29.47 -2.20 2.95
N ASP D 128 -30.23 -3.24 3.25
CA ASP D 128 -31.41 -3.10 4.09
C ASP D 128 -31.03 -3.16 5.57
N SER D 129 -29.73 -3.25 5.83
CA SER D 129 -29.21 -3.19 7.18
C SER D 129 -29.23 -1.73 7.64
N GLU D 130 -29.04 -0.82 6.69
CA GLU D 130 -29.16 0.61 6.96
C GLU D 130 -30.64 0.96 7.11
N ILE D 131 -31.47 0.26 6.34
CA ILE D 131 -32.92 0.40 6.45
C ILE D 131 -33.39 -0.08 7.82
N LEU D 132 -32.87 -1.23 8.23
CA LEU D 132 -33.24 -1.80 9.52
C LEU D 132 -32.72 -0.95 10.66
N LEU D 133 -31.57 -0.31 10.45
CA LEU D 133 -31.00 0.60 11.44
C LEU D 133 -31.86 1.85 11.62
N ASN D 134 -32.44 2.34 10.53
CA ASN D 134 -33.25 3.55 10.56
C ASN D 134 -34.67 3.32 11.04
N ILE D 135 -35.23 2.15 10.72
CA ILE D 135 -36.55 1.79 11.22
C ILE D 135 -36.50 1.75 12.74
N PHE D 136 -35.47 1.10 13.27
CA PHE D 136 -35.28 0.98 14.71
C PHE D 136 -35.07 2.35 15.35
N ALA D 137 -34.17 3.14 14.77
CA ALA D 137 -33.86 4.46 15.28
C ALA D 137 -35.11 5.34 15.28
N SER D 138 -35.93 5.19 14.24
CA SER D 138 -37.13 5.99 14.09
C SER D 138 -38.17 5.65 15.16
N GLU D 139 -38.15 4.41 15.63
CA GLU D 139 -39.06 3.97 16.69
C GLU D 139 -38.64 4.53 18.04
N LEU D 140 -37.33 4.49 18.30
CA LEU D 140 -36.78 5.06 19.52
C LEU D 140 -36.95 6.57 19.55
N ASP D 141 -37.32 7.13 18.41
CA ASP D 141 -37.48 8.57 18.26
C ASP D 141 -38.78 9.07 18.87
N ASN D 142 -39.73 8.16 19.05
CA ASN D 142 -41.05 8.52 19.55
C ASN D 142 -41.06 8.89 21.03
N PHE D 143 -40.04 8.44 21.77
CA PHE D 143 -39.92 8.76 23.18
C PHE D 143 -39.28 10.13 23.37
N ARG D 144 -39.57 10.78 24.49
CA ARG D 144 -39.05 12.12 24.75
C ARG D 144 -38.36 12.23 26.11
N HIS D 145 -38.09 11.09 26.73
CA HIS D 145 -37.39 11.07 28.01
C HIS D 145 -35.99 10.50 27.86
N TYR D 146 -35.20 10.59 28.93
CA TYR D 146 -33.83 10.09 28.91
C TYR D 146 -33.32 9.89 30.33
N PRO D 147 -32.64 8.76 30.57
CA PRO D 147 -32.36 7.74 29.56
C PRO D 147 -33.55 6.81 29.33
N LEU D 148 -33.45 5.96 28.30
CA LEU D 148 -34.52 5.01 28.00
C LEU D 148 -34.52 3.83 28.97
N GLU D 149 -35.68 3.23 29.16
CA GLU D 149 -35.80 2.03 29.98
C GLU D 149 -35.84 0.80 29.07
N ALA D 150 -35.62 -0.37 29.66
CA ALA D 150 -35.60 -1.61 28.91
C ALA D 150 -36.91 -1.83 28.17
N ASP D 151 -38.01 -1.43 28.79
CA ASP D 151 -39.34 -1.59 28.22
C ASP D 151 -39.51 -0.75 26.95
N ASN D 152 -38.90 0.43 26.94
CA ASN D 152 -38.98 1.32 25.79
C ASN D 152 -38.25 0.73 24.58
N ILE D 153 -37.04 0.23 24.83
CA ILE D 153 -36.23 -0.40 23.79
C ILE D 153 -36.94 -1.61 23.20
N PHE D 154 -37.56 -2.41 24.07
CA PHE D 154 -38.30 -3.58 23.66
C PHE D 154 -39.53 -3.20 22.85
N ALA D 155 -40.16 -2.09 23.22
CA ALA D 155 -41.33 -1.60 22.51
C ALA D 155 -40.99 -1.17 21.10
N ALA D 156 -39.84 -0.51 20.95
CA ALA D 156 -39.37 -0.05 19.65
C ALA D 156 -39.02 -1.23 18.75
N ILE D 157 -38.43 -2.26 19.33
CA ILE D 157 -38.08 -3.47 18.58
C ILE D 157 -39.34 -4.22 18.17
N ALA D 158 -40.35 -4.18 19.02
CA ALA D 158 -41.63 -4.82 18.73
C ALA D 158 -42.32 -4.13 17.56
N ALA D 159 -42.35 -2.80 17.61
CA ALA D 159 -42.93 -2.01 16.52
C ALA D 159 -42.14 -2.22 15.23
N THR D 160 -40.87 -2.57 15.38
CA THR D 160 -40.02 -2.83 14.22
C THR D 160 -40.41 -4.13 13.53
N ASN D 161 -40.59 -5.18 14.32
CA ASN D 161 -40.99 -6.49 13.81
C ASN D 161 -42.33 -6.44 13.07
N ARG D 162 -43.20 -5.54 13.51
CA ARG D 162 -44.50 -5.36 12.88
C ARG D 162 -44.37 -4.55 11.59
N LEU D 163 -43.17 -4.06 11.32
CA LEU D 163 -42.92 -3.23 10.14
C LEU D 163 -42.15 -3.99 9.07
N ILE D 164 -41.09 -4.69 9.46
CA ILE D 164 -40.20 -5.33 8.51
C ILE D 164 -40.54 -6.79 8.26
N ARG D 165 -40.33 -7.23 7.02
CA ARG D 165 -40.58 -8.62 6.63
C ARG D 165 -39.28 -9.33 6.28
N GLY D 166 -39.29 -10.66 6.34
CA GLY D 166 -38.14 -11.46 5.98
C GLY D 166 -37.44 -12.10 7.16
N ALA D 167 -36.17 -12.45 6.97
CA ALA D 167 -35.37 -13.06 8.02
C ALA D 167 -34.29 -12.08 8.50
N TYR D 168 -33.94 -12.16 9.77
CA TYR D 168 -32.91 -11.27 10.32
C TYR D 168 -32.46 -11.66 11.72
N ALA D 169 -31.14 -11.71 11.91
CA ALA D 169 -30.54 -11.77 13.23
C ALA D 169 -29.67 -10.53 13.39
N CYS D 170 -29.96 -9.72 14.41
CA CYS D 170 -29.29 -8.44 14.54
C CYS D 170 -28.56 -8.28 15.86
N VAL D 171 -27.66 -7.30 15.89
CA VAL D 171 -27.01 -6.86 17.12
C VAL D 171 -26.76 -5.37 16.97
N ALA D 172 -27.01 -4.60 18.03
CA ALA D 172 -26.92 -3.15 17.93
C ALA D 172 -26.39 -2.54 19.22
N MET D 173 -25.98 -1.28 19.13
CA MET D 173 -25.52 -0.53 20.29
C MET D 173 -26.16 0.85 20.34
N ILE D 174 -26.67 1.22 21.52
CA ILE D 174 -27.22 2.54 21.73
C ILE D 174 -26.36 3.28 22.74
N ILE D 175 -25.81 4.42 22.33
CA ILE D 175 -24.95 5.22 23.18
C ILE D 175 -25.62 5.54 24.51
N GLY D 176 -24.89 5.33 25.61
CA GLY D 176 -25.39 5.62 26.93
C GLY D 176 -26.51 4.70 27.39
N HIS D 177 -26.60 3.53 26.77
CA HIS D 177 -27.62 2.55 27.15
C HIS D 177 -27.05 1.14 27.22
N GLY D 178 -26.65 0.60 26.07
CA GLY D 178 -26.05 -0.72 26.04
C GLY D 178 -26.20 -1.42 24.71
N MET D 179 -26.07 -2.75 24.72
CA MET D 179 -26.16 -3.54 23.50
C MET D 179 -27.49 -4.28 23.41
N VAL D 180 -28.12 -4.23 22.25
CA VAL D 180 -29.37 -4.96 22.02
C VAL D 180 -29.20 -5.95 20.87
N ALA D 181 -29.94 -7.06 20.96
CA ALA D 181 -29.88 -8.08 19.92
C ALA D 181 -31.22 -8.79 19.83
N PHE D 182 -31.67 -9.06 18.60
CA PHE D 182 -32.96 -9.71 18.40
C PHE D 182 -32.95 -10.60 17.16
N ARG D 183 -34.03 -11.35 16.99
CA ARG D 183 -34.11 -12.38 15.96
C ARG D 183 -35.50 -12.39 15.34
N ASP D 184 -35.58 -12.63 14.04
CA ASP D 184 -36.86 -12.62 13.33
C ASP D 184 -37.83 -13.64 13.92
N PRO D 185 -39.14 -13.35 13.83
CA PRO D 185 -40.22 -14.17 14.40
C PRO D 185 -40.16 -15.64 14.00
N ASN D 186 -39.64 -15.94 12.82
CA ASN D 186 -39.60 -17.30 12.32
C ASN D 186 -38.32 -18.04 12.73
N GLY D 187 -37.44 -17.33 13.43
CA GLY D 187 -36.20 -17.93 13.92
C GLY D 187 -35.39 -18.59 12.80
N ILE D 188 -35.39 -17.98 11.63
CA ILE D 188 -34.68 -18.50 10.47
C ILE D 188 -33.17 -18.38 10.59
N ARG D 189 -32.71 -17.20 10.99
CA ARG D 189 -31.29 -16.90 11.02
C ARG D 189 -30.67 -17.12 12.41
N PRO D 190 -29.50 -17.78 12.45
CA PRO D 190 -28.82 -18.19 13.69
C PRO D 190 -28.35 -17.04 14.55
N LEU D 191 -28.46 -17.21 15.86
CA LEU D 191 -28.01 -16.22 16.83
C LEU D 191 -28.03 -16.83 18.22
N VAL D 192 -26.86 -16.89 18.86
CA VAL D 192 -26.74 -17.51 20.18
C VAL D 192 -26.25 -16.52 21.22
N LEU D 193 -26.64 -16.74 22.46
CA LEU D 193 -26.22 -15.88 23.56
C LEU D 193 -25.23 -16.60 24.47
N GLY D 194 -24.22 -15.87 24.94
CA GLY D 194 -23.21 -16.44 25.81
C GLY D 194 -22.73 -15.44 26.84
N LYS D 195 -22.13 -15.95 27.91
CA LYS D 195 -21.60 -15.10 28.98
C LYS D 195 -20.26 -15.62 29.49
N ARG D 196 -19.47 -14.73 30.09
CA ARG D 196 -18.21 -15.12 30.68
C ARG D 196 -18.01 -14.40 32.00
N ASP D 197 -17.64 -15.15 33.04
CA ASP D 197 -17.42 -14.57 34.36
C ASP D 197 -15.94 -14.27 34.58
N ILE D 198 -15.55 -13.03 34.32
CA ILE D 198 -14.18 -12.58 34.55
C ILE D 198 -13.84 -12.79 36.02
N ASP D 199 -14.63 -12.18 36.89
CA ASP D 199 -14.53 -12.38 38.32
C ASP D 199 -15.92 -12.30 38.96
N GLU D 200 -16.00 -12.55 40.25
CA GLU D 200 -17.29 -12.67 40.94
C GLU D 200 -18.17 -11.43 40.81
N ASN D 201 -17.56 -10.27 40.69
CA ASN D 201 -18.31 -9.01 40.72
C ASN D 201 -18.92 -8.62 39.37
N ARG D 202 -18.23 -8.94 38.29
CA ARG D 202 -18.65 -8.50 36.96
C ARG D 202 -18.78 -9.65 35.96
N THR D 203 -19.78 -9.54 35.08
CA THR D 203 -20.05 -10.59 34.10
C THR D 203 -20.19 -10.03 32.69
N GLU D 204 -19.45 -10.60 31.75
CA GLU D 204 -19.53 -10.17 30.36
C GLU D 204 -20.55 -10.99 29.58
N TYR D 205 -21.14 -10.37 28.56
CA TYR D 205 -22.11 -11.04 27.70
C TYR D 205 -21.75 -10.83 26.23
N MET D 206 -22.10 -11.78 25.39
CA MET D 206 -21.90 -11.63 23.95
C MET D 206 -22.92 -12.43 23.15
N VAL D 207 -23.13 -12.00 21.91
CA VAL D 207 -23.97 -12.73 20.98
C VAL D 207 -23.19 -12.96 19.69
N ALA D 208 -23.56 -14.00 18.95
CA ALA D 208 -22.89 -14.31 17.70
C ALA D 208 -23.79 -15.17 16.80
N SER D 209 -23.40 -15.33 15.55
CA SER D 209 -24.16 -16.14 14.61
C SER D 209 -24.09 -17.62 14.96
N GLU D 210 -22.89 -18.09 15.31
CA GLU D 210 -22.69 -19.49 15.68
C GLU D 210 -21.99 -19.61 17.03
N SER D 211 -22.12 -20.78 17.65
CA SER D 211 -21.60 -21.01 18.99
C SER D 211 -20.08 -21.07 19.03
N VAL D 212 -19.47 -21.35 17.89
CA VAL D 212 -18.01 -21.48 17.81
C VAL D 212 -17.32 -20.18 18.20
N ALA D 213 -18.01 -19.06 18.00
CA ALA D 213 -17.48 -17.76 18.40
C ALA D 213 -17.41 -17.65 19.92
N LEU D 214 -18.40 -18.24 20.58
CA LEU D 214 -18.43 -18.26 22.04
C LEU D 214 -17.31 -19.13 22.60
N ASP D 215 -17.13 -20.31 22.00
CA ASP D 215 -16.08 -21.24 22.42
C ASP D 215 -14.70 -20.61 22.27
N THR D 216 -14.45 -20.00 21.11
CA THR D 216 -13.17 -19.40 20.79
C THR D 216 -12.72 -18.38 21.83
N LEU D 217 -13.67 -17.60 22.34
CA LEU D 217 -13.37 -16.54 23.30
C LEU D 217 -13.40 -17.06 24.74
N GLY D 218 -14.02 -18.20 24.95
CA GLY D 218 -14.12 -18.79 26.27
C GLY D 218 -15.38 -18.37 27.00
N PHE D 219 -16.41 -18.03 26.24
CA PHE D 219 -17.70 -17.69 26.81
C PHE D 219 -18.56 -18.93 26.99
N ASP D 220 -19.23 -19.03 28.14
CA ASP D 220 -20.12 -20.15 28.41
C ASP D 220 -21.39 -20.04 27.56
N PHE D 221 -21.71 -21.10 26.84
CA PHE D 221 -22.93 -21.13 26.03
C PHE D 221 -24.17 -21.15 26.91
N LEU D 222 -24.97 -20.09 26.81
CA LEU D 222 -26.21 -20.00 27.57
C LEU D 222 -27.36 -20.68 26.82
N ARG D 223 -27.65 -20.18 25.63
CA ARG D 223 -28.73 -20.70 24.80
C ARG D 223 -28.84 -19.95 23.49
N ASP D 224 -29.68 -20.47 22.58
CA ASP D 224 -30.01 -19.75 21.36
C ASP D 224 -30.96 -18.60 21.72
N VAL D 225 -30.82 -17.48 21.03
CA VAL D 225 -31.80 -16.41 21.16
C VAL D 225 -33.11 -16.90 20.55
N ALA D 226 -34.19 -16.81 21.33
CA ALA D 226 -35.48 -17.30 20.87
C ALA D 226 -36.01 -16.49 19.69
N PRO D 227 -36.79 -17.12 18.81
CA PRO D 227 -37.41 -16.45 17.67
C PRO D 227 -38.28 -15.28 18.09
N GLY D 228 -38.02 -14.10 17.53
CA GLY D 228 -38.78 -12.91 17.87
C GLY D 228 -38.40 -12.32 19.22
N GLU D 229 -37.40 -12.92 19.86
CA GLU D 229 -36.95 -12.45 21.17
C GLU D 229 -35.94 -11.33 21.03
N ALA D 230 -35.80 -10.53 22.09
CA ALA D 230 -34.84 -9.42 22.09
C ALA D 230 -33.98 -9.45 23.35
N ILE D 231 -32.70 -9.12 23.18
CA ILE D 231 -31.77 -9.09 24.31
C ILE D 231 -31.26 -7.67 24.53
N TYR D 232 -31.08 -7.29 25.79
CA TYR D 232 -30.61 -5.95 26.13
C TYR D 232 -29.65 -5.97 27.31
N ILE D 233 -28.36 -5.84 27.02
CA ILE D 233 -27.34 -5.75 28.05
C ILE D 233 -26.97 -4.28 28.29
N THR D 234 -27.21 -3.79 29.50
CA THR D 234 -26.90 -2.41 29.83
C THR D 234 -25.40 -2.18 29.92
N GLU D 235 -25.00 -0.91 30.02
CA GLU D 235 -23.58 -0.59 30.15
C GLU D 235 -23.05 -1.04 31.51
N GLU D 236 -23.96 -1.40 32.40
CA GLU D 236 -23.59 -1.84 33.74
C GLU D 236 -23.62 -3.37 33.86
N GLY D 237 -23.86 -4.04 32.74
CA GLY D 237 -23.85 -5.49 32.70
C GLY D 237 -25.14 -6.14 33.14
N GLN D 238 -26.23 -5.39 33.10
CA GLN D 238 -27.54 -5.91 33.48
C GLN D 238 -28.27 -6.49 32.27
N LEU D 239 -28.61 -7.77 32.33
CA LEU D 239 -29.23 -8.46 31.20
C LEU D 239 -30.76 -8.40 31.22
N PHE D 240 -31.34 -7.94 30.12
CA PHE D 240 -32.80 -7.92 29.98
C PHE D 240 -33.22 -8.79 28.80
N THR D 241 -34.34 -9.50 28.97
CA THR D 241 -34.87 -10.35 27.92
C THR D 241 -36.39 -10.19 27.79
N ARG D 242 -36.88 -10.30 26.56
CA ARG D 242 -38.31 -10.15 26.31
C ARG D 242 -38.69 -10.50 24.87
N GLN D 243 -39.77 -11.25 24.71
CA GLN D 243 -40.30 -11.58 23.40
C GLN D 243 -40.94 -10.35 22.77
N CYS D 244 -40.63 -10.08 21.51
CA CYS D 244 -41.10 -8.88 20.85
C CYS D 244 -41.84 -9.18 19.54
N ALA D 245 -42.12 -10.45 19.31
CA ALA D 245 -42.95 -10.88 18.19
C ALA D 245 -44.24 -11.48 18.70
N ASP D 246 -45.28 -11.45 17.88
CA ASP D 246 -46.60 -11.93 18.30
C ASP D 246 -46.70 -13.46 18.26
N ASN D 247 -46.19 -14.07 17.18
CA ASN D 247 -46.28 -15.51 17.02
C ASN D 247 -44.94 -16.14 16.67
N PRO D 248 -44.02 -16.21 17.64
CA PRO D 248 -42.70 -16.79 17.44
C PRO D 248 -42.76 -18.27 17.06
N VAL D 249 -41.95 -18.64 16.07
CA VAL D 249 -41.84 -20.03 15.65
C VAL D 249 -40.38 -20.37 15.38
N SER D 250 -39.99 -21.62 15.62
CA SER D 250 -38.63 -22.05 15.34
C SER D 250 -38.54 -22.74 14.00
N ASN D 251 -38.25 -21.97 12.96
CA ASN D 251 -38.07 -22.51 11.61
C ASN D 251 -36.68 -22.21 11.09
N PRO D 252 -35.65 -22.68 11.79
CA PRO D 252 -34.24 -22.37 11.47
C PRO D 252 -33.89 -22.75 10.05
N CYS D 253 -32.99 -21.98 9.43
CA CYS D 253 -32.53 -22.28 8.08
C CYS D 253 -31.92 -23.67 8.02
N LEU D 254 -32.50 -24.53 7.18
CA LEU D 254 -32.04 -25.90 7.06
C LEU D 254 -30.65 -25.94 6.42
N PHE D 255 -30.35 -24.93 5.60
CA PHE D 255 -29.11 -24.94 4.84
C PHE D 255 -27.91 -24.55 5.68
N GLU D 256 -28.16 -23.91 6.81
CA GLU D 256 -27.10 -23.67 7.79
C GLU D 256 -26.49 -25.00 8.20
N TYR D 257 -27.35 -26.01 8.33
CA TYR D 257 -26.93 -27.35 8.71
C TYR D 257 -26.23 -28.07 7.56
N VAL D 258 -26.76 -27.88 6.36
CA VAL D 258 -26.23 -28.58 5.18
C VAL D 258 -24.81 -28.12 4.82
N TYR D 259 -24.54 -26.82 4.96
CA TYR D 259 -23.28 -26.29 4.46
C TYR D 259 -22.73 -25.09 5.23
N PHE D 260 -23.52 -24.01 5.32
CA PHE D 260 -23.01 -22.70 5.74
C PHE D 260 -22.38 -22.64 7.14
N ALA D 261 -22.93 -23.38 8.09
CA ALA D 261 -22.42 -23.33 9.47
C ALA D 261 -21.25 -24.30 9.66
N ARG D 262 -20.33 -23.94 10.56
CA ARG D 262 -19.24 -24.84 10.92
C ARG D 262 -19.78 -26.04 11.68
N PRO D 263 -19.13 -27.20 11.54
CA PRO D 263 -19.61 -28.44 12.14
C PRO D 263 -19.60 -28.43 13.67
N ASP D 264 -18.66 -27.70 14.26
CA ASP D 264 -18.55 -27.64 15.72
C ASP D 264 -19.51 -26.60 16.31
N SER D 265 -20.43 -26.11 15.50
CA SER D 265 -21.43 -25.16 15.95
C SER D 265 -22.73 -25.87 16.37
N PHE D 266 -23.40 -25.32 17.38
CA PHE D 266 -24.67 -25.87 17.81
C PHE D 266 -25.80 -24.86 17.56
N ILE D 267 -26.61 -25.12 16.54
CA ILE D 267 -27.72 -24.24 16.21
C ILE D 267 -29.06 -24.84 16.62
N ASP D 268 -29.74 -24.18 17.56
CA ASP D 268 -31.02 -24.64 18.07
C ASP D 268 -30.91 -26.04 18.66
N LYS D 269 -29.86 -26.25 19.46
CA LYS D 269 -29.64 -27.52 20.16
C LYS D 269 -29.25 -28.66 19.22
N ILE D 270 -28.89 -28.32 17.99
CA ILE D 270 -28.48 -29.34 17.02
C ILE D 270 -27.02 -29.18 16.65
N SER D 271 -26.24 -30.24 16.87
CA SER D 271 -24.85 -30.26 16.44
C SER D 271 -24.77 -30.44 14.93
N VAL D 272 -24.22 -29.44 14.24
CA VAL D 272 -24.11 -29.46 12.79
C VAL D 272 -23.36 -30.71 12.32
N TYR D 273 -22.38 -31.13 13.13
CA TYR D 273 -21.60 -32.33 12.82
C TYR D 273 -22.47 -33.58 12.87
N SER D 274 -23.16 -33.76 13.99
CA SER D 274 -24.05 -34.92 14.16
C SER D 274 -25.14 -34.93 13.10
N ALA D 275 -25.54 -33.75 12.65
CA ALA D 275 -26.58 -33.62 11.64
C ALA D 275 -26.06 -34.10 10.27
N ARG D 276 -24.85 -33.70 9.92
CA ARG D 276 -24.26 -34.04 8.63
C ARG D 276 -23.89 -35.51 8.54
N VAL D 277 -23.61 -36.13 9.68
CA VAL D 277 -23.38 -37.58 9.71
C VAL D 277 -24.67 -38.30 9.35
N ASN D 278 -25.77 -37.83 9.93
CA ASN D 278 -27.08 -38.40 9.69
C ASN D 278 -27.53 -38.20 8.24
N MET D 279 -27.05 -37.13 7.61
CA MET D 279 -27.31 -36.88 6.20
C MET D 279 -26.67 -37.99 5.37
N GLY D 280 -25.46 -38.38 5.75
CA GLY D 280 -24.77 -39.47 5.09
C GLY D 280 -25.44 -40.79 5.40
N THR D 281 -25.96 -40.91 6.62
CA THR D 281 -26.65 -42.12 7.04
C THR D 281 -27.89 -42.37 6.18
N LYS D 282 -28.63 -41.31 5.88
CA LYS D 282 -29.86 -41.45 5.11
C LYS D 282 -29.64 -41.43 3.61
N LEU D 283 -28.54 -40.82 3.18
CA LEU D 283 -28.19 -40.83 1.76
C LEU D 283 -27.59 -42.19 1.40
N GLY D 284 -26.76 -42.71 2.30
CA GLY D 284 -26.19 -44.03 2.11
C GLY D 284 -27.28 -45.10 2.06
N GLU D 285 -28.23 -45.01 2.98
CA GLU D 285 -29.36 -45.92 3.01
C GLU D 285 -30.19 -45.82 1.72
N LYS D 286 -30.33 -44.60 1.21
CA LYS D 286 -31.09 -44.39 -0.02
C LYS D 286 -30.36 -44.98 -1.23
N ILE D 287 -29.04 -44.85 -1.23
CA ILE D 287 -28.22 -45.40 -2.29
C ILE D 287 -28.22 -46.93 -2.23
N ALA D 288 -28.33 -47.46 -1.02
CA ALA D 288 -28.29 -48.90 -0.80
C ALA D 288 -29.47 -49.59 -1.49
N ARG D 289 -30.62 -48.93 -1.51
CA ARG D 289 -31.82 -49.51 -2.07
C ARG D 289 -32.03 -49.16 -3.55
N GLU D 290 -31.92 -47.88 -3.89
CA GLU D 290 -32.23 -47.43 -5.24
C GLU D 290 -31.10 -47.71 -6.23
N TRP D 291 -29.91 -48.00 -5.73
CA TRP D 291 -28.78 -48.36 -6.58
C TRP D 291 -28.16 -49.69 -6.16
N GLU D 292 -29.02 -50.65 -5.85
CA GLU D 292 -28.59 -51.94 -5.32
C GLU D 292 -27.79 -52.78 -6.32
N ASP D 293 -28.19 -52.72 -7.58
CA ASP D 293 -27.57 -53.56 -8.61
C ASP D 293 -26.23 -53.02 -9.09
N LEU D 294 -26.02 -51.72 -8.94
CA LEU D 294 -24.82 -51.07 -9.47
C LEU D 294 -23.56 -51.47 -8.71
N ASP D 295 -22.43 -51.46 -9.44
CA ASP D 295 -21.14 -51.80 -8.86
C ASP D 295 -20.26 -50.57 -8.72
N ILE D 296 -19.88 -50.26 -7.48
CA ILE D 296 -18.93 -49.18 -7.22
C ILE D 296 -17.78 -49.72 -6.38
N ASP D 297 -16.59 -49.17 -6.58
CA ASP D 297 -15.40 -49.70 -5.93
C ASP D 297 -14.95 -48.86 -4.75
N VAL D 298 -15.29 -47.57 -4.77
CA VAL D 298 -14.85 -46.66 -3.71
C VAL D 298 -15.70 -45.41 -3.64
N VAL D 299 -15.83 -44.86 -2.44
CA VAL D 299 -16.53 -43.60 -2.23
C VAL D 299 -15.52 -42.47 -2.01
N ILE D 300 -15.66 -41.41 -2.80
CA ILE D 300 -14.70 -40.31 -2.75
C ILE D 300 -15.38 -38.97 -2.45
N PRO D 301 -14.99 -38.35 -1.34
CA PRO D 301 -15.56 -37.05 -0.93
C PRO D 301 -14.95 -35.87 -1.69
N ILE D 302 -15.75 -34.85 -1.93
CA ILE D 302 -15.24 -33.59 -2.48
C ILE D 302 -15.12 -32.58 -1.35
N PRO D 303 -13.88 -32.33 -0.88
CA PRO D 303 -13.57 -31.56 0.33
C PRO D 303 -14.23 -30.19 0.36
N GLU D 304 -14.62 -29.73 1.54
CA GLU D 304 -14.35 -30.49 2.76
C GLU D 304 -15.61 -30.79 3.58
N THR D 305 -16.75 -30.27 3.14
CA THR D 305 -18.01 -30.50 3.86
C THR D 305 -18.44 -31.96 3.81
N SER D 306 -18.21 -32.61 2.67
CA SER D 306 -18.71 -33.97 2.45
C SER D 306 -17.75 -35.04 2.97
N CYS D 307 -16.64 -34.62 3.57
CA CYS D 307 -15.62 -35.55 4.04
C CYS D 307 -16.16 -36.51 5.09
N ASP D 308 -16.94 -36.00 6.03
CA ASP D 308 -17.53 -36.84 7.07
C ASP D 308 -18.85 -37.45 6.61
N ILE D 309 -19.51 -36.79 5.66
CA ILE D 309 -20.74 -37.30 5.07
C ILE D 309 -20.45 -38.55 4.25
N ALA D 310 -19.47 -38.44 3.36
CA ALA D 310 -19.07 -39.55 2.50
C ALA D 310 -18.53 -40.72 3.32
N LEU D 311 -17.89 -40.40 4.43
CA LEU D 311 -17.37 -41.42 5.34
C LEU D 311 -18.52 -42.28 5.87
N GLU D 312 -19.64 -41.62 6.18
CA GLU D 312 -20.83 -42.32 6.65
C GLU D 312 -21.47 -43.13 5.53
N ILE D 313 -21.54 -42.53 4.35
CA ILE D 313 -22.09 -43.21 3.18
C ILE D 313 -21.28 -44.47 2.87
N ALA D 314 -19.97 -44.37 3.04
CA ALA D 314 -19.08 -45.51 2.84
C ALA D 314 -19.37 -46.62 3.83
N ARG D 315 -19.63 -46.23 5.08
CA ARG D 315 -19.93 -47.20 6.13
C ARG D 315 -21.19 -47.98 5.80
N ILE D 316 -22.27 -47.25 5.50
CA ILE D 316 -23.56 -47.84 5.19
C ILE D 316 -23.50 -48.77 3.98
N LEU D 317 -22.62 -48.46 3.03
CA LEU D 317 -22.51 -49.27 1.82
C LEU D 317 -21.55 -50.43 1.99
N GLY D 318 -20.75 -50.38 3.06
CA GLY D 318 -19.76 -51.41 3.31
C GLY D 318 -18.65 -51.37 2.28
N LYS D 319 -18.42 -50.19 1.72
CA LYS D 319 -17.38 -49.97 0.73
C LYS D 319 -16.26 -49.11 1.31
N PRO D 320 -15.08 -49.13 0.67
CA PRO D 320 -13.92 -48.37 1.15
C PRO D 320 -14.04 -46.87 0.93
N TYR D 321 -13.51 -46.10 1.86
CA TYR D 321 -13.49 -44.64 1.78
C TYR D 321 -12.07 -44.14 1.57
N ARG D 322 -11.82 -43.54 0.42
CA ARG D 322 -10.47 -43.10 0.07
C ARG D 322 -10.45 -41.64 -0.39
N GLN D 323 -9.42 -40.92 0.06
CA GLN D 323 -9.23 -39.53 -0.35
C GLN D 323 -8.78 -39.44 -1.81
N GLY D 324 -9.74 -39.17 -2.69
CA GLY D 324 -9.45 -39.09 -4.11
C GLY D 324 -9.17 -37.67 -4.57
N PHE D 325 -9.82 -36.70 -3.92
CA PHE D 325 -9.60 -35.30 -4.24
C PHE D 325 -8.93 -34.56 -3.09
N VAL D 326 -8.01 -33.66 -3.42
CA VAL D 326 -7.34 -32.83 -2.43
C VAL D 326 -7.55 -31.36 -2.74
N LYS D 327 -8.09 -30.62 -1.77
CA LYS D 327 -8.37 -29.21 -1.96
C LYS D 327 -7.16 -28.36 -1.60
N ASN D 328 -6.70 -27.57 -2.56
CA ASN D 328 -5.58 -26.67 -2.33
C ASN D 328 -5.92 -25.64 -1.25
N ARG D 329 -5.20 -25.69 -0.14
CA ARG D 329 -5.47 -24.81 0.99
C ARG D 329 -5.30 -23.34 0.61
N TYR D 330 -4.44 -23.08 -0.37
CA TYR D 330 -4.23 -21.72 -0.88
C TYR D 330 -4.74 -21.62 -2.31
N VAL D 331 -5.51 -20.57 -2.59
CA VAL D 331 -5.99 -20.31 -3.95
C VAL D 331 -5.67 -18.89 -4.36
N GLY D 332 -5.10 -18.74 -5.55
CA GLY D 332 -4.67 -17.44 -6.04
C GLY D 332 -5.63 -16.82 -7.03
N ARG D 333 -5.12 -15.88 -7.82
CA ARG D 333 -5.93 -15.13 -8.76
C ARG D 333 -5.78 -15.66 -10.18
N THR D 334 -6.60 -15.13 -11.09
CA THR D 334 -6.45 -15.39 -12.51
C THR D 334 -6.41 -14.05 -13.25
N PHE D 335 -5.20 -13.53 -13.42
CA PHE D 335 -4.99 -12.21 -13.99
C PHE D 335 -5.47 -12.15 -15.45
N ILE D 336 -6.16 -11.08 -15.80
CA ILE D 336 -6.77 -10.95 -17.12
C ILE D 336 -5.75 -10.62 -18.20
N MET D 337 -4.47 -10.60 -17.83
CA MET D 337 -3.40 -10.30 -18.77
C MET D 337 -3.34 -11.33 -19.90
N SER D 346 -10.92 -24.88 -14.36
CA SER D 346 -10.96 -23.73 -13.46
C SER D 346 -11.19 -24.17 -12.02
N VAL D 347 -11.78 -25.35 -11.86
CA VAL D 347 -11.92 -25.95 -10.53
C VAL D 347 -10.67 -26.73 -10.21
N ARG D 348 -9.78 -26.82 -11.19
CA ARG D 348 -8.52 -27.54 -11.07
C ARG D 348 -7.50 -26.73 -10.26
N ARG D 349 -7.79 -25.45 -10.06
CA ARG D 349 -6.92 -24.58 -9.29
C ARG D 349 -7.37 -24.56 -7.83
N LYS D 350 -8.33 -25.43 -7.52
CA LYS D 350 -8.86 -25.54 -6.16
C LYS D 350 -8.81 -26.99 -5.71
N LEU D 351 -9.05 -27.90 -6.66
CA LEU D 351 -9.01 -29.33 -6.40
C LEU D 351 -7.95 -30.02 -7.26
N ASN D 352 -7.49 -31.19 -6.81
CA ASN D 352 -6.56 -32.00 -7.59
C ASN D 352 -6.79 -33.48 -7.36
N ALA D 353 -6.84 -34.25 -8.44
CA ALA D 353 -7.15 -35.67 -8.36
C ALA D 353 -5.93 -36.51 -8.03
N ASN D 354 -6.08 -37.37 -7.03
CA ASN D 354 -5.07 -38.39 -6.75
C ASN D 354 -5.24 -39.52 -7.77
N ARG D 355 -4.45 -39.46 -8.84
CA ARG D 355 -4.59 -40.35 -9.98
C ARG D 355 -4.79 -41.82 -9.63
N ALA D 356 -4.05 -42.29 -8.63
CA ALA D 356 -4.09 -43.70 -8.25
C ALA D 356 -5.47 -44.14 -7.79
N GLU D 357 -6.22 -43.24 -7.17
CA GLU D 357 -7.50 -43.59 -6.56
C GLU D 357 -8.63 -43.74 -7.58
N PHE D 358 -8.41 -43.28 -8.80
CA PHE D 358 -9.45 -43.31 -9.83
C PHE D 358 -9.20 -44.38 -10.90
N ARG D 359 -7.93 -44.75 -11.06
CA ARG D 359 -7.53 -45.68 -12.13
C ARG D 359 -8.29 -47.00 -12.12
N ASP D 360 -9.02 -47.25 -13.20
CA ASP D 360 -9.74 -48.50 -13.40
C ASP D 360 -10.72 -48.78 -12.27
N LYS D 361 -11.58 -47.80 -11.98
CA LYS D 361 -12.53 -47.94 -10.88
C LYS D 361 -13.87 -47.25 -11.16
N ASN D 362 -14.93 -47.82 -10.59
CA ASN D 362 -16.23 -47.15 -10.55
C ASN D 362 -16.34 -46.35 -9.26
N VAL D 363 -16.27 -45.03 -9.38
CA VAL D 363 -16.19 -44.16 -8.21
C VAL D 363 -17.52 -43.51 -7.88
N LEU D 364 -17.79 -43.34 -6.59
CA LEU D 364 -18.94 -42.59 -6.13
C LEU D 364 -18.51 -41.28 -5.49
N LEU D 365 -18.79 -40.18 -6.18
CA LEU D 365 -18.43 -38.86 -5.68
C LEU D 365 -19.54 -38.31 -4.78
N VAL D 366 -19.17 -37.80 -3.62
CA VAL D 366 -20.13 -37.20 -2.72
C VAL D 366 -19.86 -35.71 -2.56
N ASP D 367 -20.77 -34.89 -3.08
CA ASP D 367 -20.66 -33.44 -2.94
C ASP D 367 -21.80 -32.94 -2.06
N ASP D 368 -21.64 -31.73 -1.53
CA ASP D 368 -22.59 -31.19 -0.58
C ASP D 368 -23.85 -30.64 -1.26
N SER D 369 -23.74 -30.29 -2.54
CA SER D 369 -24.88 -29.71 -3.27
C SER D 369 -24.64 -29.55 -4.77
N ILE D 370 -25.70 -29.17 -5.47
CA ILE D 370 -25.63 -28.84 -6.89
C ILE D 370 -26.51 -27.62 -7.16
N VAL D 371 -25.88 -26.50 -7.51
CA VAL D 371 -26.60 -25.27 -7.79
C VAL D 371 -26.59 -24.96 -9.28
N ARG D 372 -25.47 -24.47 -9.79
CA ARG D 372 -25.33 -24.18 -11.22
C ARG D 372 -25.06 -25.46 -12.00
N GLY D 373 -24.24 -26.33 -11.43
CA GLY D 373 -23.90 -27.59 -12.06
C GLY D 373 -22.57 -27.55 -12.78
N THR D 374 -21.94 -26.38 -12.78
CA THR D 374 -20.65 -26.21 -13.42
C THR D 374 -19.55 -27.02 -12.73
N THR D 375 -19.44 -26.86 -11.41
CA THR D 375 -18.42 -27.54 -10.63
C THR D 375 -18.52 -29.05 -10.77
N SER D 376 -19.76 -29.56 -10.73
CA SER D 376 -20.01 -30.99 -10.83
C SER D 376 -19.48 -31.58 -12.13
N GLU D 377 -19.73 -30.87 -13.23
CA GLU D 377 -19.32 -31.33 -14.56
C GLU D 377 -17.80 -31.48 -14.63
N GLN D 378 -17.09 -30.46 -14.16
CA GLN D 378 -15.63 -30.44 -14.22
C GLN D 378 -15.01 -31.49 -13.31
N ILE D 379 -15.59 -31.67 -12.14
CA ILE D 379 -15.09 -32.65 -11.17
C ILE D 379 -15.25 -34.07 -11.70
N ILE D 380 -16.37 -34.34 -12.38
CA ILE D 380 -16.58 -35.64 -12.98
C ILE D 380 -15.57 -35.88 -14.09
N GLU D 381 -15.29 -34.83 -14.87
CA GLU D 381 -14.37 -34.92 -15.98
C GLU D 381 -12.95 -35.15 -15.49
N MET D 382 -12.63 -34.59 -14.34
CA MET D 382 -11.33 -34.82 -13.72
C MET D 382 -11.15 -36.28 -13.34
N ALA D 383 -12.22 -36.87 -12.83
CA ALA D 383 -12.21 -38.29 -12.46
C ALA D 383 -12.01 -39.15 -13.70
N ARG D 384 -12.59 -38.71 -14.81
CA ARG D 384 -12.45 -39.43 -16.08
C ARG D 384 -11.01 -39.37 -16.57
N GLU D 385 -10.43 -38.17 -16.52
CA GLU D 385 -9.03 -37.99 -16.89
C GLU D 385 -8.13 -38.77 -15.95
N ALA D 386 -8.60 -38.99 -14.73
CA ALA D 386 -7.84 -39.74 -13.74
C ALA D 386 -7.97 -41.24 -13.95
N GLY D 387 -8.68 -41.63 -15.00
CA GLY D 387 -8.81 -43.03 -15.38
C GLY D 387 -9.95 -43.77 -14.71
N ALA D 388 -11.09 -43.10 -14.56
CA ALA D 388 -12.26 -43.72 -13.94
C ALA D 388 -13.20 -44.29 -15.00
N LYS D 389 -13.62 -45.54 -14.81
CA LYS D 389 -14.55 -46.18 -15.72
C LYS D 389 -15.92 -45.51 -15.67
N LYS D 390 -16.52 -45.49 -14.48
CA LYS D 390 -17.81 -44.83 -14.29
C LYS D 390 -17.79 -43.93 -13.06
N VAL D 391 -18.45 -42.78 -13.18
CA VAL D 391 -18.51 -41.82 -12.08
C VAL D 391 -19.95 -41.57 -11.66
N TYR D 392 -20.26 -41.85 -10.39
CA TYR D 392 -21.57 -41.58 -9.84
C TYR D 392 -21.51 -40.43 -8.84
N LEU D 393 -22.46 -39.50 -8.93
CA LEU D 393 -22.47 -38.35 -8.05
C LEU D 393 -23.66 -38.39 -7.09
N ALA D 394 -23.37 -38.20 -5.81
CA ALA D 394 -24.41 -38.17 -4.78
C ALA D 394 -24.40 -36.82 -4.06
N SER D 395 -25.51 -36.09 -4.16
CA SER D 395 -25.62 -34.78 -3.53
C SER D 395 -26.17 -34.92 -2.11
N ALA D 396 -25.46 -34.33 -1.14
CA ALA D 396 -25.88 -34.39 0.25
C ALA D 396 -27.11 -33.55 0.51
N ALA D 397 -27.52 -32.78 -0.49
CA ALA D 397 -28.71 -31.95 -0.39
C ALA D 397 -29.64 -32.18 -1.57
N PRO D 398 -30.95 -31.99 -1.35
CA PRO D 398 -31.96 -32.13 -2.41
C PRO D 398 -31.72 -31.17 -3.56
N GLU D 399 -32.48 -31.31 -4.65
CA GLU D 399 -32.37 -30.39 -5.78
C GLU D 399 -32.62 -28.97 -5.31
N ILE D 400 -31.89 -28.02 -5.88
CA ILE D 400 -32.06 -26.61 -5.56
C ILE D 400 -32.77 -25.91 -6.70
N ARG D 401 -34.03 -25.53 -6.47
CA ARG D 401 -34.89 -25.05 -7.55
C ARG D 401 -35.40 -23.62 -7.35
N PHE D 402 -35.35 -23.14 -6.11
CA PHE D 402 -35.92 -21.83 -5.81
C PHE D 402 -34.95 -20.94 -5.04
N PRO D 403 -34.97 -19.63 -5.32
CA PRO D 403 -34.06 -18.65 -4.73
C PRO D 403 -34.35 -18.39 -3.25
N ASN D 404 -33.30 -18.10 -2.48
CA ASN D 404 -33.45 -17.79 -1.07
C ASN D 404 -33.47 -16.28 -0.83
N VAL D 405 -34.49 -15.81 -0.11
CA VAL D 405 -34.65 -14.39 0.15
C VAL D 405 -34.46 -14.06 1.63
N TYR D 406 -33.73 -14.92 2.34
CA TYR D 406 -33.59 -14.76 3.79
C TYR D 406 -32.13 -14.61 4.23
N GLY D 407 -31.27 -14.15 3.33
CA GLY D 407 -29.88 -13.90 3.68
C GLY D 407 -28.90 -14.90 3.10
N ILE D 408 -29.28 -15.53 1.99
CA ILE D 408 -28.39 -16.44 1.30
C ILE D 408 -28.29 -16.07 -0.18
N ASP D 409 -27.16 -15.52 -0.58
CA ASP D 409 -26.96 -15.08 -1.96
C ASP D 409 -26.76 -16.27 -2.89
N MET D 410 -27.59 -16.34 -3.92
CA MET D 410 -27.49 -17.40 -4.93
C MET D 410 -27.91 -16.87 -6.30
N PRO D 411 -27.52 -17.58 -7.36
CA PRO D 411 -27.86 -17.20 -8.75
C PRO D 411 -29.37 -17.09 -8.97
N SER D 412 -29.76 -16.47 -10.08
CA SER D 412 -31.17 -16.36 -10.43
C SER D 412 -31.79 -17.76 -10.60
N ALA D 413 -33.11 -17.82 -10.57
CA ALA D 413 -33.82 -19.09 -10.67
C ALA D 413 -33.53 -19.80 -11.99
N THR D 414 -33.07 -19.04 -12.98
CA THR D 414 -32.77 -19.59 -14.30
C THR D 414 -31.39 -20.23 -14.36
N GLU D 415 -30.46 -19.73 -13.54
CA GLU D 415 -29.11 -20.26 -13.52
C GLU D 415 -29.02 -21.56 -12.72
N LEU D 416 -30.11 -21.88 -12.01
CA LEU D 416 -30.19 -23.13 -11.27
C LEU D 416 -30.47 -24.29 -12.23
N ILE D 417 -29.50 -25.19 -12.33
CA ILE D 417 -29.59 -26.30 -13.28
C ILE D 417 -30.77 -27.23 -12.99
N ALA D 418 -31.12 -27.34 -11.71
CA ALA D 418 -32.19 -28.25 -11.31
C ALA D 418 -33.57 -27.61 -11.48
N HIS D 419 -33.59 -26.39 -12.02
CA HIS D 419 -34.85 -25.65 -12.19
C HIS D 419 -35.53 -25.99 -13.50
N GLY D 420 -36.72 -26.59 -13.41
CA GLY D 420 -37.47 -26.96 -14.59
C GLY D 420 -36.91 -28.21 -15.25
N ARG D 421 -36.08 -28.92 -14.52
CA ARG D 421 -35.47 -30.16 -15.00
C ARG D 421 -35.69 -31.29 -14.01
N GLU D 422 -35.42 -32.51 -14.46
CA GLU D 422 -35.51 -33.68 -13.59
C GLU D 422 -34.14 -34.35 -13.49
N VAL D 423 -33.96 -35.14 -12.43
CA VAL D 423 -32.67 -35.73 -12.07
C VAL D 423 -31.84 -36.26 -13.24
N ASP D 424 -32.49 -37.01 -14.13
CA ASP D 424 -31.77 -37.64 -15.23
C ASP D 424 -31.35 -36.61 -16.28
N GLU D 425 -32.17 -35.58 -16.46
CA GLU D 425 -31.83 -34.48 -17.36
C GLU D 425 -30.58 -33.76 -16.87
N ILE D 426 -30.49 -33.62 -15.55
CA ILE D 426 -29.33 -33.01 -14.92
C ILE D 426 -28.09 -33.88 -15.07
N ARG D 427 -28.30 -35.20 -14.95
CA ARG D 427 -27.21 -36.17 -15.03
C ARG D 427 -26.49 -36.11 -16.37
N GLN D 428 -27.25 -36.02 -17.45
CA GLN D 428 -26.68 -35.99 -18.80
C GLN D 428 -25.83 -34.75 -19.02
N ILE D 429 -26.30 -33.61 -18.51
CA ILE D 429 -25.60 -32.34 -18.72
C ILE D 429 -24.27 -32.29 -17.97
N ILE D 430 -24.29 -32.71 -16.71
CA ILE D 430 -23.07 -32.73 -15.90
C ILE D 430 -22.19 -33.93 -16.26
N GLY D 431 -22.72 -34.81 -17.10
CA GLY D 431 -21.95 -35.91 -17.67
C GLY D 431 -21.63 -37.05 -16.71
N ALA D 432 -22.56 -37.37 -15.83
CA ALA D 432 -22.37 -38.48 -14.90
C ALA D 432 -23.12 -39.71 -15.37
N ASP D 433 -22.65 -40.89 -14.99
CA ASP D 433 -23.32 -42.14 -15.33
C ASP D 433 -24.47 -42.42 -14.38
N GLY D 434 -24.42 -41.78 -13.22
CA GLY D 434 -25.46 -41.93 -12.22
C GLY D 434 -25.53 -40.72 -11.31
N LEU D 435 -26.75 -40.29 -10.98
CA LEU D 435 -26.94 -39.12 -10.14
C LEU D 435 -28.10 -39.33 -9.18
N ILE D 436 -27.90 -38.95 -7.93
CA ILE D 436 -28.94 -39.12 -6.91
C ILE D 436 -28.89 -38.00 -5.88
N PHE D 437 -30.07 -37.50 -5.51
CA PHE D 437 -30.18 -36.46 -4.50
C PHE D 437 -30.80 -37.03 -3.22
N GLN D 438 -30.47 -36.41 -2.09
CA GLN D 438 -31.10 -36.78 -0.83
C GLN D 438 -32.51 -36.22 -0.80
N ASP D 439 -33.45 -36.99 -0.25
CA ASP D 439 -34.83 -36.53 -0.15
C ASP D 439 -34.96 -35.46 0.93
N LEU D 440 -35.78 -34.46 0.64
CA LEU D 440 -35.99 -33.35 1.58
C LEU D 440 -36.50 -33.83 2.93
N ASN D 441 -37.29 -34.90 2.90
CA ASN D 441 -37.83 -35.48 4.13
C ASN D 441 -36.77 -36.31 4.88
N ASP D 442 -35.85 -36.91 4.14
CA ASP D 442 -34.72 -37.59 4.74
C ASP D 442 -33.82 -36.58 5.46
N LEU D 443 -33.63 -35.44 4.80
CA LEU D 443 -32.81 -34.36 5.35
C LEU D 443 -33.40 -33.82 6.65
N ILE D 444 -34.69 -33.53 6.63
CA ILE D 444 -35.40 -33.00 7.80
C ILE D 444 -35.29 -33.96 8.98
N ASP D 445 -35.54 -35.25 8.72
CA ASP D 445 -35.43 -36.28 9.75
C ASP D 445 -34.00 -36.38 10.28
N ALA D 446 -33.04 -36.29 9.36
CA ALA D 446 -31.63 -36.35 9.72
C ALA D 446 -31.26 -35.22 10.67
N VAL D 447 -31.89 -34.07 10.50
CA VAL D 447 -31.63 -32.91 11.35
C VAL D 447 -32.51 -32.92 12.60
N ARG D 448 -33.79 -33.26 12.41
CA ARG D 448 -34.74 -33.31 13.51
C ARG D 448 -34.36 -34.33 14.57
N ALA D 449 -33.59 -35.33 14.17
CA ALA D 449 -33.18 -36.41 15.07
C ALA D 449 -32.24 -35.91 16.16
N GLU D 450 -31.80 -34.66 16.05
CA GLU D 450 -30.92 -34.06 17.05
C GLU D 450 -31.70 -33.13 17.96
N ASN D 451 -32.91 -32.77 17.54
CA ASN D 451 -33.80 -31.93 18.34
C ASN D 451 -35.22 -31.97 17.78
N PRO D 452 -35.99 -33.00 18.17
CA PRO D 452 -37.35 -33.25 17.69
C PRO D 452 -38.32 -32.09 17.97
N ASP D 453 -37.93 -31.17 18.83
CA ASP D 453 -38.77 -30.01 19.16
C ASP D 453 -39.05 -29.19 17.92
N ILE D 454 -38.02 -28.98 17.10
CA ILE D 454 -38.18 -28.29 15.83
C ILE D 454 -38.98 -29.16 14.87
N GLN D 455 -40.18 -28.69 14.50
CA GLN D 455 -41.07 -29.48 13.65
C GLN D 455 -41.06 -29.00 12.20
N GLN D 456 -40.48 -27.83 11.97
CA GLN D 456 -40.46 -27.27 10.62
C GLN D 456 -39.20 -26.45 10.38
N PHE D 457 -38.78 -26.37 9.12
CA PHE D 457 -37.55 -25.67 8.76
C PHE D 457 -37.74 -24.68 7.62
N GLU D 458 -36.76 -23.80 7.45
CA GLU D 458 -36.70 -22.93 6.29
C GLU D 458 -35.97 -23.63 5.16
N CYS D 459 -36.72 -24.10 4.17
CA CYS D 459 -36.16 -24.81 3.04
C CYS D 459 -36.83 -24.37 1.74
N SER D 460 -36.99 -23.06 1.58
CA SER D 460 -37.63 -22.50 0.40
C SER D 460 -36.83 -22.80 -0.86
N VAL D 461 -35.53 -23.05 -0.70
CA VAL D 461 -34.66 -23.37 -1.83
C VAL D 461 -34.94 -24.77 -2.35
N PHE D 462 -35.65 -25.57 -1.55
CA PHE D 462 -35.96 -26.94 -1.94
C PHE D 462 -37.42 -27.10 -2.40
N ASN D 463 -38.35 -26.66 -1.56
CA ASN D 463 -39.77 -26.88 -1.83
C ASN D 463 -40.50 -25.64 -2.34
N GLY D 464 -39.89 -24.47 -2.20
CA GLY D 464 -40.50 -23.24 -2.64
C GLY D 464 -41.55 -22.73 -1.66
N VAL D 465 -41.54 -23.29 -0.45
CA VAL D 465 -42.46 -22.85 0.60
C VAL D 465 -41.84 -21.77 1.46
N TYR D 466 -42.36 -20.55 1.35
CA TYR D 466 -41.83 -19.43 2.12
C TYR D 466 -42.60 -19.23 3.41
N VAL D 467 -41.91 -19.39 4.53
CA VAL D 467 -42.52 -19.38 5.86
C VAL D 467 -43.22 -18.05 6.18
N THR D 468 -42.61 -16.95 5.75
CA THR D 468 -43.18 -15.63 5.99
C THR D 468 -44.49 -15.46 5.21
N LYS D 469 -44.65 -16.27 4.16
CA LYS D 469 -45.86 -16.26 3.35
C LYS D 469 -46.02 -14.96 2.55
N ASP D 470 -45.17 -13.98 2.85
CA ASP D 470 -45.28 -12.66 2.26
C ASP D 470 -44.45 -12.52 0.99
N VAL D 471 -43.98 -13.65 0.48
CA VAL D 471 -43.17 -13.66 -0.74
C VAL D 471 -44.01 -14.00 -1.96
N ASP D 472 -44.44 -12.97 -2.69
CA ASP D 472 -45.25 -13.16 -3.88
C ASP D 472 -44.41 -13.06 -5.15
N GLN D 473 -44.99 -13.47 -6.27
CA GLN D 473 -44.35 -13.28 -7.56
C GLN D 473 -44.19 -11.79 -7.84
N GLY D 474 -43.29 -11.45 -8.75
CA GLY D 474 -42.99 -10.06 -9.02
C GLY D 474 -41.77 -9.64 -8.22
N TYR D 475 -41.86 -9.77 -6.90
CA TYR D 475 -40.70 -9.54 -6.04
C TYR D 475 -39.62 -10.56 -6.34
N LEU D 476 -40.04 -11.81 -6.45
CA LEU D 476 -39.16 -12.91 -6.87
C LEU D 476 -38.55 -12.59 -8.21
N ASP D 477 -39.33 -11.92 -9.06
CA ASP D 477 -38.89 -11.55 -10.40
C ASP D 477 -38.26 -10.17 -10.40
N PHE D 478 -38.52 -9.39 -9.35
CA PHE D 478 -37.89 -8.09 -9.19
C PHE D 478 -36.46 -8.27 -8.71
N LEU D 479 -36.24 -9.26 -7.85
CA LEU D 479 -34.93 -9.52 -7.26
C LEU D 479 -33.84 -9.75 -8.31
N ASP D 480 -34.22 -10.29 -9.46
CA ASP D 480 -33.25 -10.61 -10.50
C ASP D 480 -32.55 -9.37 -11.03
N THR D 481 -33.05 -8.19 -10.67
CA THR D 481 -32.43 -6.93 -11.09
C THR D 481 -31.02 -6.81 -10.55
#